data_6QOZ
#
_entry.id   6QOZ
#
_cell.length_a   1.000
_cell.length_b   1.000
_cell.length_c   1.000
_cell.angle_alpha   90.00
_cell.angle_beta   90.00
_cell.angle_gamma   90.00
#
_symmetry.space_group_name_H-M   'P 1'
#
loop_
_entity.id
_entity.type
_entity.pdbx_description
1 polymer 'RNA2 polyprotein'
2 polymer 'Cowpea mosaic virus large subunit'
3 polymer 'Affimer binding protein'
#
loop_
_entity_poly.entity_id
_entity_poly.type
_entity_poly.pdbx_seq_one_letter_code
_entity_poly.pdbx_strand_id
1 'polypeptide(L)'
;GPVCAEASDVYSPCMIASTPPAPFSDVTAVTFDLINGKITPVGDDNWNTHIYNPPIMNVLRTAAWKSGTIHVQLNVRGAG
VKRADWDGQVFVYLRQSMNPESYDARTFVISQPGSAMLNFSFDIIGPNSGFEFAESPWANQTTWYLECVATNPRQIQQFE
VNMRFDPNFRVAGNILMPPFPLSTETPPL
;
A,D,F,H
2 'polypeptide(L)'
;MEQNLFALSLDDTSSVRGSLLDTKFAQTRVLLSKAMAGGDVLLDEYLYDVVNGQDFRATVAFLRTHVITGKIKVTATTNI
SDNSGCCLMLAINSGVRGKYSTDVYTICSQDSMTWNPGCKKNFSFTFNPNPCGDSWSAEMISRSRVRMTVICVSGWTLSP
TTDVIAKLDWSIVNEKCEPTIYHLADCQNWLPLNRWMGKLTFPQGVTSEVRRMPLSIGGGAGATQAFLANMPNSWISMWR
YFRGELHFEVTKMSSPYIKATVTFLIAFGNLSDAFGFYESFPHRIVQFAEVEEKCTLVFSQQEFVTAWSTQVNPRTTLEA
DGCPYLYAIIHDSTTGTISGDFNLGVKLVGIKDFCGIGSNPGIDGSRLL
;
B,E,G,I
3 'polypeptide(L)' ENSLEIEELARFAVDEHNKKENALLEFVRVVKAKEQVVAGTMYYLTLEAKDGGKKKLYEAKVWVKPWENFKELQEFKPV C
#
# COMPACT_ATOMS: atom_id res chain seq x y z
N GLY A 1 -49.80 21.03 -44.15
CA GLY A 1 -49.99 22.26 -45.04
C GLY A 1 -51.39 22.35 -45.67
N PRO A 2 -51.66 23.42 -46.45
CA PRO A 2 -50.76 24.48 -46.97
C PRO A 2 -50.24 25.56 -45.96
N VAL A 3 -51.07 25.92 -44.98
CA VAL A 3 -50.67 26.80 -43.87
C VAL A 3 -49.71 26.02 -42.95
N CYS A 4 -48.54 26.62 -42.67
CA CYS A 4 -47.50 25.98 -41.82
C CYS A 4 -47.75 26.07 -40.30
N ALA A 5 -46.98 25.30 -39.54
CA ALA A 5 -46.90 25.49 -38.08
C ALA A 5 -46.12 26.79 -37.80
N GLU A 6 -45.14 26.82 -36.94
CA GLU A 6 -44.44 28.06 -36.70
C GLU A 6 -43.12 27.62 -36.16
N ALA A 7 -42.08 27.78 -36.95
CA ALA A 7 -40.72 27.63 -36.47
C ALA A 7 -40.38 28.86 -35.60
N SER A 8 -39.49 28.73 -34.62
CA SER A 8 -39.27 29.83 -33.65
C SER A 8 -37.83 30.13 -33.23
N ASP A 9 -36.96 29.15 -33.20
CA ASP A 9 -35.81 29.19 -32.31
C ASP A 9 -34.57 29.46 -33.11
N VAL A 10 -33.45 29.69 -32.43
CA VAL A 10 -32.16 29.87 -33.12
C VAL A 10 -31.42 28.54 -33.31
N TYR A 11 -31.36 28.02 -34.53
CA TYR A 11 -30.63 26.79 -34.86
C TYR A 11 -29.40 27.23 -35.64
N SER A 12 -28.22 26.83 -35.19
CA SER A 12 -26.99 27.23 -35.86
C SER A 12 -26.46 26.12 -36.74
N PRO A 13 -26.03 26.44 -37.97
CA PRO A 13 -25.59 25.43 -38.94
C PRO A 13 -24.19 24.93 -38.63
N CYS A 14 -24.08 23.62 -38.51
CA CYS A 14 -22.90 22.97 -37.98
C CYS A 14 -22.07 22.34 -39.07
N MET A 15 -22.72 21.60 -39.95
CA MET A 15 -22.02 20.69 -40.81
C MET A 15 -22.74 20.65 -42.14
N ILE A 16 -22.04 21.08 -43.19
CA ILE A 16 -22.52 20.95 -44.55
C ILE A 16 -21.74 19.85 -45.22
N ALA A 17 -22.40 19.15 -46.15
CA ALA A 17 -21.76 18.12 -46.95
C ALA A 17 -22.30 18.13 -48.36
N SER A 18 -21.59 18.79 -49.28
CA SER A 18 -21.96 18.77 -50.71
C SER A 18 -21.60 17.42 -51.36
N THR A 19 -22.40 17.06 -52.35
CA THR A 19 -22.41 15.73 -52.92
C THR A 19 -21.39 15.68 -54.07
N PRO A 20 -20.82 14.49 -54.38
CA PRO A 20 -19.74 14.47 -55.38
C PRO A 20 -20.17 14.97 -56.76
N PRO A 21 -19.27 15.66 -57.49
CA PRO A 21 -19.64 16.26 -58.78
C PRO A 21 -19.72 15.23 -59.92
N ALA A 22 -20.20 15.68 -61.09
CA ALA A 22 -20.41 14.83 -62.27
C ALA A 22 -19.09 14.19 -62.77
N PRO A 23 -19.13 13.01 -63.41
CA PRO A 23 -20.35 12.26 -63.76
C PRO A 23 -20.87 11.25 -62.71
N PHE A 24 -20.39 11.33 -61.47
CA PHE A 24 -20.71 10.34 -60.42
C PHE A 24 -22.22 10.22 -60.15
N SER A 25 -22.80 9.12 -60.63
CA SER A 25 -24.26 8.88 -60.55
C SER A 25 -24.69 7.88 -59.48
N ASP A 26 -23.76 7.02 -59.03
CA ASP A 26 -24.07 5.92 -58.11
C ASP A 26 -24.67 6.40 -56.78
N VAL A 27 -25.30 5.48 -56.06
CA VAL A 27 -25.86 5.77 -54.74
C VAL A 27 -24.69 5.95 -53.77
N THR A 28 -24.83 6.93 -52.88
CA THR A 28 -23.79 7.27 -51.91
C THR A 28 -24.38 7.78 -50.63
N ALA A 29 -23.51 7.91 -49.64
CA ALA A 29 -23.90 8.30 -48.30
C ALA A 29 -22.79 9.07 -47.58
N VAL A 30 -23.14 9.62 -46.43
CA VAL A 30 -22.21 10.38 -45.62
C VAL A 30 -22.64 10.20 -44.18
N THR A 31 -21.72 10.40 -43.25
CA THR A 31 -22.03 10.25 -41.84
C THR A 31 -21.58 11.50 -41.11
N PHE A 32 -22.50 12.15 -40.41
CA PHE A 32 -22.19 13.26 -39.54
C PHE A 32 -22.11 12.74 -38.13
N ASP A 33 -20.92 12.78 -37.54
CA ASP A 33 -20.77 12.54 -36.11
C ASP A 33 -21.26 13.82 -35.41
N LEU A 34 -22.48 13.76 -34.90
CA LEU A 34 -23.18 14.94 -34.39
C LEU A 34 -22.54 15.58 -33.19
N ILE A 35 -21.87 14.80 -32.37
CA ILE A 35 -21.29 15.31 -31.15
C ILE A 35 -19.86 15.80 -31.41
N ASN A 36 -19.01 14.93 -31.91
CA ASN A 36 -17.60 15.27 -32.13
C ASN A 36 -17.32 16.13 -33.36
N GLY A 37 -18.34 16.39 -34.18
CA GLY A 37 -18.20 17.29 -35.33
C GLY A 37 -17.20 16.79 -36.35
N LYS A 38 -17.54 15.70 -37.02
CA LYS A 38 -16.69 15.07 -38.04
C LYS A 38 -17.61 14.57 -39.15
N ILE A 39 -17.11 14.57 -40.38
CA ILE A 39 -17.91 14.20 -41.54
C ILE A 39 -17.14 13.22 -42.42
N THR A 40 -17.41 11.92 -42.21
CA THR A 40 -16.77 10.85 -42.95
C THR A 40 -17.70 10.32 -44.07
N PRO A 41 -17.38 10.63 -45.34
CA PRO A 41 -18.17 10.06 -46.43
C PRO A 41 -17.83 8.60 -46.65
N VAL A 42 -18.82 7.84 -47.16
CA VAL A 42 -18.66 6.40 -47.28
C VAL A 42 -17.83 6.03 -48.52
N GLY A 43 -17.00 5.00 -48.37
CA GLY A 43 -16.09 4.56 -49.43
C GLY A 43 -15.05 5.62 -49.73
N ASP A 44 -14.71 5.77 -51.01
CA ASP A 44 -13.78 6.80 -51.50
C ASP A 44 -14.48 7.86 -52.36
N ASP A 45 -15.69 8.24 -51.96
CA ASP A 45 -16.47 9.24 -52.70
C ASP A 45 -16.01 10.62 -52.26
N ASN A 46 -15.57 11.45 -53.21
CA ASN A 46 -15.13 12.83 -52.90
C ASN A 46 -16.31 13.81 -52.69
N TRP A 47 -16.90 13.71 -51.50
CA TRP A 47 -17.84 14.71 -51.01
C TRP A 47 -17.06 15.95 -50.60
N ASN A 48 -17.68 17.11 -50.72
CA ASN A 48 -17.09 18.37 -50.33
C ASN A 48 -17.73 18.83 -49.00
N THR A 49 -17.02 18.60 -47.90
CA THR A 49 -17.55 18.78 -46.54
C THR A 49 -16.94 20.00 -45.85
N HIS A 50 -17.69 20.64 -44.96
CA HIS A 50 -17.18 21.72 -44.11
C HIS A 50 -17.81 21.62 -42.74
N ILE A 51 -17.03 21.89 -41.70
CA ILE A 51 -17.57 22.01 -40.35
C ILE A 51 -17.39 23.45 -39.90
N TYR A 52 -18.50 24.12 -39.64
CA TYR A 52 -18.50 25.51 -39.18
C TYR A 52 -18.36 25.58 -37.67
N ASN A 53 -18.17 26.78 -37.16
CA ASN A 53 -17.80 26.98 -35.77
C ASN A 53 -18.72 27.90 -34.98
N PRO A 54 -20.04 27.62 -35.01
CA PRO A 54 -20.93 28.36 -34.13
C PRO A 54 -20.77 27.91 -32.69
N PRO A 55 -21.39 28.62 -31.74
CA PRO A 55 -21.12 28.29 -30.35
C PRO A 55 -21.56 26.88 -29.96
N ILE A 56 -22.67 26.42 -30.52
CA ILE A 56 -23.09 25.05 -30.29
C ILE A 56 -21.97 24.06 -30.62
N MET A 57 -21.38 24.16 -31.79
CA MET A 57 -20.38 23.20 -32.23
C MET A 57 -19.13 23.24 -31.36
N ASN A 58 -18.69 24.45 -31.01
CA ASN A 58 -17.53 24.61 -30.15
C ASN A 58 -17.73 24.03 -28.77
N VAL A 59 -18.95 24.12 -28.25
CA VAL A 59 -19.25 23.46 -26.98
C VAL A 59 -19.27 21.97 -27.14
N LEU A 60 -19.92 21.47 -28.18
CA LEU A 60 -20.00 20.03 -28.38
C LEU A 60 -18.63 19.41 -28.59
N ARG A 61 -17.72 20.15 -29.21
CA ARG A 61 -16.37 19.63 -29.44
C ARG A 61 -15.48 19.67 -28.20
N THR A 62 -15.61 20.71 -27.40
CA THR A 62 -14.76 20.89 -26.24
C THR A 62 -15.30 20.28 -24.97
N ALA A 63 -16.62 20.22 -24.83
CA ALA A 63 -17.19 19.68 -23.59
C ALA A 63 -16.95 18.20 -23.54
N ALA A 64 -16.57 17.76 -22.35
CA ALA A 64 -16.30 16.38 -22.10
C ALA A 64 -17.61 15.66 -21.86
N TRP A 65 -18.27 16.02 -20.78
CA TRP A 65 -19.41 15.30 -20.28
C TRP A 65 -20.63 16.11 -20.63
N LYS A 66 -21.63 15.51 -21.27
CA LYS A 66 -22.82 16.22 -21.76
C LYS A 66 -24.10 15.54 -21.33
N SER A 67 -25.19 16.30 -21.27
CA SER A 67 -26.46 15.77 -20.78
C SER A 67 -27.63 16.58 -21.30
N GLY A 68 -28.57 15.90 -21.95
CA GLY A 68 -29.84 16.51 -22.30
C GLY A 68 -30.05 16.63 -23.79
N THR A 69 -31.17 17.23 -24.14
CA THR A 69 -31.72 17.10 -25.46
C THR A 69 -31.09 18.07 -26.40
N ILE A 70 -30.77 17.60 -27.61
CA ILE A 70 -30.41 18.51 -28.70
C ILE A 70 -31.34 18.31 -29.88
N HIS A 71 -31.84 19.41 -30.41
CA HIS A 71 -32.75 19.41 -31.53
C HIS A 71 -31.94 19.62 -32.77
N VAL A 72 -32.17 18.78 -33.77
CA VAL A 72 -31.50 18.87 -35.05
C VAL A 72 -32.50 19.32 -36.10
N GLN A 73 -32.01 20.02 -37.11
CA GLN A 73 -32.77 20.30 -38.33
C GLN A 73 -31.90 20.01 -39.54
N LEU A 74 -32.18 18.89 -40.18
CA LEU A 74 -31.48 18.48 -41.36
C LEU A 74 -32.13 19.10 -42.58
N ASN A 75 -31.44 19.99 -43.27
CA ASN A 75 -31.92 20.56 -44.53
C ASN A 75 -31.25 19.91 -45.70
N VAL A 76 -32.00 19.76 -46.78
CA VAL A 76 -31.53 19.13 -48.00
C VAL A 76 -31.83 20.05 -49.16
N ARG A 77 -30.76 20.46 -49.83
CA ARG A 77 -30.86 21.06 -51.14
C ARG A 77 -30.46 19.93 -52.11
N GLY A 78 -31.01 19.84 -53.32
CA GLY A 78 -31.61 20.92 -54.02
C GLY A 78 -30.71 21.24 -55.20
N ALA A 79 -30.87 20.48 -56.29
CA ALA A 79 -30.37 20.90 -57.60
C ALA A 79 -31.57 21.39 -58.38
N GLY A 80 -31.29 22.25 -59.37
CA GLY A 80 -32.33 22.76 -60.25
C GLY A 80 -32.75 21.68 -61.23
N VAL A 81 -33.62 20.79 -60.77
CA VAL A 81 -34.08 19.65 -61.55
C VAL A 81 -35.60 19.69 -61.63
N LYS A 82 -36.10 19.65 -62.87
CA LYS A 82 -37.54 19.59 -63.18
C LYS A 82 -38.24 18.63 -62.26
N ARG A 83 -39.35 19.07 -61.72
CA ARG A 83 -40.02 18.34 -60.67
C ARG A 83 -40.49 16.96 -61.14
N ALA A 84 -41.05 16.88 -62.34
CA ALA A 84 -41.48 15.56 -62.87
C ALA A 84 -40.34 14.57 -63.19
N ASP A 85 -39.12 15.07 -63.34
CA ASP A 85 -37.93 14.22 -63.53
C ASP A 85 -37.19 13.82 -62.23
N TRP A 86 -37.65 14.32 -61.10
CA TRP A 86 -37.05 14.02 -59.80
C TRP A 86 -37.36 12.60 -59.35
N ASP A 87 -36.31 11.83 -59.06
CA ASP A 87 -36.45 10.47 -58.49
C ASP A 87 -35.57 10.24 -57.25
N GLY A 88 -35.04 11.33 -56.70
CA GLY A 88 -34.04 11.24 -55.66
C GLY A 88 -34.69 11.16 -54.30
N GLN A 89 -34.17 10.26 -53.47
CA GLN A 89 -34.67 10.16 -52.10
C GLN A 89 -33.55 10.20 -51.10
N VAL A 90 -33.94 10.45 -49.87
CA VAL A 90 -32.99 10.64 -48.81
C VAL A 90 -33.42 9.77 -47.64
N PHE A 91 -32.60 8.77 -47.33
CA PHE A 91 -32.80 7.97 -46.14
C PHE A 91 -31.80 8.45 -45.12
N VAL A 92 -32.24 8.71 -43.90
CA VAL A 92 -31.33 9.04 -42.82
C VAL A 92 -31.49 8.02 -41.70
N TYR A 93 -30.47 7.93 -40.87
CA TYR A 93 -30.41 6.96 -39.81
C TYR A 93 -29.65 7.53 -38.64
N LEU A 94 -30.29 7.74 -37.50
CA LEU A 94 -29.52 7.93 -36.27
C LEU A 94 -28.96 6.61 -35.85
N ARG A 95 -27.73 6.63 -35.36
CA ARG A 95 -27.08 5.44 -34.84
C ARG A 95 -26.31 5.81 -33.60
N GLN A 96 -26.11 4.85 -32.72
CA GLN A 96 -25.27 5.03 -31.55
C GLN A 96 -23.84 4.86 -32.01
N SER A 97 -23.59 3.70 -32.60
CA SER A 97 -22.26 3.36 -33.08
C SER A 97 -22.33 3.23 -34.58
N MET A 98 -21.14 3.19 -35.18
CA MET A 98 -20.98 3.06 -36.62
C MET A 98 -20.53 1.65 -37.00
N ASN A 99 -20.60 0.72 -36.06
CA ASN A 99 -20.25 -0.68 -36.33
C ASN A 99 -21.41 -1.39 -37.03
N PRO A 100 -21.13 -2.44 -37.83
CA PRO A 100 -22.23 -3.19 -38.49
C PRO A 100 -23.28 -3.79 -37.55
N GLU A 101 -22.85 -4.20 -36.35
CA GLU A 101 -23.72 -4.91 -35.40
C GLU A 101 -24.81 -4.03 -34.80
N SER A 102 -24.48 -2.78 -34.53
CA SER A 102 -25.40 -1.84 -33.90
C SER A 102 -26.60 -1.55 -34.80
N TYR A 103 -27.75 -1.31 -34.17
CA TYR A 103 -28.95 -0.94 -34.90
C TYR A 103 -29.17 0.55 -34.90
N ASP A 104 -30.15 0.97 -35.69
CA ASP A 104 -30.55 2.35 -35.77
C ASP A 104 -31.44 2.71 -34.59
N ALA A 105 -31.34 3.96 -34.16
CA ALA A 105 -32.22 4.51 -33.16
C ALA A 105 -33.38 5.23 -33.79
N ARG A 106 -33.24 5.60 -35.06
CA ARG A 106 -34.30 6.31 -35.76
C ARG A 106 -34.05 6.26 -37.22
N THR A 107 -35.09 6.05 -37.99
CA THR A 107 -34.94 6.18 -39.43
C THR A 107 -35.99 7.15 -39.91
N PHE A 108 -35.57 7.96 -40.86
CA PHE A 108 -36.44 8.84 -41.57
C PHE A 108 -36.26 8.59 -43.03
N VAL A 109 -37.26 8.98 -43.80
CA VAL A 109 -37.30 8.69 -45.20
C VAL A 109 -38.02 9.81 -45.90
N ILE A 110 -37.30 10.53 -46.75
CA ILE A 110 -37.80 11.73 -47.39
C ILE A 110 -37.68 11.62 -48.90
N SER A 111 -38.74 11.94 -49.64
CA SER A 111 -38.65 12.06 -51.11
C SER A 111 -39.35 13.30 -51.64
N GLN A 112 -39.17 14.40 -50.93
CA GLN A 112 -39.70 15.68 -51.36
C GLN A 112 -38.76 16.27 -52.44
N PRO A 113 -39.32 16.75 -53.55
CA PRO A 113 -38.50 17.21 -54.67
C PRO A 113 -37.90 18.57 -54.45
N GLY A 114 -36.76 18.78 -55.09
CA GLY A 114 -35.88 19.91 -54.79
C GLY A 114 -35.31 19.78 -53.39
N SER A 115 -36.09 20.27 -52.44
CA SER A 115 -35.62 20.61 -51.13
C SER A 115 -36.44 19.94 -50.06
N ALA A 116 -35.91 19.91 -48.86
CA ALA A 116 -36.60 19.31 -47.73
C ALA A 116 -36.04 19.77 -46.41
N MET A 117 -36.86 19.58 -45.39
CA MET A 117 -36.49 19.86 -44.02
C MET A 117 -36.91 18.68 -43.18
N LEU A 118 -36.23 18.49 -42.07
CA LEU A 118 -36.52 17.37 -41.19
C LEU A 118 -36.09 17.71 -39.78
N ASN A 119 -37.03 18.12 -38.94
CA ASN A 119 -36.71 18.38 -37.54
C ASN A 119 -36.89 17.11 -36.76
N PHE A 120 -35.89 16.79 -35.96
CA PHE A 120 -36.01 15.78 -34.92
C PHE A 120 -35.15 16.16 -33.73
N SER A 121 -35.19 15.34 -32.68
CA SER A 121 -34.38 15.55 -31.49
C SER A 121 -33.91 14.22 -30.96
N PHE A 122 -32.99 14.28 -30.01
CA PHE A 122 -32.55 13.12 -29.27
C PHE A 122 -31.83 13.56 -28.03
N ASP A 123 -31.98 12.75 -26.98
CA ASP A 123 -31.40 13.06 -25.66
C ASP A 123 -30.09 12.31 -25.52
N ILE A 124 -29.04 13.08 -25.33
CA ILE A 124 -27.78 12.57 -24.87
C ILE A 124 -27.99 12.31 -23.41
N ILE A 125 -27.72 11.08 -23.01
CA ILE A 125 -27.86 10.69 -21.62
C ILE A 125 -26.87 9.58 -21.40
N GLY A 126 -26.26 9.59 -20.22
CA GLY A 126 -25.13 8.73 -19.98
C GLY A 126 -25.03 8.23 -18.56
N PRO A 127 -24.02 7.38 -18.31
CA PRO A 127 -23.90 6.71 -17.04
C PRO A 127 -23.59 7.59 -15.86
N ASN A 128 -22.75 8.59 -16.07
CA ASN A 128 -22.10 9.30 -14.97
C ASN A 128 -22.95 10.45 -14.42
N SER A 129 -23.99 10.07 -13.69
CA SER A 129 -25.00 11.01 -13.15
C SER A 129 -25.79 11.68 -14.29
N GLY A 130 -26.12 10.90 -15.32
CA GLY A 130 -26.85 11.41 -16.48
C GLY A 130 -26.00 12.05 -17.55
N PHE A 131 -24.67 12.00 -17.42
CA PHE A 131 -23.77 12.61 -18.40
C PHE A 131 -23.04 11.56 -19.23
N GLU A 132 -22.78 11.91 -20.49
CA GLU A 132 -22.17 11.01 -21.44
C GLU A 132 -20.94 11.68 -22.03
N PHE A 133 -19.80 11.06 -21.81
CA PHE A 133 -18.56 11.37 -22.50
C PHE A 133 -18.69 10.60 -23.81
N ALA A 134 -18.67 11.33 -24.92
CA ALA A 134 -18.86 10.69 -26.21
C ALA A 134 -17.62 9.85 -26.58
N GLU A 135 -17.86 8.59 -26.95
CA GLU A 135 -16.82 7.65 -27.44
C GLU A 135 -15.75 7.27 -26.42
N SER A 136 -16.04 7.42 -25.13
CA SER A 136 -15.10 7.01 -24.09
C SER A 136 -15.14 5.48 -23.97
N PRO A 137 -13.96 4.85 -23.81
CA PRO A 137 -13.94 3.44 -23.45
C PRO A 137 -14.65 3.12 -22.12
N TRP A 138 -14.67 4.06 -21.19
CA TRP A 138 -15.38 3.90 -19.92
C TRP A 138 -16.87 3.62 -20.10
N ALA A 139 -17.33 2.50 -19.53
CA ALA A 139 -18.72 2.01 -19.69
C ALA A 139 -19.16 1.71 -21.16
N ASN A 140 -18.20 1.64 -22.10
CA ASN A 140 -18.49 1.63 -23.54
C ASN A 140 -19.57 2.61 -23.96
N GLN A 141 -19.34 3.86 -23.61
CA GLN A 141 -20.19 4.95 -24.06
C GLN A 141 -19.95 5.18 -25.52
N THR A 142 -20.97 5.73 -26.18
CA THR A 142 -20.90 5.96 -27.62
C THR A 142 -21.53 7.28 -28.01
N THR A 143 -21.21 7.66 -29.23
CA THR A 143 -21.64 8.94 -29.77
C THR A 143 -23.08 8.88 -30.27
N TRP A 144 -23.42 9.83 -31.12
CA TRP A 144 -24.53 9.71 -32.04
C TRP A 144 -24.05 10.11 -33.42
N TYR A 145 -24.20 9.19 -34.36
CA TYR A 145 -23.95 9.46 -35.74
C TYR A 145 -25.26 9.74 -36.46
N LEU A 146 -25.15 10.33 -37.64
CA LEU A 146 -26.29 10.59 -38.50
C LEU A 146 -25.89 10.21 -39.90
N GLU A 147 -26.07 8.94 -40.22
CA GLU A 147 -25.86 8.42 -41.56
C GLU A 147 -26.97 8.97 -42.45
N CYS A 148 -26.60 9.48 -43.63
CA CYS A 148 -27.55 10.06 -44.59
C CYS A 148 -27.22 9.55 -45.96
N VAL A 149 -28.23 9.20 -46.73
CA VAL A 149 -28.04 8.56 -48.01
C VAL A 149 -28.74 9.34 -49.09
N ALA A 150 -28.01 9.67 -50.16
CA ALA A 150 -28.59 10.25 -51.36
C ALA A 150 -28.65 9.16 -52.41
N THR A 151 -29.87 8.76 -52.79
CA THR A 151 -30.05 7.75 -53.83
C THR A 151 -29.70 8.29 -55.21
N ASN A 152 -29.89 9.60 -55.40
CA ASN A 152 -29.45 10.26 -56.62
C ASN A 152 -28.65 11.52 -56.30
N PRO A 153 -27.31 11.41 -56.28
CA PRO A 153 -26.47 12.57 -56.01
C PRO A 153 -26.41 13.63 -57.11
N ARG A 154 -26.92 13.33 -58.31
CA ARG A 154 -27.09 14.35 -59.36
C ARG A 154 -28.15 15.40 -58.99
N GLN A 155 -29.13 14.97 -58.21
CA GLN A 155 -30.27 15.78 -57.85
C GLN A 155 -30.14 16.37 -56.45
N ILE A 156 -29.71 15.57 -55.49
CA ILE A 156 -29.36 16.09 -54.17
C ILE A 156 -27.97 16.75 -54.25
N GLN A 157 -27.91 18.06 -54.04
CA GLN A 157 -26.66 18.81 -53.99
C GLN A 157 -25.96 18.78 -52.68
N GLN A 158 -26.69 19.03 -51.58
CA GLN A 158 -26.05 19.06 -50.26
C GLN A 158 -26.95 18.87 -49.06
N PHE A 159 -26.36 18.30 -48.02
CA PHE A 159 -26.96 18.17 -46.71
C PHE A 159 -26.43 19.28 -45.84
N GLU A 160 -27.13 19.45 -44.73
CA GLU A 160 -26.87 20.53 -43.85
C GLU A 160 -27.53 20.25 -42.52
N VAL A 161 -26.73 20.20 -41.48
CA VAL A 161 -27.21 19.82 -40.17
C VAL A 161 -27.16 21.03 -39.25
N ASN A 162 -28.32 21.56 -38.90
CA ASN A 162 -28.42 22.64 -37.93
C ASN A 162 -28.79 22.06 -36.59
N MET A 163 -28.33 22.68 -35.51
CA MET A 163 -28.55 22.17 -34.16
C MET A 163 -28.81 23.24 -33.15
N ARG A 164 -29.39 22.81 -32.04
CA ARG A 164 -29.80 23.71 -30.98
C ARG A 164 -29.93 22.94 -29.69
N PHE A 165 -29.41 23.50 -28.60
CA PHE A 165 -29.61 22.90 -27.31
C PHE A 165 -31.00 23.21 -26.81
N ASP A 166 -31.66 22.20 -26.28
CA ASP A 166 -32.80 22.41 -25.41
C ASP A 166 -32.28 23.08 -24.15
N PRO A 167 -33.08 23.95 -23.50
CA PRO A 167 -32.65 24.58 -22.25
C PRO A 167 -32.19 23.65 -21.11
N ASN A 168 -32.63 22.40 -21.12
CA ASN A 168 -32.15 21.40 -20.14
C ASN A 168 -30.70 20.95 -20.27
N PHE A 169 -30.00 21.42 -21.29
CA PHE A 169 -28.69 20.90 -21.61
C PHE A 169 -27.65 21.34 -20.60
N ARG A 170 -26.66 20.47 -20.38
CA ARG A 170 -25.67 20.66 -19.34
C ARG A 170 -24.40 20.02 -19.73
N VAL A 171 -23.29 20.70 -19.50
CA VAL A 171 -22.01 20.10 -19.74
C VAL A 171 -21.15 20.19 -18.50
N ALA A 172 -20.02 19.49 -18.56
CA ALA A 172 -18.97 19.61 -17.57
C ALA A 172 -17.67 19.11 -18.17
N GLY A 173 -16.57 19.66 -17.69
CA GLY A 173 -15.26 19.19 -18.09
C GLY A 173 -14.85 19.68 -19.45
N ASN A 174 -13.55 19.75 -19.65
CA ASN A 174 -12.97 20.33 -20.84
C ASN A 174 -12.15 19.26 -21.53
N ILE A 175 -12.05 19.39 -22.84
CA ILE A 175 -11.15 18.58 -23.63
C ILE A 175 -10.17 19.53 -24.33
N LEU A 176 -8.91 19.12 -24.41
CA LEU A 176 -7.92 19.89 -25.13
C LEU A 176 -8.04 19.57 -26.59
N MET A 177 -8.65 20.49 -27.33
CA MET A 177 -8.79 20.33 -28.75
C MET A 177 -7.67 21.07 -29.45
N PRO A 178 -7.32 20.65 -30.68
CA PRO A 178 -6.39 21.40 -31.52
C PRO A 178 -7.00 22.72 -32.01
N PRO A 179 -6.19 23.58 -32.63
CA PRO A 179 -6.74 24.80 -33.18
C PRO A 179 -7.80 24.53 -34.27
N PHE A 180 -9.01 25.06 -34.10
CA PHE A 180 -10.07 24.94 -35.10
C PHE A 180 -9.79 25.90 -36.24
N PRO A 181 -9.71 25.41 -37.49
CA PRO A 181 -9.55 26.34 -38.62
C PRO A 181 -10.81 27.18 -38.84
N LEU A 182 -10.62 28.39 -39.39
CA LEU A 182 -11.72 29.32 -39.62
C LEU A 182 -12.39 29.06 -40.96
N SER A 183 -13.22 28.04 -41.06
CA SER A 183 -14.07 27.88 -42.25
C SER A 183 -15.31 28.74 -42.07
N THR A 184 -15.67 29.49 -43.11
CA THR A 184 -16.87 30.34 -43.11
C THR A 184 -17.88 29.88 -44.18
N GLU A 185 -19.18 30.03 -43.86
CA GLU A 185 -20.29 29.72 -44.80
C GLU A 185 -20.22 30.61 -46.04
N THR A 186 -20.02 30.01 -47.22
CA THR A 186 -20.03 30.75 -48.49
C THR A 186 -21.49 30.96 -48.92
N PRO A 187 -22.09 32.17 -48.64
CA PRO A 187 -23.55 32.27 -48.83
C PRO A 187 -23.93 32.30 -50.33
N PRO A 188 -25.14 31.78 -50.71
CA PRO A 188 -25.41 31.63 -52.14
C PRO A 188 -25.90 32.94 -52.81
N LEU A 189 -25.19 33.40 -53.86
CA LEU A 189 -25.59 34.59 -54.65
C LEU A 189 -26.87 34.31 -55.44
N MET B 1 -7.07 -21.57 15.40
CA MET B 1 -8.55 -21.79 15.32
C MET B 1 -9.23 -21.34 13.99
N GLU B 2 -10.30 -22.02 13.64
CA GLU B 2 -11.11 -21.75 12.44
C GLU B 2 -12.06 -20.58 12.63
N GLN B 3 -12.44 -19.95 11.54
CA GLN B 3 -13.45 -18.88 11.54
C GLN B 3 -14.19 -18.91 10.20
N ASN B 4 -15.39 -18.36 10.19
CA ASN B 4 -16.17 -18.29 8.95
C ASN B 4 -15.63 -17.16 8.06
N LEU B 5 -15.04 -17.55 6.93
CA LEU B 5 -14.33 -16.62 6.06
C LEU B 5 -15.23 -15.71 5.25
N PHE B 6 -16.45 -16.16 5.01
CA PHE B 6 -17.42 -15.34 4.30
C PHE B 6 -17.77 -14.08 5.09
N ALA B 7 -17.76 -14.16 6.41
CA ALA B 7 -18.20 -13.05 7.24
C ALA B 7 -17.07 -12.13 7.74
N LEU B 8 -15.89 -12.23 7.14
CA LEU B 8 -14.82 -11.30 7.48
C LEU B 8 -15.01 -9.97 6.75
N SER B 9 -14.22 -8.97 7.15
CA SER B 9 -14.32 -7.63 6.60
C SER B 9 -13.39 -7.45 5.40
N LEU B 10 -13.52 -8.34 4.42
CA LEU B 10 -12.68 -8.30 3.24
C LEU B 10 -13.39 -7.60 2.10
N ASP B 11 -14.68 -7.26 2.26
CA ASP B 11 -15.38 -6.45 1.26
C ASP B 11 -15.54 -5.03 1.80
N ASP B 12 -14.42 -4.47 2.24
CA ASP B 12 -14.34 -3.11 2.75
C ASP B 12 -14.25 -2.14 1.57
N THR B 13 -15.36 -1.45 1.31
CA THR B 13 -15.43 -0.47 0.23
C THR B 13 -15.25 0.98 0.72
N SER B 14 -14.46 1.14 1.78
CA SER B 14 -14.08 2.47 2.28
C SER B 14 -13.31 3.22 1.23
N SER B 15 -13.40 4.55 1.27
CA SER B 15 -12.48 5.39 0.48
C SER B 15 -11.10 5.36 1.12
N VAL B 16 -10.13 5.89 0.38
CA VAL B 16 -8.77 6.04 0.90
C VAL B 16 -8.83 7.19 1.89
N ARG B 17 -8.20 7.01 3.05
CA ARG B 17 -8.26 8.00 4.11
C ARG B 17 -7.15 7.80 5.15
N GLY B 18 -6.83 8.87 5.86
CA GLY B 18 -5.81 8.87 6.92
C GLY B 18 -5.07 10.20 6.93
N SER B 19 -3.80 10.16 7.31
CA SER B 19 -2.94 11.35 7.28
C SER B 19 -2.50 11.63 5.84
N LEU B 20 -1.70 12.67 5.63
CA LEU B 20 -1.15 12.96 4.30
C LEU B 20 -0.05 12.00 3.91
N LEU B 21 0.51 11.27 4.87
CA LEU B 21 1.49 10.24 4.57
C LEU B 21 0.84 9.00 3.99
N ASP B 22 -0.28 8.61 4.59
CA ASP B 22 -0.95 7.34 4.27
C ASP B 22 -1.93 7.44 3.14
N THR B 23 -2.10 8.64 2.60
CA THR B 23 -2.89 8.87 1.40
C THR B 23 -2.07 9.29 0.18
N LYS B 24 -0.78 9.55 0.36
CA LYS B 24 0.13 9.80 -0.75
C LYS B 24 0.13 8.58 -1.66
N PHE B 25 0.01 8.80 -2.96
CA PHE B 25 0.05 7.70 -3.91
C PHE B 25 1.01 7.82 -5.06
N ALA B 26 1.55 9.01 -5.31
CA ALA B 26 2.64 9.14 -6.27
C ALA B 26 3.40 10.43 -6.14
N GLN B 27 4.64 10.38 -6.57
CA GLN B 27 5.46 11.56 -6.72
C GLN B 27 5.94 11.61 -8.12
N THR B 28 6.02 12.83 -8.66
CA THR B 28 6.37 13.03 -10.05
C THR B 28 7.49 14.06 -10.13
N ARG B 29 8.39 13.83 -11.08
CA ARG B 29 9.61 14.59 -11.23
C ARG B 29 9.63 15.34 -12.54
N VAL B 30 9.37 16.63 -12.46
CA VAL B 30 9.35 17.50 -13.64
C VAL B 30 10.70 18.19 -13.78
N LEU B 31 11.28 18.17 -14.98
CA LEU B 31 12.54 18.87 -15.27
C LEU B 31 12.33 20.24 -15.92
N LEU B 32 12.75 21.30 -15.24
CA LEU B 32 12.71 22.66 -15.81
C LEU B 32 14.08 23.02 -16.34
N SER B 33 14.18 23.13 -17.66
CA SER B 33 15.43 23.47 -18.32
C SER B 33 15.99 24.83 -17.88
N LYS B 34 17.32 24.91 -17.84
CA LYS B 34 18.03 26.14 -17.50
C LYS B 34 17.55 27.33 -18.36
N ALA B 35 17.37 27.09 -19.67
CA ALA B 35 16.82 28.09 -20.59
C ALA B 35 15.53 27.59 -21.24
N MET B 36 14.42 27.71 -20.49
CA MET B 36 13.09 27.39 -20.98
C MET B 36 12.34 28.65 -21.42
N ALA B 37 11.51 28.47 -22.46
CA ALA B 37 10.70 29.55 -23.03
C ALA B 37 9.26 29.52 -22.49
N GLY B 38 8.49 30.56 -22.81
CA GLY B 38 7.05 30.58 -22.59
C GLY B 38 6.36 29.65 -23.58
N GLY B 39 5.23 29.08 -23.18
CA GLY B 39 4.51 28.11 -24.03
C GLY B 39 5.36 26.87 -24.30
N ASP B 40 5.73 26.21 -23.22
CA ASP B 40 6.72 25.14 -23.26
C ASP B 40 6.30 23.97 -22.36
N VAL B 41 5.84 22.88 -22.98
CA VAL B 41 5.42 21.68 -22.23
C VAL B 41 6.56 21.05 -21.47
N LEU B 42 6.40 21.01 -20.16
CA LEU B 42 7.39 20.42 -19.30
C LEU B 42 7.03 18.99 -19.07
N LEU B 43 5.80 18.79 -18.64
CA LEU B 43 5.26 17.46 -18.50
C LEU B 43 3.91 17.41 -19.16
N ASP B 44 3.61 16.28 -19.74
CA ASP B 44 2.31 16.05 -20.33
C ASP B 44 2.08 14.56 -20.41
N GLU B 45 1.37 14.02 -19.42
CA GLU B 45 1.01 12.60 -19.41
C GLU B 45 -0.37 12.40 -18.83
N TYR B 46 -0.91 11.21 -19.07
CA TYR B 46 -2.19 10.84 -18.50
C TYR B 46 -2.06 10.76 -16.98
N LEU B 47 -3.10 11.20 -16.27
CA LEU B 47 -3.08 11.20 -14.82
C LEU B 47 -2.92 9.81 -14.20
N TYR B 48 -3.38 8.77 -14.88
CA TYR B 48 -3.15 7.41 -14.40
C TYR B 48 -1.71 6.95 -14.60
N ASP B 49 -1.03 7.42 -15.65
CA ASP B 49 0.39 7.05 -15.87
C ASP B 49 1.37 7.69 -14.87
N VAL B 50 0.89 8.64 -14.07
CA VAL B 50 1.61 9.18 -12.91
C VAL B 50 1.95 8.07 -11.95
N VAL B 51 0.97 7.21 -11.68
CA VAL B 51 1.09 6.17 -10.65
C VAL B 51 1.86 4.90 -11.11
N ASN B 52 2.37 4.87 -12.34
CA ASN B 52 3.14 3.73 -12.82
C ASN B 52 4.55 3.72 -12.24
N GLY B 53 4.93 2.58 -11.67
CA GLY B 53 6.24 2.40 -11.03
C GLY B 53 6.33 3.11 -9.70
N GLN B 54 5.27 3.01 -8.90
CA GLN B 54 5.18 3.70 -7.62
C GLN B 54 4.87 2.74 -6.46
N ASP B 55 5.33 3.14 -5.27
CA ASP B 55 5.36 2.28 -4.09
C ASP B 55 5.27 3.14 -2.83
N PHE B 56 4.22 3.95 -2.77
CA PHE B 56 3.89 4.74 -1.58
C PHE B 56 2.76 4.07 -0.85
N ARG B 57 2.39 4.61 0.30
CA ARG B 57 1.47 3.91 1.19
C ARG B 57 0.08 3.66 0.62
N ALA B 58 -0.45 4.63 -0.11
CA ALA B 58 -1.79 4.52 -0.66
C ALA B 58 -1.80 4.19 -2.13
N THR B 59 -0.69 3.71 -2.69
CA THR B 59 -0.62 3.43 -4.12
C THR B 59 -1.50 2.26 -4.50
N VAL B 60 -1.38 1.19 -3.76
CA VAL B 60 -2.22 0.04 -4.00
C VAL B 60 -3.65 0.26 -3.56
N ALA B 61 -3.88 1.01 -2.49
CA ALA B 61 -5.25 1.34 -2.12
C ALA B 61 -5.94 2.18 -3.22
N PHE B 62 -5.21 3.13 -3.80
CA PHE B 62 -5.71 4.02 -4.85
C PHE B 62 -6.17 3.26 -6.07
N LEU B 63 -5.33 2.34 -6.54
CA LEU B 63 -5.63 1.55 -7.73
C LEU B 63 -6.80 0.59 -7.57
N ARG B 64 -7.02 0.11 -6.36
CA ARG B 64 -7.94 -1.00 -6.13
C ARG B 64 -9.24 -0.60 -5.48
N THR B 65 -9.30 0.61 -4.93
CA THR B 65 -10.53 1.12 -4.33
C THR B 65 -11.46 1.51 -5.46
N HIS B 66 -12.63 0.89 -5.46
CA HIS B 66 -13.59 1.08 -6.52
C HIS B 66 -14.19 2.46 -6.57
N VAL B 67 -14.41 3.06 -5.40
CA VAL B 67 -14.95 4.41 -5.31
C VAL B 67 -14.11 5.24 -4.36
N ILE B 68 -13.88 6.48 -4.75
CA ILE B 68 -13.12 7.39 -3.92
C ILE B 68 -13.94 8.64 -3.84
N THR B 69 -14.36 8.99 -2.63
CA THR B 69 -15.17 10.19 -2.43
C THR B 69 -14.33 11.43 -2.15
N GLY B 70 -13.04 11.25 -1.85
CA GLY B 70 -12.12 12.36 -1.64
C GLY B 70 -11.50 13.00 -2.90
N LYS B 71 -11.09 14.26 -2.79
CA LYS B 71 -10.38 14.94 -3.86
C LYS B 71 -8.94 14.53 -3.91
N ILE B 72 -8.31 14.84 -5.03
CA ILE B 72 -6.87 14.67 -5.19
C ILE B 72 -6.18 15.98 -4.84
N LYS B 73 -5.32 15.98 -3.83
CA LYS B 73 -4.44 17.11 -3.60
C LYS B 73 -3.15 16.86 -4.32
N VAL B 74 -2.66 17.86 -5.04
CA VAL B 74 -1.31 17.83 -5.60
C VAL B 74 -0.59 19.04 -5.04
N THR B 75 0.62 18.82 -4.54
CA THR B 75 1.50 19.91 -4.06
C THR B 75 2.82 19.86 -4.80
N ALA B 76 3.35 21.04 -5.10
CA ALA B 76 4.52 21.17 -5.89
C ALA B 76 5.55 21.95 -5.10
N THR B 77 6.64 21.29 -4.72
CA THR B 77 7.67 21.88 -3.87
C THR B 77 8.87 22.40 -4.65
N THR B 78 8.67 23.37 -5.52
CA THR B 78 9.75 23.91 -6.34
C THR B 78 10.08 25.28 -5.86
N ASN B 79 11.37 25.58 -5.80
CA ASN B 79 11.79 26.90 -5.38
C ASN B 79 12.97 27.42 -6.16
N ILE B 80 13.17 28.73 -6.05
CA ILE B 80 14.28 29.41 -6.71
C ILE B 80 14.52 30.72 -5.95
N SER B 81 15.74 31.26 -6.03
CA SER B 81 16.09 32.54 -5.44
C SER B 81 15.16 33.69 -5.83
N ASP B 82 14.92 34.61 -4.91
CA ASP B 82 14.04 35.75 -5.17
C ASP B 82 14.50 36.57 -6.38
N ASN B 83 15.82 36.67 -6.55
CA ASN B 83 16.43 37.20 -7.75
C ASN B 83 15.68 36.84 -9.04
N SER B 84 15.33 35.57 -9.21
CA SER B 84 14.62 35.08 -10.42
C SER B 84 13.19 34.67 -10.12
N GLY B 85 12.53 34.22 -11.16
CA GLY B 85 11.16 33.79 -11.06
C GLY B 85 10.68 33.44 -12.44
N CYS B 86 9.63 32.64 -12.47
CA CYS B 86 8.98 32.25 -13.72
C CYS B 86 7.52 32.01 -13.38
N CYS B 87 6.76 31.42 -14.28
CA CYS B 87 5.40 31.07 -13.94
C CYS B 87 5.07 29.74 -14.55
N LEU B 88 4.88 28.77 -13.64
CA LEU B 88 4.47 27.42 -14.00
C LEU B 88 2.97 27.34 -13.84
N MET B 89 2.36 26.45 -14.61
CA MET B 89 0.95 26.17 -14.46
C MET B 89 0.67 24.71 -14.66
N LEU B 90 0.27 24.05 -13.59
CA LEU B 90 -0.16 22.67 -13.64
C LEU B 90 -1.65 22.68 -13.89
N ALA B 91 -2.13 21.73 -14.68
CA ALA B 91 -3.53 21.75 -15.10
C ALA B 91 -4.10 20.44 -15.61
N ILE B 92 -5.30 20.14 -15.11
CA ILE B 92 -5.97 18.87 -15.30
C ILE B 92 -7.18 19.08 -16.21
N ASN B 93 -7.27 18.28 -17.26
CA ASN B 93 -8.33 18.38 -18.27
C ASN B 93 -8.92 17.02 -18.49
N SER B 94 -10.23 16.97 -18.70
CA SER B 94 -10.92 15.68 -18.71
C SER B 94 -10.58 14.80 -19.91
N GLY B 95 -9.97 15.35 -20.96
CA GLY B 95 -9.50 14.48 -22.05
C GLY B 95 -8.69 15.16 -23.11
N VAL B 96 -8.56 14.52 -24.27
CA VAL B 96 -7.73 15.01 -25.39
C VAL B 96 -8.34 14.67 -26.75
N ARG B 97 -7.86 15.35 -27.79
CA ARG B 97 -7.99 14.88 -29.18
C ARG B 97 -6.70 15.15 -29.96
N GLY B 98 -6.35 14.25 -30.88
CA GLY B 98 -5.05 14.25 -31.56
C GLY B 98 -4.45 15.61 -31.97
N LYS B 99 -3.13 15.76 -31.73
CA LYS B 99 -2.35 16.95 -32.15
C LYS B 99 -2.83 18.23 -31.45
N TYR B 100 -3.03 18.13 -30.14
CA TYR B 100 -3.71 19.18 -29.38
C TYR B 100 -2.84 20.38 -29.11
N SER B 101 -3.51 21.52 -28.86
CA SER B 101 -2.86 22.76 -28.46
C SER B 101 -2.57 22.73 -26.98
N THR B 102 -1.35 23.15 -26.64
CA THR B 102 -0.94 23.30 -25.24
C THR B 102 -0.60 24.77 -24.93
N ASP B 103 -1.36 25.68 -25.52
CA ASP B 103 -1.28 27.07 -25.10
C ASP B 103 -2.00 27.21 -23.77
N VAL B 104 -1.39 27.96 -22.86
CA VAL B 104 -1.98 28.32 -21.57
C VAL B 104 -3.48 28.62 -21.65
N TYR B 105 -3.90 29.30 -22.71
CA TYR B 105 -5.30 29.66 -22.87
C TYR B 105 -6.18 28.41 -22.80
N THR B 106 -5.91 27.47 -23.71
CA THR B 106 -6.63 26.20 -23.84
C THR B 106 -6.75 25.40 -22.54
N ILE B 107 -5.64 25.32 -21.84
CA ILE B 107 -5.46 24.43 -20.71
C ILE B 107 -6.20 24.88 -19.46
N CYS B 108 -5.92 26.10 -19.02
CA CYS B 108 -6.29 26.60 -17.69
C CYS B 108 -7.71 26.32 -17.19
N SER B 109 -8.68 26.49 -18.07
CA SER B 109 -10.06 26.11 -17.78
C SER B 109 -10.10 24.79 -17.03
N GLN B 110 -11.17 24.57 -16.37
CA GLN B 110 -11.38 23.37 -15.56
C GLN B 110 -10.61 23.49 -14.23
N ASP B 111 -9.41 22.91 -14.09
CA ASP B 111 -8.76 22.78 -12.76
C ASP B 111 -7.26 22.98 -12.87
N SER B 112 -6.75 24.00 -12.21
CA SER B 112 -5.36 24.43 -12.38
C SER B 112 -4.84 25.22 -11.20
N MET B 113 -3.55 25.10 -10.98
CA MET B 113 -2.86 25.97 -10.07
C MET B 113 -1.89 26.74 -10.95
N THR B 114 -1.66 28.00 -10.63
CA THR B 114 -0.63 28.81 -11.25
C THR B 114 0.20 29.38 -10.13
N TRP B 115 1.52 29.23 -10.19
CA TRP B 115 2.37 29.82 -9.19
C TRP B 115 3.73 30.22 -9.73
N ASN B 116 4.35 31.14 -9.01
CA ASN B 116 5.68 31.66 -9.30
C ASN B 116 6.59 31.11 -8.23
N PRO B 117 7.52 30.22 -8.61
CA PRO B 117 8.46 29.67 -7.64
C PRO B 117 9.26 30.73 -6.87
N GLY B 118 9.62 31.82 -7.55
CA GLY B 118 10.34 32.95 -6.94
C GLY B 118 9.76 33.50 -5.66
N CYS B 119 8.43 33.46 -5.55
CA CYS B 119 7.71 34.03 -4.41
C CYS B 119 7.17 32.96 -3.45
N LYS B 120 6.54 31.93 -4.02
CA LYS B 120 5.90 30.87 -3.26
C LYS B 120 6.80 29.65 -3.16
N LYS B 121 7.11 29.25 -1.94
CA LYS B 121 8.01 28.14 -1.69
C LYS B 121 7.46 26.85 -2.25
N ASN B 122 6.19 26.62 -1.94
CA ASN B 122 5.45 25.49 -2.44
C ASN B 122 4.04 25.93 -2.80
N PHE B 123 3.30 25.09 -3.49
CA PHE B 123 1.94 25.44 -3.88
C PHE B 123 1.14 24.17 -4.01
N SER B 124 -0.02 24.14 -3.35
CA SER B 124 -0.90 22.96 -3.37
C SER B 124 -2.30 23.33 -3.84
N PHE B 125 -3.01 22.35 -4.40
CA PHE B 125 -4.39 22.57 -4.77
C PHE B 125 -5.11 21.28 -4.97
N THR B 126 -6.36 21.26 -4.54
CA THR B 126 -7.20 20.08 -4.61
C THR B 126 -8.09 20.18 -5.82
N PHE B 127 -8.53 19.02 -6.30
CA PHE B 127 -9.44 18.97 -7.41
C PHE B 127 -10.12 17.63 -7.54
N ASN B 128 -11.18 17.64 -8.32
CA ASN B 128 -11.99 16.47 -8.55
C ASN B 128 -11.83 16.06 -10.02
N PRO B 129 -11.28 14.87 -10.27
CA PRO B 129 -11.02 14.47 -11.66
C PRO B 129 -12.26 14.02 -12.45
N ASN B 130 -13.36 13.77 -11.74
CA ASN B 130 -14.67 13.61 -12.36
C ASN B 130 -15.48 14.86 -12.08
N PRO B 131 -15.61 15.74 -13.07
CA PRO B 131 -16.21 17.02 -12.80
C PRO B 131 -17.74 17.06 -12.68
N CYS B 132 -18.45 15.94 -12.93
CA CYS B 132 -19.93 15.92 -12.84
C CYS B 132 -20.47 14.84 -11.90
N GLY B 133 -19.77 14.65 -10.79
CA GLY B 133 -20.20 13.71 -9.77
C GLY B 133 -19.40 13.81 -8.50
N ASP B 134 -19.85 13.07 -7.50
CA ASP B 134 -19.24 13.09 -6.18
C ASP B 134 -18.12 12.06 -5.99
N SER B 135 -17.73 11.35 -7.05
CA SER B 135 -16.88 10.19 -6.88
C SER B 135 -16.16 9.84 -8.14
N TRP B 136 -15.13 9.03 -8.00
CA TRP B 136 -14.32 8.64 -9.12
C TRP B 136 -13.49 7.44 -8.71
N SER B 137 -12.65 6.97 -9.63
CA SER B 137 -11.77 5.87 -9.33
C SER B 137 -10.55 5.92 -10.19
N ALA B 138 -9.60 5.07 -9.86
CA ALA B 138 -8.44 4.91 -10.69
C ALA B 138 -8.79 4.33 -12.06
N GLU B 139 -9.73 3.40 -12.08
CA GLU B 139 -10.13 2.81 -13.35
C GLU B 139 -10.93 3.79 -14.20
N MET B 140 -11.64 4.70 -13.57
CA MET B 140 -12.35 5.74 -14.32
C MET B 140 -11.37 6.64 -15.06
N ILE B 141 -10.38 7.15 -14.35
CA ILE B 141 -9.43 8.10 -14.96
C ILE B 141 -8.40 7.50 -15.91
N SER B 142 -8.20 6.18 -15.85
CA SER B 142 -7.29 5.51 -16.80
C SER B 142 -7.93 5.39 -18.17
N ARG B 143 -9.20 5.00 -18.16
CA ARG B 143 -9.97 4.77 -19.37
C ARG B 143 -10.59 6.07 -19.92
N SER B 144 -10.96 6.99 -19.03
CA SER B 144 -11.42 8.33 -19.43
C SER B 144 -10.31 9.19 -20.02
N ARG B 145 -9.03 8.82 -19.77
CA ARG B 145 -7.88 9.52 -20.33
C ARG B 145 -7.74 10.92 -19.77
N VAL B 146 -7.90 11.06 -18.46
CA VAL B 146 -7.73 12.35 -17.80
C VAL B 146 -6.27 12.70 -17.96
N ARG B 147 -6.03 13.97 -18.25
CA ARG B 147 -4.75 14.41 -18.75
C ARG B 147 -4.24 15.53 -17.87
N MET B 148 -3.05 15.31 -17.33
CA MET B 148 -2.35 16.30 -16.54
C MET B 148 -1.27 16.94 -17.41
N THR B 149 -1.17 18.26 -17.31
CA THR B 149 -0.28 19.04 -18.17
C THR B 149 0.36 20.13 -17.32
N VAL B 150 1.70 20.15 -17.31
CA VAL B 150 2.46 21.24 -16.73
C VAL B 150 3.09 22.03 -17.87
N ILE B 151 2.99 23.34 -17.76
CA ILE B 151 3.37 24.25 -18.82
C ILE B 151 4.08 25.41 -18.16
N CYS B 152 5.04 25.98 -18.86
CA CYS B 152 5.72 27.19 -18.40
C CYS B 152 5.18 28.36 -19.21
N VAL B 153 4.44 29.24 -18.56
CA VAL B 153 3.76 30.34 -19.25
C VAL B 153 4.67 31.56 -19.48
N SER B 154 5.67 31.73 -18.61
CA SER B 154 6.70 32.74 -18.74
C SER B 154 8.03 32.14 -18.36
N GLY B 155 9.06 32.33 -19.20
CA GLY B 155 10.39 31.79 -18.93
C GLY B 155 11.06 32.39 -17.70
N TRP B 156 12.26 31.89 -17.40
CA TRP B 156 13.06 32.42 -16.31
C TRP B 156 13.49 33.83 -16.67
N THR B 157 13.23 34.78 -15.77
CA THR B 157 13.68 36.16 -16.01
C THR B 157 15.19 36.31 -15.86
N LEU B 158 15.75 35.53 -14.94
CA LEU B 158 17.20 35.34 -14.83
C LEU B 158 17.42 33.83 -14.67
N SER B 159 18.20 33.23 -15.58
CA SER B 159 18.32 31.77 -15.60
C SER B 159 19.11 31.31 -14.38
N PRO B 160 18.73 30.17 -13.79
CA PRO B 160 19.58 29.57 -12.76
C PRO B 160 20.89 29.03 -13.33
N THR B 161 21.78 28.64 -12.44
CA THR B 161 23.08 28.08 -12.81
C THR B 161 22.96 26.72 -13.49
N THR B 162 22.04 25.89 -12.98
CA THR B 162 21.83 24.53 -13.44
C THR B 162 20.35 24.30 -13.71
N ASP B 163 20.02 23.11 -14.21
CA ASP B 163 18.64 22.68 -14.34
C ASP B 163 17.99 22.49 -12.97
N VAL B 164 16.68 22.56 -12.99
CA VAL B 164 15.86 22.54 -11.79
C VAL B 164 14.93 21.35 -11.88
N ILE B 165 14.35 20.95 -10.75
CA ILE B 165 13.30 19.95 -10.70
C ILE B 165 12.14 20.39 -9.80
N ALA B 166 10.92 20.09 -10.24
CA ALA B 166 9.70 20.31 -9.45
C ALA B 166 9.16 18.95 -9.04
N LYS B 167 9.09 18.71 -7.73
CA LYS B 167 8.48 17.48 -7.22
C LYS B 167 7.02 17.68 -6.94
N LEU B 168 6.19 16.93 -7.64
CA LEU B 168 4.76 16.92 -7.35
C LEU B 168 4.43 15.75 -6.44
N ASP B 169 3.60 15.98 -5.43
CA ASP B 169 3.20 14.94 -4.48
C ASP B 169 1.70 14.75 -4.57
N TRP B 170 1.30 13.67 -5.22
CA TRP B 170 -0.10 13.39 -5.42
C TRP B 170 -0.64 12.63 -4.23
N SER B 171 -1.66 13.19 -3.57
CA SER B 171 -2.30 12.58 -2.40
C SER B 171 -3.79 12.52 -2.62
N ILE B 172 -4.50 11.99 -1.64
CA ILE B 172 -5.95 12.00 -1.60
C ILE B 172 -6.36 12.57 -0.27
N VAL B 173 -6.90 13.78 -0.29
CA VAL B 173 -7.43 14.39 0.93
C VAL B 173 -8.87 13.95 1.15
N ASN B 174 -9.46 14.38 2.27
CA ASN B 174 -10.81 14.01 2.57
C ASN B 174 -11.87 15.05 2.54
N GLU B 175 -11.82 15.85 1.49
CA GLU B 175 -12.87 16.83 1.18
C GLU B 175 -13.91 16.16 0.28
N LYS B 176 -15.14 16.67 0.27
CA LYS B 176 -16.18 16.13 -0.63
C LYS B 176 -15.89 16.59 -2.04
N CYS B 177 -16.00 15.66 -2.98
CA CYS B 177 -15.90 15.98 -4.39
C CYS B 177 -17.19 16.65 -4.86
N GLU B 178 -17.15 17.96 -5.02
CA GLU B 178 -18.32 18.68 -5.51
C GLU B 178 -18.19 18.87 -7.02
N PRO B 179 -19.29 18.66 -7.77
CA PRO B 179 -19.26 18.79 -9.21
C PRO B 179 -19.36 20.25 -9.72
N THR B 180 -18.67 20.56 -10.84
CA THR B 180 -18.81 21.85 -11.55
C THR B 180 -19.49 21.66 -12.92
N ILE B 181 -20.78 21.98 -12.94
CA ILE B 181 -21.63 21.73 -14.07
C ILE B 181 -22.17 23.02 -14.63
N TYR B 182 -21.94 23.22 -15.92
CA TYR B 182 -22.41 24.39 -16.61
C TYR B 182 -23.78 24.08 -17.14
N HIS B 183 -24.67 25.07 -17.13
CA HIS B 183 -26.05 24.88 -17.64
C HIS B 183 -26.64 26.17 -18.16
N LEU B 184 -27.76 26.07 -18.86
CA LEU B 184 -28.25 27.16 -19.67
C LEU B 184 -29.23 28.13 -19.00
N ALA B 185 -29.21 28.20 -17.68
CA ALA B 185 -30.01 29.17 -16.96
C ALA B 185 -29.48 30.55 -17.31
N ASP B 186 -30.39 31.50 -17.54
CA ASP B 186 -30.01 32.84 -17.96
C ASP B 186 -29.40 33.62 -16.81
N CYS B 187 -30.00 33.52 -15.63
CA CYS B 187 -29.40 34.12 -14.45
C CYS B 187 -28.79 33.04 -13.56
N GLN B 188 -27.50 33.19 -13.27
CA GLN B 188 -26.75 32.26 -12.43
C GLN B 188 -25.94 33.02 -11.42
N ASN B 189 -25.77 32.42 -10.27
CA ASN B 189 -25.13 33.11 -9.22
C ASN B 189 -23.62 33.19 -9.35
N TRP B 190 -23.04 32.13 -9.89
CA TRP B 190 -21.60 32.05 -10.08
C TRP B 190 -21.32 31.17 -11.27
N LEU B 191 -20.84 31.79 -12.34
CA LEU B 191 -20.45 31.09 -13.54
C LEU B 191 -18.93 31.11 -13.55
N PRO B 192 -18.27 30.03 -13.12
CA PRO B 192 -16.80 30.00 -13.20
C PRO B 192 -16.29 29.87 -14.64
N LEU B 193 -15.10 30.37 -14.92
CA LEU B 193 -14.58 30.39 -16.29
C LEU B 193 -13.13 30.00 -16.40
N ASN B 194 -12.28 30.62 -15.59
CA ASN B 194 -10.85 30.41 -15.65
C ASN B 194 -10.34 30.67 -17.07
N ARG B 195 -10.72 31.83 -17.55
CA ARG B 195 -10.46 32.25 -18.90
C ARG B 195 -9.18 33.05 -18.84
N TRP B 196 -8.19 32.63 -19.60
CA TRP B 196 -6.91 33.34 -19.66
C TRP B 196 -7.06 34.62 -20.45
N MET B 197 -7.25 35.73 -19.75
CA MET B 197 -7.39 37.03 -20.40
C MET B 197 -6.18 37.48 -21.19
N GLY B 198 -5.01 37.00 -20.77
CA GLY B 198 -3.80 37.20 -21.54
C GLY B 198 -2.61 37.52 -20.68
N LYS B 199 -1.44 37.19 -21.21
CA LYS B 199 -0.17 37.54 -20.61
C LYS B 199 0.20 38.95 -21.07
N LEU B 200 0.55 39.81 -20.12
CA LEU B 200 0.88 41.19 -20.39
C LEU B 200 2.36 41.42 -20.20
N THR B 201 3.08 41.59 -21.30
CA THR B 201 4.48 42.00 -21.21
C THR B 201 4.58 43.52 -21.22
N PHE B 202 5.37 44.07 -20.31
CA PHE B 202 5.72 45.49 -20.28
C PHE B 202 7.24 45.57 -20.29
N PRO B 203 7.83 46.17 -21.33
CA PRO B 203 9.29 46.23 -21.36
C PRO B 203 9.83 47.21 -20.32
N GLN B 204 11.11 47.05 -19.95
CA GLN B 204 11.76 48.01 -19.05
C GLN B 204 11.94 49.34 -19.77
N GLY B 205 11.56 50.43 -19.09
CA GLY B 205 11.76 51.76 -19.65
C GLY B 205 10.81 52.81 -19.12
N VAL B 206 10.58 53.82 -19.96
CA VAL B 206 9.92 55.04 -19.55
C VAL B 206 8.59 55.30 -20.26
N THR B 207 8.25 54.50 -21.26
CA THR B 207 7.17 54.87 -22.18
C THR B 207 5.79 54.55 -21.61
N SER B 208 4.77 55.21 -22.15
CA SER B 208 3.37 54.93 -21.80
C SER B 208 2.96 53.56 -22.31
N GLU B 209 2.95 52.59 -21.40
CA GLU B 209 2.57 51.23 -21.76
C GLU B 209 1.16 50.99 -21.29
N VAL B 210 0.32 50.65 -22.25
CA VAL B 210 -1.10 50.42 -22.06
C VAL B 210 -1.45 49.13 -22.77
N ARG B 211 -2.23 48.30 -22.10
CA ARG B 211 -2.62 47.02 -22.66
C ARG B 211 -4.10 46.86 -22.45
N ARG B 212 -4.79 46.61 -23.55
CA ARG B 212 -6.23 46.40 -23.54
C ARG B 212 -6.49 44.91 -23.65
N MET B 213 -7.39 44.42 -22.81
CA MET B 213 -7.94 43.08 -22.96
C MET B 213 -9.44 43.22 -23.04
N PRO B 214 -10.04 42.77 -24.16
CA PRO B 214 -11.47 42.98 -24.34
C PRO B 214 -12.30 42.05 -23.46
N LEU B 215 -13.43 42.54 -22.98
CA LEU B 215 -14.38 41.74 -22.21
C LEU B 215 -15.44 41.05 -23.06
N SER B 216 -15.43 41.29 -24.37
CA SER B 216 -16.09 40.39 -25.32
C SER B 216 -15.24 39.14 -25.46
N ILE B 217 -15.36 38.29 -24.46
CA ILE B 217 -14.46 37.16 -24.25
C ILE B 217 -14.76 36.00 -25.16
N GLY B 218 -16.04 35.79 -25.46
CA GLY B 218 -16.49 34.64 -26.26
C GLY B 218 -15.83 34.50 -27.62
N GLY B 219 -15.97 33.29 -28.19
CA GLY B 219 -15.40 32.95 -29.50
C GLY B 219 -13.89 32.75 -29.47
N GLY B 220 -13.37 32.25 -28.35
CA GLY B 220 -11.98 31.80 -28.26
C GLY B 220 -10.89 32.84 -28.31
N ALA B 221 -9.66 32.34 -28.39
CA ALA B 221 -8.45 33.14 -28.56
C ALA B 221 -7.78 32.77 -29.91
N GLY B 222 -6.95 33.68 -30.44
CA GLY B 222 -6.37 33.54 -31.79
C GLY B 222 -5.20 32.57 -31.95
N ALA B 223 -4.88 32.28 -33.22
CA ALA B 223 -3.74 31.44 -33.63
C ALA B 223 -3.26 31.90 -35.02
N THR B 224 -3.32 31.06 -36.06
CA THR B 224 -2.84 31.45 -37.40
C THR B 224 -4.03 31.90 -38.27
N GLN B 225 -4.70 30.95 -38.92
CA GLN B 225 -6.00 31.14 -39.56
C GLN B 225 -6.95 30.24 -38.78
N ALA B 226 -6.90 30.42 -37.47
CA ALA B 226 -7.46 29.46 -36.52
C ALA B 226 -7.73 30.11 -35.19
N PHE B 227 -8.44 29.39 -34.34
CA PHE B 227 -8.68 29.84 -32.99
C PHE B 227 -8.79 28.67 -32.03
N LEU B 228 -8.52 28.96 -30.77
CA LEU B 228 -8.46 27.97 -29.71
C LEU B 228 -9.71 28.08 -28.89
N ALA B 229 -10.04 27.00 -28.17
CA ALA B 229 -11.26 26.98 -27.37
C ALA B 229 -11.18 26.16 -26.07
N ASN B 230 -11.61 26.82 -24.99
CA ASN B 230 -11.97 26.13 -23.76
C ASN B 230 -13.40 25.76 -23.92
N MET B 231 -13.88 24.96 -22.98
CA MET B 231 -15.29 24.69 -22.92
C MET B 231 -15.99 25.90 -22.30
N PRO B 232 -15.54 26.37 -21.11
CA PRO B 232 -16.31 27.44 -20.48
C PRO B 232 -16.39 28.70 -21.29
N ASN B 233 -15.35 29.03 -22.03
CA ASN B 233 -15.41 30.15 -22.94
C ASN B 233 -16.35 29.91 -24.12
N SER B 234 -16.43 28.68 -24.60
CA SER B 234 -17.42 28.33 -25.64
C SER B 234 -18.82 28.35 -25.09
N TRP B 235 -18.94 28.03 -23.81
CA TRP B 235 -20.24 28.00 -23.14
C TRP B 235 -20.82 29.37 -22.95
N ILE B 236 -19.99 30.33 -22.57
CA ILE B 236 -20.52 31.67 -22.35
C ILE B 236 -20.94 32.29 -23.68
N SER B 237 -20.29 31.91 -24.78
CA SER B 237 -20.71 32.40 -26.08
C SER B 237 -22.02 31.80 -26.60
N MET B 238 -22.62 30.86 -25.89
CA MET B 238 -24.01 30.47 -26.15
C MET B 238 -24.96 31.66 -26.14
N TRP B 239 -24.75 32.57 -25.20
CA TRP B 239 -25.57 33.77 -25.09
C TRP B 239 -25.03 34.93 -25.91
N ARG B 240 -25.90 35.85 -26.27
CA ARG B 240 -25.52 36.93 -27.12
C ARG B 240 -24.86 38.06 -26.35
N TYR B 241 -25.57 38.55 -25.33
CA TYR B 241 -25.09 39.62 -24.48
C TYR B 241 -24.97 39.07 -23.10
N PHE B 242 -24.12 39.65 -22.26
CA PHE B 242 -24.07 39.25 -20.86
C PHE B 242 -23.50 40.30 -19.95
N ARG B 243 -23.63 40.10 -18.65
CA ARG B 243 -23.05 41.01 -17.65
C ARG B 243 -22.82 40.31 -16.33
N GLY B 244 -22.13 40.99 -15.41
CA GLY B 244 -21.95 40.50 -14.05
C GLY B 244 -20.74 41.10 -13.36
N GLU B 245 -20.59 40.82 -12.08
CA GLU B 245 -19.35 41.15 -11.36
C GLU B 245 -18.24 40.26 -11.88
N LEU B 246 -17.20 40.85 -12.43
CA LEU B 246 -16.10 40.10 -12.98
C LEU B 246 -15.00 39.98 -11.95
N HIS B 247 -14.54 38.76 -11.72
CA HIS B 247 -13.50 38.48 -10.72
C HIS B 247 -12.21 38.06 -11.38
N PHE B 248 -11.35 39.02 -11.67
CA PHE B 248 -10.05 38.72 -12.23
C PHE B 248 -9.09 38.29 -11.15
N GLU B 249 -8.00 37.65 -11.56
CA GLU B 249 -6.94 37.20 -10.68
C GLU B 249 -5.65 37.50 -11.40
N VAL B 250 -5.07 38.64 -11.09
CA VAL B 250 -3.83 39.03 -11.73
C VAL B 250 -2.63 38.46 -10.96
N THR B 251 -1.69 37.87 -11.70
CA THR B 251 -0.53 37.19 -11.12
C THR B 251 0.81 37.70 -11.70
N LYS B 252 1.79 37.86 -10.82
CA LYS B 252 3.18 38.14 -11.21
C LYS B 252 3.83 36.93 -11.80
N MET B 253 4.54 37.13 -12.90
CA MET B 253 5.27 36.04 -13.57
C MET B 253 6.75 36.24 -13.69
N SER B 254 7.19 37.48 -13.56
CA SER B 254 8.58 37.82 -13.53
C SER B 254 9.11 37.62 -12.10
N SER B 255 10.36 37.95 -11.89
CA SER B 255 10.92 37.94 -10.55
C SER B 255 10.48 39.14 -9.78
N PRO B 256 10.59 39.06 -8.46
CA PRO B 256 10.49 40.20 -7.57
C PRO B 256 11.39 41.39 -7.88
N TYR B 257 12.50 41.18 -8.55
CA TYR B 257 13.40 42.29 -8.85
C TYR B 257 12.90 43.24 -9.90
N ILE B 258 12.09 42.75 -10.82
CA ILE B 258 11.48 43.62 -11.81
C ILE B 258 10.21 44.13 -11.15
N LYS B 259 10.20 45.44 -10.94
CA LYS B 259 9.20 46.09 -10.17
C LYS B 259 8.42 47.02 -11.07
N ALA B 260 7.12 47.05 -10.83
CA ALA B 260 6.22 47.92 -11.56
C ALA B 260 4.88 47.99 -10.83
N THR B 261 4.22 49.13 -11.04
CA THR B 261 2.95 49.45 -10.43
C THR B 261 1.93 49.53 -11.55
N VAL B 262 0.81 48.84 -11.42
CA VAL B 262 -0.15 48.68 -12.52
C VAL B 262 -1.56 49.10 -12.12
N THR B 263 -2.13 50.05 -12.86
CA THR B 263 -3.55 50.43 -12.69
C THR B 263 -4.39 49.57 -13.61
N PHE B 264 -5.49 49.09 -13.08
CA PHE B 264 -6.47 48.36 -13.85
C PHE B 264 -7.76 49.15 -13.87
N LEU B 265 -8.41 49.19 -15.00
CA LEU B 265 -9.69 49.87 -15.08
C LEU B 265 -10.51 49.40 -16.24
N ILE B 266 -11.81 49.52 -16.09
CA ILE B 266 -12.71 49.28 -17.18
C ILE B 266 -12.86 50.57 -17.95
N ALA B 267 -12.89 50.47 -19.27
CA ALA B 267 -13.05 51.62 -20.15
C ALA B 267 -13.20 51.12 -21.58
N PHE B 268 -13.51 52.03 -22.50
CA PHE B 268 -13.84 51.66 -23.87
C PHE B 268 -12.66 51.88 -24.80
N GLY B 269 -12.70 51.23 -25.96
CA GLY B 269 -11.53 51.14 -26.84
C GLY B 269 -10.97 52.44 -27.43
N ASN B 270 -11.84 53.42 -27.64
CA ASN B 270 -11.48 54.71 -28.25
C ASN B 270 -10.29 55.45 -27.58
N LEU B 271 -10.13 55.30 -26.27
CA LEU B 271 -9.03 55.93 -25.51
C LEU B 271 -7.68 55.52 -26.05
N SER B 272 -6.89 56.49 -26.51
CA SER B 272 -5.58 56.22 -27.12
C SER B 272 -4.52 55.96 -26.06
N ASP B 273 -3.36 55.47 -26.49
CA ASP B 273 -2.15 55.52 -25.67
C ASP B 273 -1.64 56.95 -25.79
N ALA B 274 -0.88 57.41 -24.81
CA ALA B 274 -0.56 58.85 -24.66
C ALA B 274 -1.82 59.71 -24.50
N PHE B 275 -2.78 59.18 -23.74
CA PHE B 275 -3.90 59.93 -23.17
C PHE B 275 -3.61 59.86 -21.67
N GLY B 276 -3.25 60.97 -21.07
CA GLY B 276 -2.63 60.97 -19.75
C GLY B 276 -3.54 61.04 -18.55
N PHE B 277 -4.82 60.71 -18.68
CA PHE B 277 -5.78 60.94 -17.60
C PHE B 277 -6.63 59.70 -17.34
N TYR B 278 -5.95 58.57 -17.24
CA TYR B 278 -6.61 57.31 -16.98
C TYR B 278 -7.13 57.19 -15.56
N GLU B 279 -6.54 57.94 -14.65
CA GLU B 279 -6.93 57.93 -13.25
C GLU B 279 -8.10 58.89 -12.95
N SER B 280 -8.71 59.44 -13.99
CA SER B 280 -10.03 60.04 -13.89
C SER B 280 -11.08 58.93 -13.74
N PHE B 281 -10.89 57.84 -14.47
CA PHE B 281 -11.75 56.66 -14.33
C PHE B 281 -11.56 56.03 -12.99
N PRO B 282 -12.56 55.30 -12.50
CA PRO B 282 -12.32 54.51 -11.32
C PRO B 282 -11.37 53.37 -11.65
N HIS B 283 -10.44 53.12 -10.74
CA HIS B 283 -9.37 52.18 -11.00
C HIS B 283 -8.83 51.57 -9.73
N ARG B 284 -7.95 50.61 -9.91
CA ARG B 284 -7.44 49.84 -8.84
C ARG B 284 -5.93 49.77 -9.08
N ILE B 285 -5.15 50.11 -8.06
CA ILE B 285 -3.71 50.08 -8.18
C ILE B 285 -3.23 48.74 -7.65
N VAL B 286 -2.20 48.19 -8.31
CA VAL B 286 -1.64 46.90 -7.94
C VAL B 286 -0.12 46.99 -7.88
N GLN B 287 0.38 47.17 -6.66
CA GLN B 287 1.79 46.97 -6.36
C GLN B 287 1.93 45.60 -5.77
N PHE B 288 2.98 44.90 -6.15
CA PHE B 288 3.30 43.62 -5.56
C PHE B 288 4.48 43.78 -4.62
N ALA B 289 4.40 43.13 -3.46
CA ALA B 289 5.55 42.97 -2.55
C ALA B 289 6.54 41.94 -3.14
N GLU B 290 7.61 41.64 -2.40
CA GLU B 290 8.52 40.54 -2.78
C GLU B 290 7.79 39.19 -2.69
N VAL B 291 7.07 38.99 -1.60
CA VAL B 291 6.46 37.69 -1.29
C VAL B 291 5.08 37.51 -1.96
N GLU B 292 4.29 38.57 -2.08
CA GLU B 292 2.97 38.47 -2.73
C GLU B 292 3.13 38.31 -4.25
N GLU B 293 2.26 37.50 -4.81
CA GLU B 293 2.32 37.06 -6.19
C GLU B 293 0.97 37.07 -6.91
N LYS B 294 -0.10 37.35 -6.18
CA LYS B 294 -1.46 37.06 -6.61
C LYS B 294 -2.37 38.09 -6.03
N CYS B 295 -3.26 38.64 -6.84
CA CYS B 295 -4.12 39.71 -6.36
C CYS B 295 -5.43 39.70 -7.14
N THR B 296 -6.56 39.85 -6.46
CA THR B 296 -7.88 39.73 -7.10
C THR B 296 -8.61 41.05 -7.26
N LEU B 297 -8.67 41.49 -8.50
CA LEU B 297 -9.47 42.63 -8.87
C LEU B 297 -10.88 42.12 -8.98
N VAL B 298 -11.81 42.89 -8.41
CA VAL B 298 -13.24 42.71 -8.68
C VAL B 298 -13.80 44.03 -9.23
N PHE B 299 -14.68 43.89 -10.23
CA PHE B 299 -15.36 45.00 -10.86
C PHE B 299 -16.85 44.82 -10.73
N SER B 300 -17.45 45.63 -9.87
CA SER B 300 -18.86 45.51 -9.52
C SER B 300 -19.82 45.83 -10.67
N GLN B 301 -21.11 45.71 -10.40
CA GLN B 301 -22.12 46.06 -11.39
C GLN B 301 -22.19 47.55 -11.73
N GLN B 302 -21.63 48.42 -10.90
CA GLN B 302 -21.65 49.86 -11.15
C GLN B 302 -20.62 50.27 -12.20
N GLU B 303 -19.72 49.37 -12.57
CA GLU B 303 -18.78 49.64 -13.65
C GLU B 303 -19.38 49.45 -15.05
N PHE B 304 -20.53 48.81 -15.14
CA PHE B 304 -21.16 48.52 -16.43
C PHE B 304 -22.57 49.00 -16.46
N VAL B 305 -22.94 49.71 -17.52
CA VAL B 305 -24.26 50.29 -17.59
C VAL B 305 -25.24 49.23 -18.00
N THR B 306 -24.93 48.60 -19.13
CA THR B 306 -25.75 47.57 -19.75
C THR B 306 -24.90 46.33 -19.91
N ALA B 307 -25.53 45.27 -20.37
CA ALA B 307 -24.78 44.12 -20.80
C ALA B 307 -24.05 44.47 -22.09
N TRP B 308 -23.05 43.66 -22.43
CA TRP B 308 -22.29 43.84 -23.66
C TRP B 308 -22.20 42.50 -24.35
N SER B 309 -21.78 42.53 -25.60
CA SER B 309 -21.80 41.34 -26.44
C SER B 309 -20.70 40.37 -26.08
N THR B 310 -20.98 39.08 -26.17
CA THR B 310 -19.96 38.05 -25.90
C THR B 310 -18.92 37.94 -27.01
N GLN B 311 -19.35 38.10 -28.24
CA GLN B 311 -18.44 38.06 -29.35
C GLN B 311 -18.61 39.35 -30.08
N VAL B 312 -17.55 39.79 -30.75
CA VAL B 312 -17.63 40.89 -31.69
C VAL B 312 -16.97 40.44 -32.97
N ASN B 313 -17.39 41.06 -34.07
CA ASN B 313 -16.75 40.86 -35.36
C ASN B 313 -15.24 41.13 -35.26
N PRO B 314 -14.40 40.27 -35.85
CA PRO B 314 -12.95 40.52 -35.81
C PRO B 314 -12.47 41.83 -36.43
N ARG B 315 -13.12 42.28 -37.50
CA ARG B 315 -12.66 43.47 -38.22
C ARG B 315 -13.08 44.81 -37.63
N THR B 316 -13.89 44.82 -36.56
CA THR B 316 -14.16 46.08 -35.86
C THR B 316 -12.88 46.63 -35.22
N THR B 317 -12.58 47.89 -35.51
CA THR B 317 -11.43 48.58 -34.96
C THR B 317 -11.72 49.01 -33.53
N LEU B 318 -10.69 49.44 -32.80
CA LEU B 318 -10.87 49.99 -31.44
C LEU B 318 -11.73 51.27 -31.45
N GLU B 319 -11.69 52.04 -32.53
CA GLU B 319 -12.46 53.28 -32.66
C GLU B 319 -13.97 53.07 -32.58
N ALA B 320 -14.47 52.04 -33.27
CA ALA B 320 -15.91 51.69 -33.26
C ALA B 320 -16.11 50.28 -32.69
N ASP B 321 -15.99 50.20 -31.37
CA ASP B 321 -16.22 48.96 -30.63
C ASP B 321 -16.76 49.38 -29.27
N GLY B 322 -18.05 49.20 -29.11
CA GLY B 322 -18.77 49.68 -27.95
C GLY B 322 -18.87 48.73 -26.79
N CYS B 323 -18.12 47.63 -26.80
CA CYS B 323 -18.00 46.79 -25.61
C CYS B 323 -16.83 47.31 -24.74
N PRO B 324 -16.90 47.06 -23.42
CA PRO B 324 -15.82 47.50 -22.54
C PRO B 324 -14.57 46.66 -22.65
N TYR B 325 -13.44 47.31 -22.39
CA TYR B 325 -12.15 46.66 -22.24
C TYR B 325 -11.72 46.73 -20.79
N LEU B 326 -10.74 45.91 -20.47
CA LEU B 326 -10.02 46.00 -19.22
C LEU B 326 -8.66 46.54 -19.58
N TYR B 327 -8.39 47.78 -19.19
CA TYR B 327 -7.09 48.38 -19.39
C TYR B 327 -6.14 47.96 -18.28
N ALA B 328 -4.87 47.80 -18.64
CA ALA B 328 -3.80 47.60 -17.67
C ALA B 328 -2.69 48.56 -18.06
N ILE B 329 -2.47 49.55 -17.21
CA ILE B 329 -1.62 50.69 -17.50
C ILE B 329 -0.54 50.76 -16.46
N ILE B 330 0.67 51.02 -16.93
CA ILE B 330 1.79 51.16 -16.03
C ILE B 330 1.66 52.54 -15.36
N HIS B 331 1.61 52.54 -14.04
CA HIS B 331 1.36 53.77 -13.29
C HIS B 331 2.59 54.63 -13.22
N ASP B 332 3.76 54.00 -13.11
CA ASP B 332 5.04 54.72 -13.15
C ASP B 332 5.92 54.32 -14.33
N SER B 333 6.54 53.14 -14.22
CA SER B 333 7.60 52.71 -15.13
C SER B 333 8.08 51.35 -14.68
N THR B 334 8.51 50.54 -15.62
CA THR B 334 9.03 49.23 -15.32
C THR B 334 10.52 49.37 -15.06
N THR B 335 10.95 48.84 -13.92
CA THR B 335 12.30 49.04 -13.40
C THR B 335 12.88 47.74 -12.91
N GLY B 336 14.19 47.78 -12.68
CA GLY B 336 14.90 46.68 -12.03
C GLY B 336 16.37 46.82 -12.26
N THR B 337 17.16 46.19 -11.40
CA THR B 337 18.61 46.14 -11.56
C THR B 337 19.03 45.12 -12.62
N ILE B 338 18.22 44.08 -12.78
CA ILE B 338 18.47 43.02 -13.77
C ILE B 338 17.55 43.21 -14.96
N SER B 339 18.00 42.84 -16.15
CA SER B 339 17.19 42.99 -17.34
C SER B 339 16.15 41.87 -17.40
N GLY B 340 15.04 42.15 -18.06
CA GLY B 340 13.89 41.25 -18.12
C GLY B 340 12.60 42.06 -18.09
N ASP B 341 11.57 41.57 -18.76
CA ASP B 341 10.29 42.28 -18.83
C ASP B 341 9.47 42.01 -17.59
N PHE B 342 8.52 42.91 -17.33
CA PHE B 342 7.58 42.75 -16.23
C PHE B 342 6.38 42.04 -16.75
N ASN B 343 6.40 40.73 -16.64
CA ASN B 343 5.27 39.94 -17.05
C ASN B 343 4.23 39.83 -15.96
N LEU B 344 2.99 39.71 -16.42
CA LEU B 344 1.82 39.81 -15.57
C LEU B 344 0.69 39.08 -16.24
N GLY B 345 0.06 38.16 -15.52
CA GLY B 345 -0.94 37.27 -16.11
C GLY B 345 -2.31 37.49 -15.54
N VAL B 346 -3.26 37.83 -16.40
CA VAL B 346 -4.60 38.11 -15.95
C VAL B 346 -5.47 36.94 -16.34
N LYS B 347 -6.35 36.56 -15.42
CA LYS B 347 -7.16 35.39 -15.57
C LYS B 347 -8.54 35.71 -15.00
N LEU B 348 -9.54 35.79 -15.86
CA LEU B 348 -10.93 35.95 -15.43
C LEU B 348 -11.37 34.67 -14.77
N VAL B 349 -11.54 34.72 -13.45
CA VAL B 349 -11.82 33.52 -12.68
C VAL B 349 -13.25 33.14 -12.91
N GLY B 350 -14.13 34.11 -12.74
CA GLY B 350 -15.53 33.85 -12.89
C GLY B 350 -16.37 35.09 -12.79
N ILE B 351 -17.62 34.95 -13.20
CA ILE B 351 -18.57 36.02 -13.22
C ILE B 351 -19.58 35.73 -12.15
N LYS B 352 -19.75 36.67 -11.23
CA LYS B 352 -20.72 36.56 -10.15
C LYS B 352 -21.93 37.32 -10.59
N ASP B 353 -23.09 36.84 -10.16
CA ASP B 353 -24.37 37.42 -10.55
C ASP B 353 -24.48 37.55 -12.08
N PHE B 354 -24.10 36.46 -12.75
CA PHE B 354 -24.09 36.39 -14.19
C PHE B 354 -25.49 36.50 -14.73
N CYS B 355 -25.64 37.28 -15.78
CA CYS B 355 -26.90 37.42 -16.44
C CYS B 355 -26.65 37.35 -17.93
N GLY B 356 -27.16 36.30 -18.57
CA GLY B 356 -26.92 36.02 -19.99
C GLY B 356 -28.19 36.28 -20.75
N ILE B 357 -28.10 37.11 -21.79
CA ILE B 357 -29.25 37.53 -22.54
C ILE B 357 -29.17 36.98 -23.95
N GLY B 358 -30.30 36.47 -24.42
CA GLY B 358 -30.47 36.15 -25.82
C GLY B 358 -29.91 34.82 -26.24
N SER B 359 -29.50 34.75 -27.50
CA SER B 359 -29.12 33.50 -28.11
C SER B 359 -28.19 33.76 -29.31
N ASN B 360 -26.90 33.53 -29.12
CA ASN B 360 -25.90 33.89 -30.10
C ASN B 360 -25.98 32.97 -31.30
N PRO B 361 -26.19 33.52 -32.51
CA PRO B 361 -26.05 32.75 -33.73
C PRO B 361 -24.63 32.34 -33.97
N GLY B 362 -23.71 33.23 -33.56
CA GLY B 362 -22.28 32.97 -33.60
C GLY B 362 -21.57 33.90 -34.56
N ILE B 363 -20.25 33.99 -34.43
CA ILE B 363 -19.46 34.90 -35.27
C ILE B 363 -18.29 34.30 -36.06
N ASP B 364 -17.46 33.45 -35.49
CA ASP B 364 -16.35 32.81 -36.23
C ASP B 364 -15.15 33.75 -36.42
N GLY B 365 -14.30 33.67 -35.43
CA GLY B 365 -13.09 34.48 -35.33
C GLY B 365 -12.78 34.55 -33.87
N SER B 366 -11.84 35.40 -33.48
CA SER B 366 -11.55 35.63 -32.06
C SER B 366 -11.43 37.13 -31.73
N ARG B 367 -10.28 37.75 -31.99
CA ARG B 367 -10.01 39.08 -31.39
C ARG B 367 -10.55 40.34 -32.10
N LEU B 368 -10.63 41.45 -31.34
CA LEU B 368 -11.53 42.62 -31.63
C LEU B 368 -10.86 43.98 -31.83
N GLY C 1 -46.90 20.37 -43.56
CA GLY C 1 -45.61 21.01 -44.11
C GLY C 1 -45.83 22.38 -44.74
N PRO C 2 -44.75 23.05 -45.23
CA PRO C 2 -43.36 22.55 -45.43
C PRO C 2 -42.47 22.36 -44.16
N VAL C 3 -42.65 23.22 -43.15
CA VAL C 3 -42.01 23.06 -41.83
C VAL C 3 -42.63 21.84 -41.11
N CYS C 4 -41.78 20.92 -40.65
CA CYS C 4 -42.23 19.68 -39.96
C CYS C 4 -42.62 19.86 -38.48
N ALA C 5 -43.25 18.84 -37.93
CA ALA C 5 -43.43 18.76 -36.47
C ALA C 5 -42.06 18.43 -35.84
N GLU C 6 -41.94 17.47 -34.96
CA GLU C 6 -40.63 17.19 -34.38
C GLU C 6 -40.73 15.78 -33.93
N ALA C 7 -40.05 14.89 -34.63
CA ALA C 7 -39.87 13.51 -34.16
C ALA C 7 -38.85 13.55 -33.00
N SER C 8 -38.93 12.62 -32.05
CA SER C 8 -38.10 12.71 -30.83
C SER C 8 -37.46 11.43 -30.29
N ASP C 9 -38.08 10.28 -30.49
CA ASP C 9 -37.88 9.18 -29.58
C ASP C 9 -37.03 8.12 -30.24
N VAL C 10 -36.63 7.11 -29.49
CA VAL C 10 -35.86 5.99 -30.07
C VAL C 10 -36.79 4.86 -30.56
N TYR C 11 -36.93 4.70 -31.87
CA TYR C 11 -37.73 3.64 -32.49
C TYR C 11 -36.74 2.67 -33.10
N SER C 12 -36.82 1.40 -32.72
CA SER C 12 -35.89 0.40 -33.23
C SER C 12 -36.51 -0.42 -34.35
N PRO C 13 -35.75 -0.66 -35.44
CA PRO C 13 -36.28 -1.35 -36.62
C PRO C 13 -36.36 -2.84 -36.41
N CYS C 14 -37.54 -3.37 -36.62
CA CYS C 14 -37.87 -4.73 -36.24
C CYS C 14 -37.91 -5.66 -37.42
N MET C 15 -38.57 -5.24 -38.48
CA MET C 15 -38.95 -6.14 -39.54
C MET C 15 -38.89 -5.41 -40.84
N ILE C 16 -38.00 -5.86 -41.72
CA ILE C 16 -37.94 -5.38 -43.09
C ILE C 16 -38.52 -6.44 -44.00
N ALA C 17 -39.13 -5.99 -45.10
CA ALA C 17 -39.65 -6.88 -46.11
C ALA C 17 -39.46 -6.29 -47.49
N SER C 18 -38.40 -6.70 -48.18
CA SER C 18 -38.18 -6.29 -49.58
C SER C 18 -39.11 -7.02 -50.54
N THR C 19 -39.46 -6.33 -51.62
CA THR C 19 -40.54 -6.73 -52.50
C THR C 19 -39.96 -7.64 -53.60
N PRO C 20 -40.77 -8.55 -54.19
CA PRO C 20 -40.18 -9.52 -55.13
C PRO C 20 -39.52 -8.88 -56.35
N PRO C 21 -38.41 -9.47 -56.84
CA PRO C 21 -37.66 -8.86 -57.95
C PRO C 21 -38.33 -9.04 -59.32
N ALA C 22 -37.78 -8.39 -60.35
CA ALA C 22 -38.34 -8.40 -61.72
C ALA C 22 -38.35 -9.82 -62.32
N PRO C 23 -39.29 -10.13 -63.23
CA PRO C 23 -40.27 -9.19 -63.81
C PRO C 23 -41.63 -9.09 -63.07
N PHE C 24 -41.72 -9.59 -61.83
CA PHE C 24 -42.99 -9.67 -61.09
C PHE C 24 -43.65 -8.30 -60.91
N SER C 25 -44.73 -8.08 -61.66
CA SER C 25 -45.45 -6.79 -61.70
C SER C 25 -46.76 -6.77 -60.94
N ASP C 26 -47.36 -7.93 -60.69
CA ASP C 26 -48.70 -8.06 -60.10
C ASP C 26 -48.79 -7.41 -58.70
N VAL C 27 -50.02 -7.15 -58.27
CA VAL C 27 -50.27 -6.60 -56.94
C VAL C 27 -49.97 -7.69 -55.91
N THR C 28 -49.35 -7.30 -54.81
CA THR C 28 -48.95 -8.23 -53.75
C THR C 28 -49.00 -7.57 -52.40
N ALA C 29 -48.84 -8.40 -51.38
CA ALA C 29 -48.94 -7.98 -50.01
C ALA C 29 -48.07 -8.82 -49.08
N VAL C 30 -47.98 -8.37 -47.84
CA VAL C 30 -47.18 -9.05 -46.82
C VAL C 30 -47.86 -8.79 -45.50
N THR C 31 -47.60 -9.63 -44.52
CA THR C 31 -48.19 -9.47 -43.20
C THR C 31 -47.10 -9.53 -42.16
N PHE C 32 -46.99 -8.49 -41.36
CA PHE C 32 -46.10 -8.47 -40.21
C PHE C 32 -46.90 -8.79 -38.98
N ASP C 33 -46.62 -9.94 -38.36
CA ASP C 33 -47.14 -10.23 -37.04
C ASP C 33 -46.33 -9.39 -36.05
N LEU C 34 -46.91 -8.28 -35.61
CA LEU C 34 -46.19 -7.27 -34.85
C LEU C 34 -45.70 -7.73 -33.51
N ILE C 35 -46.41 -8.67 -32.88
CA ILE C 35 -46.05 -9.12 -31.56
C ILE C 35 -45.08 -10.29 -31.63
N ASN C 36 -45.47 -11.35 -32.32
CA ASN C 36 -44.64 -12.55 -32.39
C ASN C 36 -43.45 -12.48 -33.35
N GLY C 37 -43.35 -11.38 -34.11
CA GLY C 37 -42.19 -11.16 -34.98
C GLY C 37 -42.05 -12.21 -36.07
N LYS C 38 -42.99 -12.21 -37.00
CA LYS C 38 -43.02 -13.14 -38.12
C LYS C 38 -43.51 -12.39 -39.35
N ILE C 39 -43.02 -12.79 -40.52
CA ILE C 39 -43.33 -12.10 -41.78
C ILE C 39 -43.75 -13.10 -42.84
N THR C 40 -45.07 -13.27 -42.98
CA THR C 40 -45.65 -14.18 -43.96
C THR C 40 -46.15 -13.42 -45.20
N PRO C 41 -45.44 -13.55 -46.34
CA PRO C 41 -45.94 -12.93 -47.56
C PRO C 41 -47.12 -13.70 -48.15
N VAL C 42 -47.99 -13.00 -48.86
CA VAL C 42 -49.23 -13.60 -49.35
C VAL C 42 -48.97 -14.44 -50.61
N GLY C 43 -49.68 -15.57 -50.70
CA GLY C 43 -49.52 -16.51 -51.80
C GLY C 43 -48.13 -17.14 -51.79
N ASP C 44 -47.57 -17.34 -52.98
CA ASP C 44 -46.20 -17.85 -53.15
C ASP C 44 -45.24 -16.80 -53.74
N ASP C 45 -45.40 -15.55 -53.29
CA ASP C 45 -44.55 -14.46 -53.77
C ASP C 45 -43.25 -14.46 -52.98
N ASN C 46 -42.12 -14.55 -53.67
CA ASN C 46 -40.80 -14.54 -53.00
C ASN C 46 -40.34 -13.13 -52.58
N TRP C 47 -40.93 -12.67 -51.48
CA TRP C 47 -40.45 -11.48 -50.78
C TRP C 47 -39.17 -11.84 -50.04
N ASN C 48 -38.29 -10.86 -49.89
CA ASN C 48 -37.04 -11.04 -49.16
C ASN C 48 -37.17 -10.35 -47.78
N THR C 49 -37.42 -11.15 -46.75
CA THR C 49 -37.78 -10.67 -45.41
C THR C 49 -36.64 -10.89 -44.41
N HIS C 50 -36.53 -10.02 -43.41
CA HIS C 50 -35.60 -10.21 -42.29
C HIS C 50 -36.24 -9.71 -41.02
N ILE C 51 -36.00 -10.42 -39.92
CA ILE C 51 -36.41 -9.95 -38.60
C ILE C 51 -35.16 -9.67 -37.78
N TYR C 52 -34.98 -8.42 -37.39
CA TYR C 52 -33.82 -8.00 -36.60
C TYR C 52 -34.10 -8.19 -35.13
N ASN C 53 -33.08 -8.00 -34.31
CA ASN C 53 -33.11 -8.37 -32.90
C ASN C 53 -32.80 -7.24 -31.93
N PRO C 54 -33.46 -6.09 -32.07
CA PRO C 54 -33.30 -5.05 -31.06
C PRO C 54 -34.02 -5.43 -29.79
N PRO C 55 -33.83 -4.67 -28.71
CA PRO C 55 -34.39 -5.11 -27.44
C PRO C 55 -35.91 -5.17 -27.44
N ILE C 56 -36.56 -4.24 -28.14
CA ILE C 56 -38.00 -4.30 -28.28
C ILE C 56 -38.46 -5.66 -28.81
N MET C 57 -37.87 -6.12 -29.91
CA MET C 57 -38.30 -7.35 -30.53
C MET C 57 -38.07 -8.56 -29.64
N ASN C 58 -36.93 -8.61 -28.98
CA ASN C 58 -36.61 -9.70 -28.08
C ASN C 58 -37.55 -9.78 -26.90
N VAL C 59 -38.01 -8.63 -26.42
CA VAL C 59 -39.02 -8.61 -25.38
C VAL C 59 -40.35 -9.08 -25.91
N LEU C 60 -40.75 -8.58 -27.06
CA LEU C 60 -42.04 -8.95 -27.62
C LEU C 60 -42.10 -10.43 -27.94
N ARG C 61 -40.98 -11.02 -28.32
CA ARG C 61 -40.94 -12.45 -28.63
C ARG C 61 -40.92 -13.36 -27.40
N THR C 62 -40.23 -12.93 -26.36
CA THR C 62 -40.07 -13.74 -25.17
C THR C 62 -41.14 -13.50 -24.11
N ALA C 63 -41.66 -12.28 -24.03
CA ALA C 63 -42.65 -11.97 -23.01
C ALA C 63 -43.94 -12.68 -23.32
N ALA C 64 -44.50 -13.26 -22.27
CA ALA C 64 -45.75 -13.97 -22.38
C ALA C 64 -46.88 -12.98 -22.37
N TRP C 65 -47.05 -12.31 -21.25
CA TRP C 65 -48.20 -11.48 -21.00
C TRP C 65 -47.77 -10.04 -21.17
N LYS C 66 -48.48 -9.27 -21.98
CA LYS C 66 -48.11 -7.89 -22.29
C LYS C 66 -49.25 -6.92 -22.11
N SER C 67 -48.93 -5.65 -21.88
CA SER C 67 -49.96 -4.64 -21.59
C SER C 67 -49.47 -3.25 -21.92
N GLY C 68 -50.23 -2.55 -22.75
CA GLY C 68 -50.00 -1.13 -22.97
C GLY C 68 -49.58 -0.82 -24.39
N THR C 69 -49.31 0.46 -24.60
CA THR C 69 -49.30 1.01 -25.93
C THR C 69 -47.96 0.77 -26.58
N ILE C 70 -47.97 0.39 -27.86
CA ILE C 70 -46.75 0.40 -28.66
C ILE C 70 -46.95 1.28 -29.88
N HIS C 71 -45.98 2.14 -30.12
CA HIS C 71 -45.98 3.06 -31.23
C HIS C 71 -45.21 2.43 -32.36
N VAL C 72 -45.81 2.43 -33.54
CA VAL C 72 -45.18 1.90 -34.74
C VAL C 72 -44.84 3.04 -35.67
N GLN C 73 -43.78 2.86 -36.45
CA GLN C 73 -43.46 3.73 -37.58
C GLN C 73 -43.13 2.89 -38.80
N LEU C 74 -44.07 2.82 -39.71
CA LEU C 74 -43.92 2.09 -40.93
C LEU C 74 -43.27 2.99 -41.98
N ASN C 75 -42.06 2.65 -42.39
CA ASN C 75 -41.37 3.36 -43.47
C ASN C 75 -41.45 2.57 -44.76
N VAL C 76 -41.57 3.31 -45.86
CA VAL C 76 -41.67 2.72 -47.18
C VAL C 76 -40.64 3.36 -48.07
N ARG C 77 -39.74 2.54 -48.58
CA ARG C 77 -38.90 2.88 -49.70
C ARG C 77 -39.55 2.19 -50.92
N GLY C 78 -39.51 2.75 -52.12
CA GLY C 78 -38.54 3.71 -52.55
C GLY C 78 -37.66 3.03 -53.57
N ALA C 79 -38.13 2.99 -54.82
CA ALA C 79 -37.25 2.72 -55.95
C ALA C 79 -37.00 4.06 -56.64
N GLY C 80 -35.88 4.13 -57.35
CA GLY C 80 -35.53 5.33 -58.10
C GLY C 80 -36.40 5.42 -59.34
N VAL C 81 -37.61 5.93 -59.15
CA VAL C 81 -38.61 6.05 -60.22
C VAL C 81 -39.05 7.49 -60.33
N LYS C 82 -38.93 8.02 -61.56
CA LYS C 82 -39.38 9.38 -61.92
C LYS C 82 -40.72 9.67 -61.30
N ARG C 83 -40.82 10.84 -60.70
CA ARG C 83 -41.97 11.16 -59.89
C ARG C 83 -43.26 11.20 -60.72
N ALA C 84 -43.21 11.76 -61.93
CA ALA C 84 -44.42 11.77 -62.78
C ALA C 84 -44.87 10.40 -63.30
N ASP C 85 -43.97 9.40 -63.28
CA ASP C 85 -44.31 8.02 -63.66
C ASP C 85 -44.76 7.12 -62.48
N TRP C 86 -44.74 7.65 -61.26
CA TRP C 86 -45.14 6.91 -60.07
C TRP C 86 -46.65 6.73 -60.00
N ASP C 87 -47.08 5.48 -59.90
CA ASP C 87 -48.50 5.13 -59.70
C ASP C 87 -48.75 4.15 -58.53
N GLY C 88 -47.72 3.97 -57.70
CA GLY C 88 -47.73 2.95 -56.68
C GLY C 88 -48.37 3.45 -55.41
N GLN C 89 -49.23 2.64 -54.82
CA GLN C 89 -49.83 3.00 -53.55
C GLN C 89 -49.68 1.91 -52.54
N VAL C 90 -49.89 2.28 -51.30
CA VAL C 90 -49.67 1.40 -50.19
C VAL C 90 -50.90 1.44 -49.30
N PHE C 91 -51.62 0.33 -49.23
CA PHE C 91 -52.71 0.19 -48.28
C PHE C 91 -52.21 -0.66 -47.15
N VAL C 92 -52.43 -0.21 -45.92
CA VAL C 92 -52.10 -1.03 -44.76
C VAL C 92 -53.37 -1.27 -43.95
N TYR C 93 -53.32 -2.32 -43.14
CA TYR C 93 -54.45 -2.74 -42.36
C TYR C 93 -53.99 -3.34 -41.05
N LEU C 94 -54.29 -2.72 -39.92
CA LEU C 94 -54.18 -3.46 -38.65
C LEU C 94 -55.30 -4.44 -38.58
N ARG C 95 -55.01 -5.62 -38.06
CA ARG C 95 -56.02 -6.65 -37.84
C ARG C 95 -55.73 -7.33 -36.53
N GLN C 96 -56.77 -7.87 -35.92
CA GLN C 96 -56.61 -8.67 -34.71
C GLN C 96 -56.19 -10.06 -35.15
N SER C 97 -57.01 -10.63 -36.02
CA SER C 97 -56.77 -11.96 -36.53
C SER C 97 -56.52 -11.86 -38.00
N MET C 98 -56.02 -12.96 -38.56
CA MET C 98 -55.72 -13.08 -39.97
C MET C 98 -56.76 -13.95 -40.69
N ASN C 99 -57.88 -14.23 -40.02
CA ASN C 99 -58.97 -15.01 -40.62
C ASN C 99 -59.81 -14.10 -41.53
N PRO C 100 -60.48 -14.66 -42.56
CA PRO C 100 -61.34 -13.82 -43.42
C PRO C 100 -62.48 -13.09 -42.70
N GLU C 101 -63.02 -13.68 -41.65
CA GLU C 101 -64.18 -13.15 -40.93
C GLU C 101 -63.90 -11.86 -40.16
N SER C 102 -62.71 -11.78 -39.57
CA SER C 102 -62.32 -10.64 -38.74
C SER C 102 -62.22 -9.37 -39.58
N TYR C 103 -62.53 -8.24 -38.96
CA TYR C 103 -62.42 -6.95 -39.60
C TYR C 103 -61.14 -6.26 -39.22
N ASP C 104 -60.87 -5.16 -39.92
CA ASP C 104 -59.72 -4.31 -39.64
C ASP C 104 -59.99 -3.43 -38.44
N ALA C 105 -58.92 -3.15 -37.71
CA ALA C 105 -58.96 -2.19 -36.62
C ALA C 105 -58.52 -0.82 -37.08
N ARG C 106 -57.82 -0.76 -38.21
CA ARG C 106 -57.34 0.50 -38.73
C ARG C 106 -56.95 0.32 -40.16
N THR C 107 -57.27 1.29 -40.99
CA THR C 107 -56.75 1.26 -42.33
C THR C 107 -56.09 2.60 -42.59
N PHE C 108 -54.97 2.52 -43.28
CA PHE C 108 -54.27 3.68 -43.78
C PHE C 108 -54.07 3.48 -45.24
N VAL C 109 -53.84 4.61 -45.91
CA VAL C 109 -53.77 4.63 -47.34
C VAL C 109 -52.81 5.72 -47.76
N ILE C 110 -51.71 5.31 -48.37
CA ILE C 110 -50.61 6.21 -48.69
C ILE C 110 -50.28 6.13 -50.17
N SER C 111 -50.16 7.28 -50.85
CA SER C 111 -49.65 7.32 -52.23
C SER C 111 -48.62 8.41 -52.45
N GLN C 112 -47.73 8.56 -51.47
CA GLN C 112 -46.63 9.49 -51.57
C GLN C 112 -45.52 8.86 -52.44
N PRO C 113 -44.98 9.61 -53.41
CA PRO C 113 -44.01 9.05 -54.35
C PRO C 113 -42.64 8.91 -53.77
N GLY C 114 -41.90 7.93 -54.29
CA GLY C 114 -40.67 7.46 -53.68
C GLY C 114 -40.95 6.79 -52.34
N SER C 115 -41.01 7.64 -51.32
CA SER C 115 -40.86 7.24 -49.96
C SER C 115 -42.03 7.73 -49.12
N ALA C 116 -42.18 7.15 -47.95
CA ALA C 116 -43.24 7.55 -47.04
C ALA C 116 -42.97 7.10 -45.63
N MET C 117 -43.67 7.76 -44.72
CA MET C 117 -43.64 7.41 -43.31
C MET C 117 -45.07 7.39 -42.82
N LEU C 118 -45.30 6.62 -41.76
CA LEU C 118 -46.63 6.48 -41.21
C LEU C 118 -46.54 6.11 -39.76
N ASN C 119 -46.69 7.09 -38.87
CA ASN C 119 -46.71 6.80 -37.45
C ASN C 119 -48.11 6.50 -37.02
N PHE C 120 -48.28 5.40 -36.28
CA PHE C 120 -49.50 5.15 -35.54
C PHE C 120 -49.17 4.40 -34.27
N SER C 121 -50.19 4.11 -33.47
CA SER C 121 -50.05 3.34 -32.24
C SER C 121 -51.23 2.44 -32.07
N PHE C 122 -51.11 1.54 -31.09
CA PHE C 122 -52.21 0.71 -30.67
C PHE C 122 -51.89 0.09 -29.34
N ASP C 123 -52.94 -0.09 -28.53
CA ASP C 123 -52.81 -0.60 -27.16
C ASP C 123 -53.09 -2.08 -27.16
N ILE C 124 -52.09 -2.84 -26.76
CA ILE C 124 -52.27 -4.22 -26.40
C ILE C 124 -52.95 -4.18 -25.07
N ILE C 125 -54.07 -4.86 -24.99
CA ILE C 125 -54.82 -4.93 -23.75
C ILE C 125 -55.57 -6.24 -23.78
N GLY C 126 -55.67 -6.87 -22.63
CA GLY C 126 -56.13 -8.24 -22.57
C GLY C 126 -56.92 -8.57 -21.34
N PRO C 127 -57.41 -9.80 -21.28
CA PRO C 127 -58.31 -10.21 -20.22
C PRO C 127 -57.70 -10.28 -18.84
N ASN C 128 -56.47 -10.75 -18.76
CA ASN C 128 -55.89 -11.18 -17.50
C ASN C 128 -55.26 -10.03 -16.71
N SER C 129 -56.13 -9.22 -16.13
CA SER C 129 -55.74 -7.99 -15.39
C SER C 129 -55.10 -6.96 -16.35
N GLY C 130 -55.67 -6.85 -17.55
CA GLY C 130 -55.14 -5.94 -18.57
C GLY C 130 -54.01 -6.47 -19.41
N PHE C 131 -53.65 -7.74 -19.25
CA PHE C 131 -52.56 -8.36 -20.01
C PHE C 131 -53.06 -9.33 -21.06
N GLU C 132 -52.35 -9.39 -22.18
CA GLU C 132 -52.71 -10.21 -23.30
C GLU C 132 -51.56 -11.11 -23.67
N PHE C 133 -51.81 -12.41 -23.57
CA PHE C 133 -50.94 -13.45 -24.12
C PHE C 133 -51.34 -13.50 -25.59
N ALA C 134 -50.40 -13.22 -26.47
CA ALA C 134 -50.71 -13.18 -27.88
C ALA C 134 -50.98 -14.59 -28.42
N GLU C 135 -52.12 -14.76 -29.11
CA GLU C 135 -52.50 -16.03 -29.79
C GLU C 135 -52.76 -17.22 -28.87
N SER C 136 -53.04 -16.96 -27.60
CA SER C 136 -53.37 -18.04 -26.67
C SER C 136 -54.81 -18.51 -26.94
N PRO C 137 -55.04 -19.83 -26.91
CA PRO C 137 -56.41 -20.32 -26.93
C PRO C 137 -57.27 -19.83 -25.76
N TRP C 138 -56.65 -19.56 -24.61
CA TRP C 138 -57.34 -19.01 -23.45
C TRP C 138 -58.05 -17.69 -23.74
N ALA C 139 -59.36 -17.64 -23.50
CA ALA C 139 -60.23 -16.49 -23.83
C ALA C 139 -60.27 -16.09 -25.33
N ASN C 140 -59.78 -16.95 -26.22
CA ASN C 140 -59.51 -16.61 -27.63
C ASN C 140 -58.87 -15.25 -27.83
N GLN C 141 -57.75 -15.08 -27.14
CA GLN C 141 -56.93 -13.90 -27.32
C GLN C 141 -56.26 -13.97 -28.67
N THR C 142 -55.94 -12.80 -29.21
CA THR C 142 -55.34 -12.71 -30.53
C THR C 142 -54.24 -11.67 -30.59
N THR C 143 -53.48 -11.76 -31.67
CA THR C 143 -52.32 -10.92 -31.87
C THR C 143 -52.73 -9.56 -32.41
N TRP C 144 -51.75 -8.88 -33.00
CA TRP C 144 -51.99 -7.82 -33.95
C TRP C 144 -51.12 -8.07 -35.18
N TYR C 145 -51.76 -8.17 -36.32
CA TYR C 145 -51.09 -8.25 -37.58
C TYR C 145 -51.08 -6.89 -38.24
N LEU C 146 -50.22 -6.73 -39.23
CA LEU C 146 -50.14 -5.52 -40.02
C LEU C 146 -50.00 -5.95 -41.47
N GLU C 147 -51.13 -6.17 -42.11
CA GLU C 147 -51.19 -6.46 -43.53
C GLU C 147 -50.83 -5.19 -44.28
N CYS C 148 -49.95 -5.30 -45.27
CA CYS C 148 -49.48 -4.17 -46.09
C CYS C 148 -49.49 -4.57 -47.54
N VAL C 149 -49.94 -3.68 -48.39
CA VAL C 149 -50.16 -4.01 -49.79
C VAL C 149 -49.39 -3.04 -50.66
N ALA C 150 -48.59 -3.56 -51.58
CA ALA C 150 -47.94 -2.76 -52.61
C ALA C 150 -48.69 -3.00 -53.91
N THR C 151 -49.36 -1.95 -54.41
CA THR C 151 -50.07 -2.05 -55.69
C THR C 151 -49.11 -2.14 -56.87
N ASN C 152 -47.94 -1.53 -56.73
CA ASN C 152 -46.89 -1.65 -57.72
C ASN C 152 -45.55 -2.01 -57.05
N PRO C 153 -45.22 -3.31 -57.02
CA PRO C 153 -43.96 -3.75 -56.43
C PRO C 153 -42.69 -3.41 -57.23
N ARG C 154 -42.84 -2.96 -58.48
CA ARG C 154 -41.69 -2.41 -59.24
C ARG C 154 -41.18 -1.08 -58.64
N GLN C 155 -42.10 -0.34 -58.03
CA GLN C 155 -41.82 0.98 -57.52
C GLN C 155 -41.60 0.97 -56.00
N ILE C 156 -42.42 0.25 -55.28
CA ILE C 156 -42.17 0.02 -53.86
C ILE C 156 -41.10 -1.08 -53.72
N GLN C 157 -39.93 -0.71 -53.18
CA GLN C 157 -38.85 -1.65 -52.90
C GLN C 157 -38.98 -2.40 -51.60
N GLN C 158 -39.26 -1.69 -50.51
CA GLN C 158 -39.37 -2.35 -49.21
C GLN C 158 -40.14 -1.63 -48.12
N PHE C 159 -40.73 -2.44 -47.26
CA PHE C 159 -41.36 -1.99 -46.04
C PHE C 159 -40.41 -2.16 -44.89
N GLU C 160 -40.76 -1.51 -43.80
CA GLU C 160 -39.92 -1.45 -42.66
C GLU C 160 -40.73 -1.00 -41.47
N VAL C 161 -40.77 -1.82 -40.45
CA VAL C 161 -41.61 -1.57 -39.29
C VAL C 161 -40.73 -1.28 -38.10
N ASN C 162 -40.70 -0.02 -37.67
CA ASN C 162 -40.01 0.36 -36.45
C ASN C 162 -40.99 0.46 -35.32
N MET C 163 -40.55 0.15 -34.10
CA MET C 163 -41.42 0.12 -32.93
C MET C 163 -40.80 0.68 -31.69
N ARG C 164 -41.65 1.03 -30.75
CA ARG C 164 -41.25 1.63 -29.51
C ARG C 164 -42.31 1.44 -28.46
N PHE C 165 -41.91 1.07 -27.26
CA PHE C 165 -42.85 1.00 -26.16
C PHE C 165 -43.15 2.38 -25.65
N ASP C 166 -44.42 2.65 -25.42
CA ASP C 166 -44.82 3.75 -24.56
C ASP C 166 -44.35 3.41 -23.15
N PRO C 167 -43.99 4.41 -22.33
CA PRO C 167 -43.59 4.14 -20.94
C PRO C 167 -44.57 3.33 -20.07
N ASN C 168 -45.86 3.34 -20.41
CA ASN C 168 -46.85 2.51 -19.71
C ASN C 168 -46.76 1.00 -19.89
N PHE C 169 -45.84 0.55 -20.74
CA PHE C 169 -45.80 -0.84 -21.15
C PHE C 169 -45.31 -1.73 -20.02
N ARG C 170 -45.83 -2.95 -20.00
CA ARG C 170 -45.62 -3.89 -18.91
C ARG C 170 -45.68 -5.27 -19.41
N VAL C 171 -44.75 -6.11 -18.99
CA VAL C 171 -44.82 -7.50 -19.32
C VAL C 171 -44.78 -8.35 -18.09
N ALA C 172 -45.03 -9.64 -18.28
CA ALA C 172 -44.81 -10.65 -17.26
C ALA C 172 -44.70 -12.01 -17.93
N GLY C 173 -43.95 -12.90 -17.29
CA GLY C 173 -43.85 -14.27 -17.75
C GLY C 173 -42.93 -14.41 -18.93
N ASN C 174 -42.39 -15.61 -19.06
CA ASN C 174 -41.36 -15.91 -20.03
C ASN C 174 -41.90 -16.98 -20.95
N ILE C 175 -41.42 -16.97 -22.19
CA ILE C 175 -41.65 -18.04 -23.13
C ILE C 175 -40.30 -18.62 -23.54
N LEU C 176 -40.24 -19.93 -23.66
CA LEU C 176 -39.03 -20.59 -24.13
C LEU C 176 -38.99 -20.49 -25.63
N MET C 177 -38.17 -19.58 -26.13
CA MET C 177 -38.01 -19.42 -27.55
C MET C 177 -36.78 -20.20 -28.00
N PRO C 178 -36.74 -20.60 -29.29
CA PRO C 178 -35.54 -21.19 -29.87
C PRO C 178 -34.41 -20.15 -30.02
N PRO C 179 -33.21 -20.61 -30.37
CA PRO C 179 -32.14 -19.65 -30.60
C PRO C 179 -32.46 -18.69 -31.77
N PHE C 180 -32.41 -17.38 -31.50
CA PHE C 180 -32.63 -16.37 -32.53
C PHE C 180 -31.37 -16.26 -33.38
N PRO C 181 -31.47 -16.42 -34.71
CA PRO C 181 -30.29 -16.20 -35.56
C PRO C 181 -29.87 -14.74 -35.59
N LEU C 182 -28.57 -14.50 -35.80
CA LEU C 182 -28.03 -13.14 -35.84
C LEU C 182 -28.14 -12.53 -37.22
N SER C 183 -29.33 -12.06 -37.59
CA SER C 183 -29.45 -11.24 -38.81
C SER C 183 -29.11 -9.79 -38.45
N THR C 184 -28.28 -9.17 -39.29
CA THR C 184 -27.91 -7.76 -39.11
C THR C 184 -28.38 -6.88 -40.28
N GLU C 185 -28.75 -5.62 -39.98
CA GLU C 185 -29.16 -4.64 -41.01
C GLU C 185 -28.01 -4.34 -41.97
N THR C 186 -28.19 -4.66 -43.26
CA THR C 186 -27.21 -4.34 -44.30
C THR C 186 -27.39 -2.86 -44.70
N PRO C 187 -26.55 -1.93 -44.15
CA PRO C 187 -26.89 -0.50 -44.35
C PRO C 187 -26.61 -0.05 -45.80
N PRO C 188 -27.37 0.93 -46.33
CA PRO C 188 -27.24 1.23 -47.77
C PRO C 188 -26.03 2.15 -48.10
N LEU C 189 -25.13 1.68 -48.96
CA LEU C 189 -23.96 2.49 -49.44
C LEU C 189 -24.44 3.66 -50.32
N MET D 1 -86.76 -37.07 4.39
CA MET D 1 -87.41 -35.72 4.21
C MET D 1 -86.89 -34.88 3.02
N GLU D 2 -87.78 -34.05 2.47
CA GLU D 2 -87.49 -33.14 1.36
C GLU D 2 -86.78 -31.88 1.82
N GLN D 3 -86.06 -31.25 0.90
CA GLN D 3 -85.42 -29.95 1.14
C GLN D 3 -85.35 -29.19 -0.17
N ASN D 4 -85.24 -27.87 -0.09
CA ASN D 4 -85.11 -27.05 -1.29
C ASN D 4 -83.69 -27.15 -1.84
N LEU D 5 -83.56 -27.77 -3.02
CA LEU D 5 -82.26 -28.09 -3.59
C LEU D 5 -81.53 -26.91 -4.16
N PHE D 6 -82.26 -25.87 -4.55
CA PHE D 6 -81.67 -24.65 -5.06
C PHE D 6 -80.83 -23.95 -3.99
N ALA D 7 -81.23 -24.07 -2.73
CA ALA D 7 -80.57 -23.34 -1.66
C ALA D 7 -79.50 -24.14 -0.91
N LEU D 8 -79.06 -25.24 -1.47
CA LEU D 8 -77.93 -25.97 -0.87
C LEU D 8 -76.60 -25.33 -1.23
N SER D 9 -75.54 -25.77 -0.57
CA SER D 9 -74.20 -25.20 -0.76
C SER D 9 -73.44 -25.97 -1.84
N LEU D 10 -74.05 -26.07 -3.03
CA LEU D 10 -73.43 -26.79 -4.12
C LEU D 10 -72.73 -25.84 -5.07
N ASP D 11 -72.88 -24.52 -4.87
CA ASP D 11 -72.13 -23.53 -5.64
C ASP D 11 -71.03 -22.94 -4.77
N ASP D 12 -70.27 -23.85 -4.16
CA ASP D 12 -69.13 -23.52 -3.32
C ASP D 12 -67.92 -23.22 -4.20
N THR D 13 -67.59 -21.94 -4.32
CA THR D 13 -66.44 -21.48 -5.11
C THR D 13 -65.19 -21.22 -4.25
N SER D 14 -65.05 -21.96 -3.16
CA SER D 14 -63.84 -21.92 -2.33
C SER D 14 -62.64 -22.35 -3.12
N SER D 15 -61.47 -21.84 -2.75
CA SER D 15 -60.21 -22.38 -3.27
C SER D 15 -59.94 -23.74 -2.62
N VAL D 16 -58.96 -24.43 -3.16
CA VAL D 16 -58.50 -25.70 -2.58
C VAL D 16 -57.73 -25.33 -1.32
N ARG D 17 -57.98 -26.04 -0.23
CA ARG D 17 -57.36 -25.73 1.04
C ARG D 17 -57.45 -26.89 2.03
N GLY D 18 -56.55 -26.88 3.01
CA GLY D 18 -56.48 -27.91 4.06
C GLY D 18 -55.03 -28.17 4.44
N SER D 19 -54.74 -29.41 4.84
CA SER D 19 -53.37 -29.83 5.13
C SER D 19 -52.62 -30.08 3.84
N LEU D 20 -51.35 -30.48 3.93
CA LEU D 20 -50.57 -30.83 2.74
C LEU D 20 -50.99 -32.16 2.15
N LEU D 21 -51.72 -32.99 2.90
CA LEU D 21 -52.25 -34.23 2.38
C LEU D 21 -53.44 -33.98 1.47
N ASP D 22 -54.32 -33.09 1.92
CA ASP D 22 -55.61 -32.85 1.28
C ASP D 22 -55.57 -31.83 0.17
N THR D 23 -54.39 -31.25 -0.05
CA THR D 23 -54.13 -30.35 -1.17
C THR D 23 -53.17 -30.94 -2.22
N LYS D 24 -52.56 -32.08 -1.94
CA LYS D 24 -51.75 -32.79 -2.92
C LYS D 24 -52.63 -33.14 -4.11
N PHE D 25 -52.14 -32.88 -5.31
CA PHE D 25 -52.89 -33.23 -6.51
C PHE D 25 -52.17 -34.03 -7.55
N ALA D 26 -50.85 -34.14 -7.48
CA ALA D 26 -50.13 -35.07 -8.34
C ALA D 26 -48.74 -35.38 -7.85
N GLN D 27 -48.27 -36.55 -8.24
CA GLN D 27 -46.89 -36.93 -8.07
C GLN D 27 -46.33 -37.29 -9.38
N THR D 28 -45.07 -36.95 -9.58
CA THR D 28 -44.41 -37.13 -10.86
C THR D 28 -43.08 -37.85 -10.66
N ARG D 29 -42.77 -38.73 -11.59
CA ARG D 29 -41.63 -39.62 -11.50
C ARG D 29 -40.61 -39.32 -12.58
N VAL D 30 -39.54 -38.65 -12.17
CA VAL D 30 -38.46 -38.30 -13.09
C VAL D 30 -37.35 -39.34 -13.01
N LEU D 31 -36.88 -39.82 -14.15
CA LEU D 31 -35.76 -40.78 -14.21
C LEU D 31 -34.41 -40.09 -14.49
N LEU D 32 -33.48 -40.18 -13.55
CA LEU D 32 -32.12 -39.67 -13.75
C LEU D 32 -31.21 -40.83 -14.13
N SER D 33 -30.74 -40.81 -15.36
CA SER D 33 -29.85 -41.84 -15.88
C SER D 33 -28.54 -41.95 -15.10
N LYS D 34 -28.04 -43.19 -14.99
CA LYS D 34 -26.77 -43.47 -14.32
C LYS D 34 -25.62 -42.59 -14.86
N ALA D 35 -25.58 -42.43 -16.18
CA ALA D 35 -24.62 -41.54 -16.85
C ALA D 35 -25.33 -40.44 -17.64
N MET D 36 -25.77 -39.40 -16.92
CA MET D 36 -26.38 -38.21 -17.53
C MET D 36 -25.37 -37.07 -17.65
N ALA D 37 -25.53 -36.29 -18.72
CA ALA D 37 -24.67 -35.14 -19.02
C ALA D 37 -25.31 -33.82 -18.55
N GLY D 38 -24.53 -32.74 -18.63
CA GLY D 38 -25.03 -31.38 -18.45
C GLY D 38 -25.86 -30.98 -19.67
N GLY D 39 -26.86 -30.12 -19.47
CA GLY D 39 -27.76 -29.72 -20.56
C GLY D 39 -28.54 -30.90 -21.11
N ASP D 40 -29.29 -31.53 -20.23
CA ASP D 40 -29.93 -32.80 -20.50
C ASP D 40 -31.36 -32.84 -19.95
N VAL D 41 -32.34 -32.72 -20.84
CA VAL D 41 -33.76 -32.74 -20.44
C VAL D 41 -34.17 -34.07 -19.84
N LEU D 42 -34.57 -34.01 -18.59
CA LEU D 42 -34.99 -35.19 -17.87
C LEU D 42 -36.49 -35.32 -18.02
N LEU D 43 -37.19 -34.25 -17.70
CA LEU D 43 -38.61 -34.17 -17.93
C LEU D 43 -38.91 -32.88 -18.61
N ASP D 44 -39.91 -32.93 -19.48
CA ASP D 44 -40.39 -31.75 -20.15
C ASP D 44 -41.81 -32.02 -20.62
N GLU D 45 -42.78 -31.58 -19.83
CA GLU D 45 -44.18 -31.70 -20.19
C GLU D 45 -44.97 -30.48 -19.74
N TYR D 46 -46.17 -30.34 -20.29
CA TYR D 46 -47.08 -29.30 -19.87
C TYR D 46 -47.49 -29.52 -18.42
N LEU D 47 -47.61 -28.45 -17.66
CA LEU D 47 -47.96 -28.54 -16.25
C LEU D 47 -49.34 -29.17 -16.00
N TYR D 48 -50.26 -29.05 -16.95
CA TYR D 48 -51.55 -29.73 -16.81
C TYR D 48 -51.45 -31.22 -17.09
N ASP D 49 -50.54 -31.66 -17.96
CA ASP D 49 -50.34 -33.10 -18.21
C ASP D 49 -49.69 -33.88 -17.05
N VAL D 50 -49.18 -33.15 -16.06
CA VAL D 50 -48.75 -33.72 -14.77
C VAL D 50 -49.90 -34.46 -14.13
N VAL D 51 -51.07 -33.83 -14.12
CA VAL D 51 -52.23 -34.34 -13.39
C VAL D 51 -53.03 -35.45 -14.13
N ASN D 52 -52.57 -35.88 -15.30
CA ASN D 52 -53.24 -36.95 -16.04
C ASN D 52 -52.93 -38.31 -15.43
N GLY D 53 -53.98 -39.08 -15.16
CA GLY D 53 -53.87 -40.40 -14.55
C GLY D 53 -53.54 -40.32 -13.08
N GLN D 54 -54.19 -39.40 -12.37
CA GLN D 54 -53.92 -39.17 -10.95
C GLN D 54 -55.17 -39.25 -10.10
N ASP D 55 -54.96 -39.62 -8.83
CA ASP D 55 -56.03 -40.00 -7.91
C ASP D 55 -55.60 -39.69 -6.48
N PHE D 56 -55.23 -38.45 -6.23
CA PHE D 56 -54.91 -37.95 -4.89
C PHE D 56 -56.08 -37.13 -4.41
N ARG D 57 -56.00 -36.67 -3.16
CA ARG D 57 -57.16 -36.08 -2.51
C ARG D 57 -57.70 -34.82 -3.17
N ALA D 58 -56.82 -33.96 -3.64
CA ALA D 58 -57.21 -32.70 -4.25
C ALA D 58 -57.14 -32.71 -5.76
N THR D 59 -57.07 -33.88 -6.38
CA THR D 59 -56.93 -33.97 -7.83
C THR D 59 -58.19 -33.50 -8.52
N VAL D 60 -59.33 -34.00 -8.08
CA VAL D 60 -60.59 -33.57 -8.63
C VAL D 60 -60.96 -32.16 -8.20
N ALA D 61 -60.62 -31.77 -6.99
CA ALA D 61 -60.86 -30.39 -6.59
C ALA D 61 -60.05 -29.41 -7.46
N PHE D 62 -58.80 -29.76 -7.75
CA PHE D 62 -57.89 -28.93 -8.55
C PHE D 62 -58.42 -28.68 -9.94
N LEU D 63 -58.86 -29.75 -10.60
CA LEU D 63 -59.38 -29.65 -11.95
C LEU D 63 -60.67 -28.86 -12.09
N ARG D 64 -61.49 -28.87 -11.05
CA ARG D 64 -62.85 -28.39 -11.15
C ARG D 64 -63.08 -27.06 -10.46
N THR D 65 -62.14 -26.63 -9.62
CA THR D 65 -62.23 -25.35 -8.95
C THR D 65 -61.90 -24.28 -9.97
N HIS D 66 -62.85 -23.38 -10.16
CA HIS D 66 -62.72 -22.36 -11.17
C HIS D 66 -61.65 -21.34 -10.89
N VAL D 67 -61.46 -21.00 -9.61
CA VAL D 67 -60.44 -20.06 -9.20
C VAL D 67 -59.65 -20.63 -8.04
N ILE D 68 -58.35 -20.43 -8.08
CA ILE D 68 -57.48 -20.89 -7.03
C ILE D 68 -56.63 -19.71 -6.65
N THR D 69 -56.76 -19.27 -5.41
CA THR D 69 -55.98 -18.14 -4.92
C THR D 69 -54.64 -18.53 -4.32
N GLY D 70 -54.46 -19.82 -4.03
CA GLY D 70 -53.20 -20.35 -3.51
C GLY D 70 -52.10 -20.65 -4.55
N LYS D 71 -50.85 -20.64 -4.10
CA LYS D 71 -49.72 -21.03 -4.94
C LYS D 71 -49.62 -22.52 -5.06
N ILE D 72 -48.84 -22.95 -6.03
CA ILE D 72 -48.49 -24.35 -6.18
C ILE D 72 -47.16 -24.61 -5.49
N LYS D 73 -47.14 -25.47 -4.48
CA LYS D 73 -45.87 -25.94 -3.95
C LYS D 73 -45.50 -27.21 -4.66
N VAL D 74 -44.24 -27.31 -5.07
CA VAL D 74 -43.68 -28.56 -5.58
C VAL D 74 -42.49 -28.88 -4.72
N THR D 75 -42.42 -30.13 -4.24
CA THR D 75 -41.27 -30.63 -3.47
C THR D 75 -40.68 -31.84 -4.16
N ALA D 76 -39.36 -31.94 -4.12
CA ALA D 76 -38.66 -32.97 -4.82
C ALA D 76 -37.81 -33.73 -3.82
N THR D 77 -38.15 -34.99 -3.59
CA THR D 77 -37.51 -35.82 -2.58
C THR D 77 -36.42 -36.74 -3.16
N THR D 78 -35.39 -36.20 -3.77
CA THR D 78 -34.34 -36.99 -4.39
C THR D 78 -33.10 -36.89 -3.56
N ASN D 79 -32.43 -38.01 -3.38
CA ASN D 79 -31.20 -37.99 -2.62
C ASN D 79 -30.13 -38.90 -3.21
N ILE D 80 -28.90 -38.67 -2.76
CA ILE D 80 -27.76 -39.46 -3.17
C ILE D 80 -26.67 -39.31 -2.09
N SER D 81 -25.77 -40.28 -2.01
CA SER D 81 -24.62 -40.24 -1.09
C SER D 81 -23.80 -38.96 -1.21
N ASP D 82 -23.27 -38.48 -0.07
CA ASP D 82 -22.45 -37.26 -0.06
C ASP D 82 -21.26 -37.37 -1.01
N ASN D 83 -20.68 -38.56 -1.10
CA ASN D 83 -19.70 -38.91 -2.12
C ASN D 83 -19.94 -38.24 -3.48
N SER D 84 -21.17 -38.31 -3.98
CA SER D 84 -21.54 -37.74 -5.29
C SER D 84 -22.46 -36.54 -5.15
N GLY D 85 -22.82 -36.00 -6.30
CA GLY D 85 -23.69 -34.85 -6.36
C GLY D 85 -23.81 -34.44 -7.80
N CYS D 86 -24.88 -33.70 -8.07
CA CYS D 86 -25.14 -33.15 -9.39
C CYS D 86 -25.92 -31.87 -9.17
N CYS D 87 -26.47 -31.30 -10.22
CA CYS D 87 -27.33 -30.14 -10.02
C CYS D 87 -28.49 -30.24 -10.96
N LEU D 88 -29.66 -30.42 -10.35
CA LEU D 88 -30.93 -30.44 -11.05
C LEU D 88 -31.53 -29.07 -10.97
N MET D 89 -32.35 -28.73 -11.96
CA MET D 89 -33.10 -27.50 -11.92
C MET D 89 -34.48 -27.70 -12.50
N LEU D 90 -35.48 -27.60 -11.65
CA LEU D 90 -36.87 -27.64 -12.07
C LEU D 90 -37.29 -26.22 -12.35
N ALA D 91 -38.11 -26.03 -13.38
CA ALA D 91 -38.44 -24.68 -13.83
C ALA D 91 -39.70 -24.54 -14.67
N ILE D 92 -40.48 -23.52 -14.30
CA ILE D 92 -41.81 -23.29 -14.85
C ILE D 92 -41.78 -22.04 -15.70
N ASN D 93 -42.28 -22.15 -16.92
CA ASN D 93 -42.28 -21.06 -17.90
C ASN D 93 -43.64 -20.93 -18.49
N SER D 94 -44.07 -19.71 -18.75
CA SER D 94 -45.46 -19.47 -19.12
C SER D 94 -45.85 -20.00 -20.49
N GLY D 95 -44.89 -20.35 -21.35
CA GLY D 95 -45.24 -21.01 -22.59
C GLY D 95 -44.09 -21.50 -23.42
N VAL D 96 -44.34 -21.76 -24.71
CA VAL D 96 -43.35 -22.33 -25.62
C VAL D 96 -43.50 -21.79 -27.06
N ARG D 97 -42.47 -21.97 -27.88
CA ARG D 97 -42.59 -21.91 -29.34
C ARG D 97 -41.72 -23.01 -29.98
N GLY D 98 -42.19 -23.57 -31.09
CA GLY D 98 -41.59 -24.77 -31.70
C GLY D 98 -40.07 -24.87 -31.73
N LYS D 99 -39.55 -26.08 -31.42
CA LYS D 99 -38.11 -26.42 -31.48
C LYS D 99 -37.28 -25.58 -30.50
N TYR D 100 -37.76 -25.49 -29.27
CA TYR D 100 -37.23 -24.56 -28.28
C TYR D 100 -35.92 -25.00 -27.68
N SER D 101 -35.17 -24.01 -27.18
CA SER D 101 -33.91 -24.24 -26.45
C SER D 101 -34.22 -24.61 -25.02
N THR D 102 -33.54 -25.65 -24.54
CA THR D 102 -33.61 -26.06 -23.14
C THR D 102 -32.24 -25.92 -22.46
N ASP D 103 -31.51 -24.88 -22.81
CA ASP D 103 -30.33 -24.51 -22.05
C ASP D 103 -30.77 -23.88 -20.75
N VAL D 104 -30.12 -24.26 -19.66
CA VAL D 104 -30.32 -23.65 -18.34
C VAL D 104 -30.52 -22.13 -18.39
N TYR D 105 -29.76 -21.45 -19.25
CA TYR D 105 -29.86 -20.01 -19.35
C TYR D 105 -31.29 -19.58 -19.63
N THR D 106 -31.83 -20.09 -20.74
CA THR D 106 -33.19 -19.82 -21.23
C THR D 106 -34.30 -20.04 -20.18
N ILE D 107 -34.18 -21.15 -19.49
CA ILE D 107 -35.21 -21.67 -18.63
C ILE D 107 -35.36 -20.90 -17.31
N CYS D 108 -34.27 -20.80 -16.57
CA CYS D 108 -34.28 -20.35 -15.16
C CYS D 108 -35.11 -19.12 -14.81
N SER D 109 -35.06 -18.11 -15.64
CA SER D 109 -35.93 -16.94 -15.51
C SER D 109 -37.33 -17.38 -15.13
N GLN D 110 -38.06 -16.47 -14.57
CA GLN D 110 -39.41 -16.71 -14.11
C GLN D 110 -39.40 -17.47 -12.78
N ASP D 111 -39.56 -18.79 -12.74
CA ASP D 111 -39.81 -19.52 -11.48
C ASP D 111 -39.10 -20.88 -11.48
N SER D 112 -38.17 -21.06 -10.56
CA SER D 112 -37.30 -22.23 -10.57
C SER D 112 -36.69 -22.52 -9.22
N MET D 113 -36.45 -23.79 -8.98
CA MET D 113 -35.64 -24.21 -7.86
C MET D 113 -34.40 -24.84 -8.49
N THR D 114 -33.27 -24.65 -7.83
CA THR D 114 -32.04 -25.34 -8.20
C THR D 114 -31.53 -26.00 -6.94
N TRP D 115 -31.22 -27.28 -7.01
CA TRP D 115 -30.66 -27.95 -5.85
C TRP D 115 -29.70 -29.07 -6.23
N ASN D 116 -28.85 -29.40 -5.27
CA ASN D 116 -27.87 -30.46 -5.37
C ASN D 116 -28.34 -31.57 -4.46
N PRO D 117 -28.75 -32.72 -5.02
CA PRO D 117 -29.19 -33.82 -4.20
C PRO D 117 -28.15 -34.29 -3.16
N GLY D 118 -26.88 -34.24 -3.52
CA GLY D 118 -25.77 -34.58 -2.62
C GLY D 118 -25.78 -33.92 -1.26
N CYS D 119 -26.27 -32.68 -1.20
CA CYS D 119 -26.28 -31.89 0.01
C CYS D 119 -27.68 -31.77 0.65
N LYS D 120 -28.67 -31.49 -0.18
CA LYS D 120 -30.05 -31.26 0.26
C LYS D 120 -30.88 -32.52 0.07
N LYS D 121 -31.45 -33.01 1.16
CA LYS D 121 -32.23 -34.24 1.15
C LYS D 121 -33.45 -34.09 0.25
N ASN D 122 -34.16 -32.99 0.45
CA ASN D 122 -35.30 -32.63 -0.36
C ASN D 122 -35.26 -31.14 -0.62
N PHE D 123 -36.10 -30.67 -1.53
CA PHE D 123 -36.13 -29.26 -1.87
C PHE D 123 -37.51 -28.90 -2.34
N SER D 124 -38.09 -27.86 -1.76
CA SER D 124 -39.44 -27.40 -2.09
C SER D 124 -39.45 -25.93 -2.50
N PHE D 125 -40.42 -25.56 -3.32
CA PHE D 125 -40.58 -24.16 -3.67
C PHE D 125 -41.95 -23.89 -4.21
N THR D 126 -42.48 -22.74 -3.85
CA THR D 126 -43.82 -22.33 -4.25
C THR D 126 -43.70 -21.39 -5.42
N PHE D 127 -44.79 -21.31 -6.19
CA PHE D 127 -44.85 -20.41 -7.31
C PHE D 127 -46.27 -20.20 -7.79
N ASN D 128 -46.41 -19.15 -8.58
CA ASN D 128 -47.67 -18.76 -9.13
C ASN D 128 -47.63 -18.96 -10.64
N PRO D 129 -48.45 -19.86 -11.18
CA PRO D 129 -48.39 -20.16 -12.61
C PRO D 129 -49.01 -19.08 -13.53
N ASN D 130 -49.78 -18.17 -12.94
CA ASN D 130 -50.18 -16.95 -13.63
C ASN D 130 -49.39 -15.80 -13.06
N PRO D 131 -48.39 -15.33 -13.80
CA PRO D 131 -47.48 -14.36 -13.23
C PRO D 131 -47.98 -12.91 -13.15
N CYS D 132 -49.16 -12.59 -13.69
CA CYS D 132 -49.69 -11.20 -13.67
C CYS D 132 -51.09 -11.10 -13.06
N GLY D 133 -51.31 -11.88 -12.01
CA GLY D 133 -52.58 -11.83 -11.28
C GLY D 133 -52.53 -12.63 -10.01
N ASP D 134 -53.61 -12.51 -9.24
CA ASP D 134 -53.73 -13.15 -7.94
C ASP D 134 -54.34 -14.54 -7.99
N SER D 135 -54.60 -15.08 -9.18
CA SER D 135 -55.41 -16.27 -9.28
C SER D 135 -55.18 -16.99 -10.57
N TRP D 136 -55.62 -18.22 -10.61
CA TRP D 136 -55.41 -19.06 -11.77
C TRP D 136 -56.34 -20.26 -11.66
N SER D 137 -56.26 -21.15 -12.64
CA SER D 137 -57.05 -22.37 -12.60
C SER D 137 -56.39 -23.46 -13.38
N ALA D 138 -56.94 -24.64 -13.25
CA ALA D 138 -56.49 -25.74 -14.05
C ALA D 138 -56.79 -25.52 -15.53
N GLU D 139 -57.94 -24.94 -15.83
CA GLU D 139 -58.29 -24.68 -17.21
C GLU D 139 -57.44 -23.57 -17.82
N MET D 140 -57.00 -22.63 -16.98
CA MET D 140 -56.11 -21.58 -17.47
C MET D 140 -54.78 -22.18 -17.93
N ILE D 141 -54.16 -22.99 -17.07
CA ILE D 141 -52.83 -23.54 -17.38
C ILE D 141 -52.81 -24.65 -18.43
N SER D 142 -53.95 -25.28 -18.70
CA SER D 142 -54.03 -26.30 -19.76
C SER D 142 -54.00 -25.66 -21.14
N ARG D 143 -54.77 -24.59 -21.26
CA ARG D 143 -54.91 -23.87 -22.51
C ARG D 143 -53.81 -22.83 -22.75
N SER D 144 -53.31 -22.23 -21.65
CA SER D 144 -52.15 -21.34 -21.72
C SER D 144 -50.85 -22.08 -22.02
N ARG D 145 -50.83 -23.41 -21.84
CA ARG D 145 -49.67 -24.25 -22.17
C ARG D 145 -48.50 -23.95 -21.26
N VAL D 146 -48.74 -23.83 -19.95
CA VAL D 146 -47.68 -23.61 -18.99
C VAL D 146 -46.84 -24.86 -19.00
N ARG D 147 -45.54 -24.67 -18.95
CA ARG D 147 -44.60 -25.70 -19.28
C ARG D 147 -43.63 -25.87 -18.12
N MET D 148 -43.57 -27.10 -17.61
CA MET D 148 -42.64 -27.47 -16.58
C MET D 148 -41.50 -28.23 -17.22
N THR D 149 -40.28 -27.91 -16.78
CA THR D 149 -39.06 -28.45 -17.38
C THR D 149 -38.07 -28.75 -16.27
N VAL D 150 -37.63 -30.00 -16.20
CA VAL D 150 -36.52 -30.40 -15.33
C VAL D 150 -35.31 -30.69 -16.21
N ILE D 151 -34.18 -30.17 -15.78
CA ILE D 151 -32.97 -30.17 -16.56
C ILE D 151 -31.85 -30.51 -15.59
N CYS D 152 -30.82 -31.18 -16.09
CA CYS D 152 -29.62 -31.46 -15.32
C CYS D 152 -28.52 -30.53 -15.82
N VAL D 153 -28.13 -29.58 -14.98
CA VAL D 153 -27.17 -28.54 -15.39
C VAL D 153 -25.71 -28.99 -15.27
N SER D 154 -25.46 -29.93 -14.36
CA SER D 154 -24.15 -30.57 -14.19
C SER D 154 -24.37 -32.04 -13.93
N GLY D 155 -23.65 -32.90 -14.65
CA GLY D 155 -23.77 -34.34 -14.50
C GLY D 155 -23.32 -34.86 -13.13
N TRP D 156 -23.46 -36.17 -12.94
CA TRP D 156 -22.98 -36.81 -11.71
C TRP D 156 -21.47 -36.73 -11.69
N THR D 157 -20.92 -36.23 -10.59
CA THR D 157 -19.45 -36.20 -10.45
C THR D 157 -18.86 -37.58 -10.21
N LEU D 158 -19.62 -38.41 -9.50
CA LEU D 158 -19.35 -39.84 -9.41
C LEU D 158 -20.69 -40.55 -9.63
N SER D 159 -20.75 -41.43 -10.64
CA SER D 159 -22.03 -42.02 -11.03
C SER D 159 -22.50 -42.99 -9.94
N PRO D 160 -23.82 -43.04 -9.68
CA PRO D 160 -24.34 -44.08 -8.82
C PRO D 160 -24.26 -45.46 -9.46
N THR D 161 -24.55 -46.49 -8.67
CA THR D 161 -24.54 -47.87 -9.13
C THR D 161 -25.65 -48.16 -10.14
N THR D 162 -26.83 -47.59 -9.88
CA THR D 162 -28.03 -47.80 -10.70
C THR D 162 -28.65 -46.47 -11.06
N ASP D 163 -29.72 -46.52 -11.85
CA ASP D 163 -30.53 -45.34 -12.14
C ASP D 163 -31.25 -44.87 -10.89
N VAL D 164 -31.63 -43.60 -10.93
CA VAL D 164 -32.21 -42.91 -9.79
C VAL D 164 -33.57 -42.41 -10.23
N ILE D 165 -34.41 -42.05 -9.24
CA ILE D 165 -35.68 -41.39 -9.49
C ILE D 165 -35.88 -40.19 -8.54
N ALA D 166 -36.43 -39.12 -9.09
CA ALA D 166 -36.85 -37.94 -8.31
C ALA D 166 -38.36 -37.89 -8.27
N LYS D 167 -38.94 -37.97 -7.08
CA LYS D 167 -40.39 -37.83 -6.92
C LYS D 167 -40.75 -36.41 -6.64
N LEU D 168 -41.53 -35.82 -7.54
CA LEU D 168 -42.08 -34.49 -7.31
C LEU D 168 -43.48 -34.62 -6.74
N ASP D 169 -43.81 -33.80 -5.74
CA ASP D 169 -45.12 -33.81 -5.10
C ASP D 169 -45.77 -32.46 -5.28
N TRP D 170 -46.71 -32.39 -6.20
CA TRP D 170 -47.37 -31.15 -6.51
C TRP D 170 -48.54 -30.95 -5.57
N SER D 171 -48.54 -29.85 -4.83
CA SER D 171 -49.60 -29.51 -3.89
C SER D 171 -50.07 -28.10 -4.15
N ILE D 172 -51.04 -27.67 -3.36
CA ILE D 172 -51.51 -26.29 -3.38
C ILE D 172 -51.47 -25.79 -1.96
N VAL D 173 -50.55 -24.89 -1.67
CA VAL D 173 -50.48 -24.26 -0.36
C VAL D 173 -51.39 -23.05 -0.30
N ASN D 174 -51.49 -22.43 0.87
CA ASN D 174 -52.34 -21.28 1.02
C ASN D 174 -51.73 -19.93 1.23
N GLU D 175 -50.72 -19.67 0.41
CA GLU D 175 -50.10 -18.34 0.33
C GLU D 175 -50.83 -17.53 -0.73
N LYS D 176 -50.76 -16.20 -0.66
CA LYS D 176 -51.35 -15.35 -1.70
C LYS D 176 -50.49 -15.40 -2.94
N CYS D 177 -51.14 -15.53 -4.09
CA CYS D 177 -50.45 -15.46 -5.37
C CYS D 177 -50.15 -13.99 -5.68
N GLU D 178 -48.90 -13.59 -5.50
CA GLU D 178 -48.50 -12.23 -5.83
C GLU D 178 -47.91 -12.20 -7.24
N PRO D 179 -48.27 -11.19 -8.04
CA PRO D 179 -47.77 -11.10 -9.41
C PRO D 179 -46.35 -10.51 -9.53
N THR D 180 -45.57 -11.00 -10.50
CA THR D 180 -44.24 -10.40 -10.87
C THR D 180 -44.30 -9.75 -12.25
N ILE D 181 -44.42 -8.44 -12.23
CA ILE D 181 -44.65 -7.64 -13.42
C ILE D 181 -43.50 -6.69 -13.65
N TYR D 182 -42.92 -6.76 -14.82
CA TYR D 182 -41.83 -5.91 -15.21
C TYR D 182 -42.43 -4.68 -15.85
N HIS D 183 -41.82 -3.52 -15.62
CA HIS D 183 -42.32 -2.25 -16.21
C HIS D 183 -41.20 -1.26 -16.40
N LEU D 184 -41.50 -0.19 -17.14
CA LEU D 184 -40.46 0.68 -17.65
C LEU D 184 -40.07 1.87 -16.78
N ALA D 185 -40.33 1.80 -15.48
CA ALA D 185 -39.88 2.84 -14.56
C ALA D 185 -38.37 2.81 -14.54
N ASP D 186 -37.75 3.99 -14.54
CA ASP D 186 -36.30 4.10 -14.59
C ASP D 186 -35.67 3.71 -13.27
N CYS D 187 -36.25 4.17 -12.16
CA CYS D 187 -35.82 3.74 -10.85
C CYS D 187 -36.82 2.75 -10.25
N GLN D 188 -36.34 1.57 -9.89
CA GLN D 188 -37.15 0.52 -9.30
C GLN D 188 -36.45 -0.05 -8.10
N ASN D 189 -37.23 -0.48 -7.14
CA ASN D 189 -36.66 -0.92 -5.93
C ASN D 189 -36.06 -2.31 -5.98
N TRP D 190 -36.69 -3.16 -6.76
CA TRP D 190 -36.25 -4.54 -6.91
C TRP D 190 -36.65 -5.02 -8.29
N LEU D 191 -35.67 -5.22 -9.14
CA LEU D 191 -35.88 -5.74 -10.46
C LEU D 191 -35.35 -7.17 -10.42
N PRO D 192 -36.23 -8.17 -10.26
CA PRO D 192 -35.77 -9.57 -10.30
C PRO D 192 -35.35 -10.01 -11.70
N LEU D 193 -34.43 -10.96 -11.80
CA LEU D 193 -33.89 -11.38 -13.11
C LEU D 193 -33.74 -12.87 -13.27
N ASN D 194 -33.11 -13.50 -12.30
CA ASN D 194 -32.82 -14.93 -12.37
C ASN D 194 -32.05 -15.24 -13.65
N ARG D 195 -31.00 -14.47 -13.84
CA ARG D 195 -30.19 -14.52 -15.02
C ARG D 195 -29.05 -15.46 -14.72
N TRP D 196 -28.91 -16.50 -15.53
CA TRP D 196 -27.84 -17.46 -15.35
C TRP D 196 -26.52 -16.87 -15.80
N MET D 197 -25.74 -16.37 -14.84
CA MET D 197 -24.45 -15.77 -15.14
C MET D 197 -23.46 -16.74 -15.75
N GLY D 198 -23.60 -18.02 -15.43
CA GLY D 198 -22.83 -19.05 -16.09
C GLY D 198 -22.37 -20.12 -15.13
N LYS D 199 -22.15 -21.30 -15.69
CA LYS D 199 -21.56 -22.42 -14.98
C LYS D 199 -20.05 -22.29 -15.06
N LEU D 200 -19.39 -22.39 -13.91
CA LEU D 200 -17.95 -22.24 -13.79
C LEU D 200 -17.32 -23.58 -13.51
N THR D 201 -16.64 -24.13 -14.50
CA THR D 201 -15.84 -25.34 -14.26
C THR D 201 -14.41 -24.92 -13.88
N PHE D 202 -13.89 -25.54 -12.83
CA PHE D 202 -12.50 -25.41 -12.43
C PHE D 202 -11.92 -26.83 -12.37
N PRO D 203 -10.92 -27.14 -13.21
CA PRO D 203 -10.37 -28.49 -13.16
C PRO D 203 -9.57 -28.74 -11.89
N GLN D 204 -9.38 -30.02 -11.54
CA GLN D 204 -8.52 -30.37 -10.40
C GLN D 204 -7.08 -30.06 -10.75
N GLY D 205 -6.39 -29.40 -9.83
CA GLY D 205 -4.96 -29.13 -10.01
C GLY D 205 -4.44 -27.91 -9.27
N VAL D 206 -3.40 -27.32 -9.83
CA VAL D 206 -2.60 -26.32 -9.13
C VAL D 206 -2.62 -24.94 -9.80
N THR D 207 -3.21 -24.84 -10.98
CA THR D 207 -3.00 -23.64 -11.82
C THR D 207 -3.88 -22.47 -11.38
N SER D 208 -3.48 -21.26 -11.77
CA SER D 208 -4.28 -20.04 -11.54
C SER D 208 -5.52 -20.08 -12.40
N GLU D 209 -6.64 -20.43 -11.78
CA GLU D 209 -7.92 -20.50 -12.48
C GLU D 209 -8.72 -19.28 -12.14
N VAL D 210 -9.06 -18.54 -13.19
CA VAL D 210 -9.79 -17.28 -13.09
C VAL D 210 -10.89 -17.33 -14.13
N ARG D 211 -12.07 -16.90 -13.73
CA ARG D 211 -13.22 -16.92 -14.60
C ARG D 211 -13.91 -15.59 -14.49
N ARG D 212 -14.08 -14.94 -15.64
CA ARG D 212 -14.75 -13.67 -15.74
C ARG D 212 -16.16 -13.89 -16.22
N MET D 213 -17.12 -13.25 -15.58
CA MET D 213 -18.48 -13.15 -16.08
C MET D 213 -18.82 -11.68 -16.18
N PRO D 214 -19.15 -11.21 -17.38
CA PRO D 214 -19.38 -9.78 -17.55
C PRO D 214 -20.71 -9.35 -16.96
N LEU D 215 -20.76 -8.14 -16.42
CA LEU D 215 -22.00 -7.55 -15.91
C LEU D 215 -22.76 -6.73 -16.95
N SER D 216 -22.21 -6.58 -18.14
CA SER D 216 -23.00 -6.20 -19.31
C SER D 216 -23.82 -7.40 -19.74
N ILE D 217 -24.89 -7.63 -18.99
CA ILE D 217 -25.67 -8.85 -19.06
C ILE D 217 -26.60 -8.90 -20.24
N GLY D 218 -27.13 -7.74 -20.63
CA GLY D 218 -28.12 -7.64 -21.71
C GLY D 218 -27.69 -8.23 -23.04
N GLY D 219 -28.70 -8.45 -23.90
CA GLY D 219 -28.49 -9.04 -25.23
C GLY D 219 -28.19 -10.54 -25.22
N GLY D 220 -28.75 -11.24 -24.25
CA GLY D 220 -28.73 -12.70 -24.23
C GLY D 220 -27.41 -13.40 -23.98
N ALA D 221 -27.44 -14.72 -24.15
CA ALA D 221 -26.27 -15.60 -24.06
C ALA D 221 -26.05 -16.28 -25.43
N GLY D 222 -24.82 -16.73 -25.69
CA GLY D 222 -24.41 -17.25 -27.01
C GLY D 222 -24.87 -18.66 -27.39
N ALA D 223 -24.71 -18.98 -28.67
CA ALA D 223 -25.00 -20.31 -29.24
C ALA D 223 -24.08 -20.53 -30.45
N THR D 224 -24.59 -20.71 -31.67
CA THR D 224 -23.74 -20.96 -32.86
C THR D 224 -23.50 -19.64 -33.61
N GLN D 225 -24.42 -19.28 -34.50
CA GLN D 225 -24.50 -17.95 -35.12
C GLN D 225 -25.83 -17.39 -34.63
N ALA D 226 -25.99 -17.44 -33.31
CA ALA D 226 -27.29 -17.29 -32.66
C ALA D 226 -27.13 -16.89 -31.22
N PHE D 227 -28.23 -16.51 -30.60
CA PHE D 227 -28.23 -16.20 -29.19
C PHE D 227 -29.58 -16.53 -28.57
N LEU D 228 -29.55 -16.76 -27.27
CA LEU D 228 -30.70 -17.20 -26.50
C LEU D 228 -31.22 -16.02 -25.71
N ALA D 229 -32.49 -16.10 -25.31
CA ALA D 229 -33.11 -15.00 -24.59
C ALA D 229 -34.15 -15.42 -23.54
N ASN D 230 -33.97 -14.87 -22.33
CA ASN D 230 -35.03 -14.81 -21.33
C ASN D 230 -35.79 -13.56 -21.63
N MET D 231 -36.91 -13.42 -20.95
CA MET D 231 -37.63 -12.19 -21.00
C MET D 231 -36.93 -11.16 -20.12
N PRO D 232 -36.65 -11.50 -18.83
CA PRO D 232 -36.08 -10.47 -17.98
C PRO D 232 -34.75 -9.94 -18.44
N ASN D 233 -33.93 -10.77 -19.03
CA ASN D 233 -32.70 -10.30 -19.61
C ASN D 233 -32.92 -9.43 -20.85
N SER D 234 -33.95 -9.71 -21.65
CA SER D 234 -34.32 -8.85 -22.77
C SER D 234 -34.92 -7.55 -22.27
N TRP D 235 -35.57 -7.60 -21.12
CA TRP D 235 -36.19 -6.43 -20.54
C TRP D 235 -35.17 -5.45 -20.02
N ILE D 236 -34.12 -5.94 -19.37
CA ILE D 236 -33.14 -5.01 -18.83
C ILE D 236 -32.37 -4.34 -19.97
N SER D 237 -32.23 -5.01 -21.10
CA SER D 237 -31.59 -4.40 -22.25
C SER D 237 -32.44 -3.32 -22.95
N MET D 238 -33.68 -3.10 -22.53
CA MET D 238 -34.42 -1.90 -22.93
C MET D 238 -33.65 -0.61 -22.64
N TRP D 239 -32.99 -0.56 -21.48
CA TRP D 239 -32.18 0.60 -21.09
C TRP D 239 -30.75 0.50 -21.58
N ARG D 240 -30.11 1.64 -21.72
CA ARG D 240 -28.78 1.69 -22.25
C ARG D 240 -27.74 1.38 -21.18
N TYR D 241 -27.78 2.15 -20.10
CA TYR D 241 -26.85 2.01 -18.99
C TYR D 241 -27.67 1.64 -17.79
N PHE D 242 -27.08 0.97 -16.81
CA PHE D 242 -27.78 0.72 -15.55
C PHE D 242 -26.86 0.48 -14.39
N ARG D 243 -27.42 0.45 -13.18
CA ARG D 243 -26.66 0.16 -11.97
C ARG D 243 -27.55 -0.36 -10.87
N GLY D 244 -26.94 -0.85 -9.79
CA GLY D 244 -27.67 -1.25 -8.59
C GLY D 244 -26.91 -2.23 -7.74
N GLU D 245 -27.43 -2.54 -6.55
CA GLU D 245 -26.90 -3.65 -5.74
C GLU D 245 -27.23 -4.94 -6.43
N LEU D 246 -26.21 -5.70 -6.78
CA LEU D 246 -26.38 -6.96 -7.47
C LEU D 246 -26.40 -8.09 -6.47
N HIS D 247 -27.42 -8.96 -6.54
CA HIS D 247 -27.59 -10.07 -5.61
C HIS D 247 -27.38 -11.39 -6.32
N PHE D 248 -26.14 -11.86 -6.32
CA PHE D 248 -25.86 -13.17 -6.91
C PHE D 248 -26.20 -14.28 -5.93
N GLU D 249 -26.32 -15.47 -6.47
CA GLU D 249 -26.62 -16.67 -5.69
C GLU D 249 -25.74 -17.77 -6.27
N VAL D 250 -24.58 -17.96 -5.67
CA VAL D 250 -23.66 -18.97 -6.14
C VAL D 250 -23.98 -20.33 -5.50
N THR D 251 -24.02 -21.36 -6.34
CA THR D 251 -24.41 -22.71 -5.93
C THR D 251 -23.36 -23.77 -6.30
N LYS D 252 -23.12 -24.70 -5.38
CA LYS D 252 -22.30 -25.89 -5.64
C LYS D 252 -23.04 -26.87 -6.51
N MET D 253 -22.35 -27.42 -7.49
CA MET D 253 -22.93 -28.42 -8.40
C MET D 253 -22.24 -29.75 -8.42
N SER D 254 -21.00 -29.77 -7.96
CA SER D 254 -20.24 -30.98 -7.79
C SER D 254 -20.61 -31.62 -6.45
N SER D 255 -19.95 -32.71 -6.11
CA SER D 255 -20.12 -33.31 -4.81
C SER D 255 -19.36 -32.55 -3.77
N PRO D 256 -19.74 -32.74 -2.51
CA PRO D 256 -18.96 -32.33 -1.35
C PRO D 256 -17.50 -32.78 -1.33
N TYR D 257 -17.16 -33.86 -2.00
CA TYR D 257 -15.78 -34.33 -1.97
C TYR D 257 -14.81 -33.50 -2.75
N ILE D 258 -15.29 -32.84 -3.80
CA ILE D 258 -14.45 -31.92 -4.54
C ILE D 258 -14.56 -30.60 -3.82
N LYS D 259 -13.42 -30.18 -3.29
CA LYS D 259 -13.35 -29.06 -2.39
C LYS D 259 -12.54 -27.98 -3.06
N ALA D 260 -13.00 -26.74 -2.86
CA ALA D 260 -12.32 -25.58 -3.36
C ALA D 260 -12.87 -24.32 -2.69
N THR D 261 -12.01 -23.32 -2.62
CA THR D 261 -12.28 -22.06 -1.98
C THR D 261 -12.25 -21.01 -3.09
N VAL D 262 -13.30 -20.18 -3.17
CA VAL D 262 -13.48 -19.26 -4.30
C VAL D 262 -13.66 -17.82 -3.86
N THR D 263 -12.79 -16.93 -4.35
CA THR D 263 -12.95 -15.49 -4.13
C THR D 263 -13.77 -14.91 -5.26
N PHE D 264 -14.70 -14.05 -4.92
CA PHE D 264 -15.49 -13.32 -5.88
C PHE D 264 -15.20 -11.87 -5.73
N LEU D 265 -15.08 -11.16 -6.84
CA LEU D 265 -14.86 -9.72 -6.78
C LEU D 265 -15.26 -9.05 -8.05
N ILE D 266 -15.62 -7.78 -7.92
CA ILE D 266 -15.86 -6.95 -9.06
C ILE D 266 -14.54 -6.34 -9.47
N ALA D 267 -14.31 -6.28 -10.78
CA ALA D 267 -13.08 -5.70 -11.34
C ALA D 267 -13.22 -5.65 -12.85
N PHE D 268 -12.27 -5.01 -13.51
CA PHE D 268 -12.37 -4.74 -14.95
C PHE D 268 -11.55 -5.73 -15.74
N GLY D 269 -11.86 -5.85 -17.03
CA GLY D 269 -11.34 -6.94 -17.88
C GLY D 269 -9.82 -7.01 -18.09
N ASN D 270 -9.15 -5.86 -18.07
CA ASN D 270 -7.70 -5.75 -18.31
C ASN D 270 -6.81 -6.66 -17.45
N LEU D 271 -7.24 -6.94 -16.21
CA LEU D 271 -6.49 -7.81 -15.28
C LEU D 271 -6.29 -9.20 -15.87
N SER D 272 -5.02 -9.59 -16.03
CA SER D 272 -4.69 -10.89 -16.65
C SER D 272 -4.84 -12.03 -15.66
N ASP D 273 -4.80 -13.27 -16.17
CA ASP D 273 -4.58 -14.44 -15.32
C ASP D 273 -3.07 -14.45 -15.05
N ALA D 274 -2.65 -15.07 -13.95
CA ALA D 274 -1.27 -14.92 -13.44
C ALA D 274 -0.94 -13.45 -13.09
N PHE D 275 -1.93 -12.76 -12.53
CA PHE D 275 -1.76 -11.49 -11.82
C PHE D 275 -2.11 -11.86 -10.39
N GLY D 276 -1.12 -11.88 -9.51
CA GLY D 276 -1.26 -12.54 -8.22
C GLY D 276 -1.80 -11.72 -7.06
N PHE D 277 -2.48 -10.61 -7.33
CA PHE D 277 -2.87 -9.70 -6.24
C PHE D 277 -4.34 -9.30 -6.34
N TYR D 278 -5.17 -10.32 -6.51
CA TYR D 278 -6.60 -10.13 -6.61
C TYR D 278 -7.24 -9.74 -5.27
N GLU D 279 -6.58 -10.10 -4.19
CA GLU D 279 -7.08 -9.83 -2.85
C GLU D 279 -6.66 -8.42 -2.35
N SER D 280 -6.10 -7.61 -3.24
CA SER D 280 -6.02 -6.17 -3.04
C SER D 280 -7.40 -5.55 -3.20
N PHE D 281 -8.16 -6.05 -4.18
CA PHE D 281 -9.54 -5.63 -4.39
C PHE D 281 -10.40 -6.08 -3.23
N PRO D 282 -11.52 -5.40 -2.99
CA PRO D 282 -12.45 -5.94 -2.05
C PRO D 282 -13.10 -7.19 -2.62
N HIS D 283 -13.24 -8.20 -1.79
CA HIS D 283 -13.68 -9.51 -2.23
C HIS D 283 -14.39 -10.28 -1.15
N ARG D 284 -14.93 -11.42 -1.54
CA ARG D 284 -15.73 -12.21 -0.70
C ARG D 284 -15.24 -13.63 -0.89
N ILE D 285 -14.93 -14.32 0.20
CA ILE D 285 -14.46 -15.69 0.14
C ILE D 285 -15.66 -16.60 0.31
N VAL D 286 -15.65 -17.72 -0.43
CA VAL D 286 -16.74 -18.68 -0.39
C VAL D 286 -16.17 -20.09 -0.26
N GLN D 287 -16.17 -20.58 0.97
CA GLN D 287 -15.95 -21.99 1.26
C GLN D 287 -17.31 -22.59 1.49
N PHE D 288 -17.49 -23.80 0.98
CA PHE D 288 -18.71 -24.54 1.24
C PHE D 288 -18.41 -25.67 2.22
N ALA D 289 -19.32 -25.86 3.17
CA ALA D 289 -19.32 -27.05 4.04
C ALA D 289 -19.80 -28.28 3.24
N GLU D 290 -19.90 -29.43 3.90
CA GLU D 290 -20.50 -30.61 3.29
C GLU D 290 -21.99 -30.38 3.00
N VAL D 291 -22.69 -29.82 3.98
CA VAL D 291 -24.15 -29.68 3.93
C VAL D 291 -24.60 -28.41 3.19
N GLU D 292 -23.87 -27.31 3.33
CA GLU D 292 -24.21 -26.07 2.63
C GLU D 292 -23.92 -26.18 1.13
N GLU D 293 -24.81 -25.59 0.35
CA GLU D 293 -24.84 -25.72 -1.09
C GLU D 293 -25.09 -24.40 -1.83
N LYS D 294 -25.37 -23.34 -1.09
CA LYS D 294 -25.98 -22.12 -1.63
C LYS D 294 -25.48 -20.96 -0.82
N CYS D 295 -25.07 -19.90 -1.49
CA CYS D 295 -24.50 -18.77 -0.80
C CYS D 295 -24.73 -17.49 -1.59
N THR D 296 -25.14 -16.41 -0.93
CA THR D 296 -25.52 -15.16 -1.61
C THR D 296 -24.51 -14.04 -1.45
N LEU D 297 -23.82 -13.77 -2.55
CA LEU D 297 -22.95 -12.64 -2.64
C LEU D 297 -23.85 -11.45 -2.91
N VAL D 298 -23.60 -10.35 -2.20
CA VAL D 298 -24.17 -9.05 -2.55
C VAL D 298 -23.02 -8.07 -2.77
N PHE D 299 -23.18 -7.23 -3.79
CA PHE D 299 -22.22 -6.19 -4.14
C PHE D 299 -22.90 -4.85 -4.11
N SER D 300 -22.58 -4.06 -3.08
CA SER D 300 -23.25 -2.79 -2.82
C SER D 300 -22.98 -1.72 -3.89
N GLN D 301 -23.57 -0.55 -3.70
CA GLN D 301 -23.34 0.58 -4.59
C GLN D 301 -21.91 1.13 -4.55
N GLN D 302 -21.15 0.84 -3.50
CA GLN D 302 -19.78 1.34 -3.37
C GLN D 302 -18.80 0.57 -4.25
N GLU D 303 -19.24 -0.56 -4.81
CA GLU D 303 -18.41 -1.30 -5.75
C GLU D 303 -18.42 -0.72 -7.16
N PHE D 304 -19.37 0.17 -7.46
CA PHE D 304 -19.50 0.73 -8.81
C PHE D 304 -19.52 2.23 -8.75
N VAL D 305 -18.73 2.86 -9.61
CA VAL D 305 -18.61 4.31 -9.57
C VAL D 305 -19.80 4.91 -10.27
N THR D 306 -19.99 4.47 -11.51
CA THR D 306 -21.03 4.95 -12.40
C THR D 306 -21.85 3.75 -12.85
N ALA D 307 -22.90 4.03 -13.59
CA ALA D 307 -23.60 2.97 -14.28
C ALA D 307 -22.71 2.46 -15.41
N TRP D 308 -23.03 1.28 -15.90
CA TRP D 308 -22.31 0.69 -17.02
C TRP D 308 -23.32 0.20 -18.03
N SER D 309 -22.85 -0.12 -19.22
CA SER D 309 -23.72 -0.44 -20.34
C SER D 309 -24.34 -1.82 -20.20
N THR D 310 -25.58 -1.96 -20.63
CA THR D 310 -26.25 -3.28 -20.60
C THR D 310 -25.74 -4.23 -21.66
N GLN D 311 -25.42 -3.70 -22.83
CA GLN D 311 -24.86 -4.53 -23.88
C GLN D 311 -23.56 -3.90 -24.25
N VAL D 312 -22.66 -4.73 -24.76
CA VAL D 312 -21.44 -4.24 -25.39
C VAL D 312 -21.31 -4.93 -26.72
N ASN D 313 -20.60 -4.28 -27.64
CA ASN D 313 -20.25 -4.87 -28.91
C ASN D 313 -19.54 -6.22 -28.69
N PRO D 314 -19.89 -7.26 -29.47
CA PRO D 314 -19.20 -8.54 -29.31
C PRO D 314 -17.69 -8.54 -29.57
N ARG D 315 -17.22 -7.72 -30.50
CA ARG D 315 -15.80 -7.74 -30.88
C ARG D 315 -14.88 -6.94 -29.97
N THR D 316 -15.40 -6.23 -28.96
CA THR D 316 -14.51 -5.60 -27.97
C THR D 316 -13.76 -6.67 -27.18
N THR D 317 -12.44 -6.53 -27.12
CA THR D 317 -11.57 -7.42 -26.37
C THR D 317 -11.64 -7.08 -24.88
N LEU D 318 -11.10 -7.96 -24.04
CA LEU D 318 -11.00 -7.68 -22.60
C LEU D 318 -10.12 -6.46 -22.30
N GLU D 319 -9.14 -6.19 -23.16
CA GLU D 319 -8.22 -5.04 -22.97
C GLU D 319 -8.92 -3.69 -23.01
N ALA D 320 -9.86 -3.52 -23.95
CA ALA D 320 -10.65 -2.27 -24.08
C ALA D 320 -12.14 -2.57 -23.88
N ASP D 321 -12.51 -2.77 -22.63
CA ASP D 321 -13.89 -3.01 -22.23
C ASP D 321 -14.04 -2.44 -20.84
N GLY D 322 -14.67 -1.28 -20.77
CA GLY D 322 -14.75 -0.50 -19.56
C GLY D 322 -15.95 -0.79 -18.68
N CYS D 323 -16.70 -1.85 -18.95
CA CYS D 323 -17.72 -2.30 -18.02
C CYS D 323 -17.09 -3.29 -17.00
N PRO D 324 -17.67 -3.39 -15.79
CA PRO D 324 -17.13 -4.29 -14.80
C PRO D 324 -17.47 -5.75 -15.08
N TYR D 325 -16.57 -6.62 -14.63
CA TYR D 325 -16.78 -8.06 -14.61
C TYR D 325 -16.94 -8.52 -13.17
N LEU D 326 -17.45 -9.74 -13.04
CA LEU D 326 -17.45 -10.45 -11.79
C LEU D 326 -16.42 -11.54 -11.95
N TYR D 327 -15.30 -11.41 -11.24
CA TYR D 327 -14.28 -12.44 -11.25
C TYR D 327 -14.63 -13.52 -10.25
N ALA D 328 -14.26 -14.76 -10.59
CA ALA D 328 -14.34 -15.89 -9.68
C ALA D 328 -13.00 -16.60 -9.77
N ILE D 329 -12.24 -16.53 -8.69
CA ILE D 329 -10.86 -16.95 -8.65
C ILE D 329 -10.70 -18.00 -7.59
N ILE D 330 -9.95 -19.04 -7.93
CA ILE D 330 -9.68 -20.10 -7.01
C ILE D 330 -8.65 -19.57 -6.00
N HIS D 331 -8.99 -19.59 -4.72
CA HIS D 331 -8.16 -18.99 -3.69
C HIS D 331 -6.97 -19.89 -3.38
N ASP D 332 -7.19 -21.20 -3.39
CA ASP D 332 -6.10 -22.18 -3.20
C ASP D 332 -5.89 -23.07 -4.42
N SER D 333 -6.77 -24.04 -4.59
CA SER D 333 -6.59 -25.13 -5.54
C SER D 333 -7.80 -26.05 -5.44
N THR D 334 -8.15 -26.67 -6.54
CA THR D 334 -9.25 -27.60 -6.57
C THR D 334 -8.70 -28.98 -6.23
N THR D 335 -9.34 -29.63 -5.26
CA THR D 335 -8.83 -30.85 -4.66
C THR D 335 -9.95 -31.86 -4.50
N GLY D 336 -9.55 -33.09 -4.22
CA GLY D 336 -10.49 -34.14 -3.86
C GLY D 336 -9.82 -35.49 -4.01
N THR D 337 -10.35 -36.48 -3.31
CA THR D 337 -9.88 -37.85 -3.43
C THR D 337 -10.39 -38.52 -4.69
N ILE D 338 -11.57 -38.09 -5.15
CA ILE D 338 -12.20 -38.62 -6.37
C ILE D 338 -12.03 -37.62 -7.49
N SER D 339 -11.92 -38.11 -8.72
CA SER D 339 -11.75 -37.22 -9.88
C SER D 339 -13.10 -36.61 -10.24
N GLY D 340 -13.04 -35.43 -10.85
CA GLY D 340 -14.22 -34.63 -11.17
C GLY D 340 -13.92 -33.15 -10.97
N ASP D 341 -14.53 -32.29 -11.79
CA ASP D 341 -14.29 -30.86 -11.71
C ASP D 341 -15.11 -30.23 -10.61
N PHE D 342 -14.66 -29.06 -10.16
CA PHE D 342 -15.39 -28.29 -9.17
C PHE D 342 -16.31 -27.36 -9.88
N ASN D 343 -17.52 -27.81 -10.12
CA ASN D 343 -18.50 -26.96 -10.76
C ASN D 343 -19.22 -26.08 -9.77
N LEU D 344 -19.62 -24.92 -10.27
CA LEU D 344 -20.12 -23.84 -9.47
C LEU D 344 -20.99 -22.96 -10.34
N GLY D 345 -22.22 -22.71 -9.90
CA GLY D 345 -23.21 -22.02 -10.73
C GLY D 345 -23.60 -20.69 -10.17
N VAL D 346 -23.38 -19.64 -10.94
CA VAL D 346 -23.68 -18.31 -10.48
C VAL D 346 -24.94 -17.84 -11.18
N LYS D 347 -25.80 -17.20 -10.42
CA LYS D 347 -27.10 -16.79 -10.89
C LYS D 347 -27.40 -15.42 -10.30
N LEU D 348 -27.44 -14.39 -11.14
CA LEU D 348 -27.86 -13.06 -10.73
C LEU D 348 -29.33 -13.10 -10.43
N VAL D 349 -29.67 -13.00 -9.15
CA VAL D 349 -31.06 -13.15 -8.74
C VAL D 349 -31.82 -11.91 -9.09
N GLY D 350 -31.26 -10.78 -8.72
CA GLY D 350 -31.92 -9.53 -8.96
C GLY D 350 -31.09 -8.35 -8.59
N ILE D 351 -31.53 -7.19 -9.06
CA ILE D 351 -30.85 -5.94 -8.83
C ILE D 351 -31.72 -5.14 -7.90
N LYS D 352 -31.15 -4.73 -6.78
CA LYS D 352 -31.84 -3.91 -5.80
C LYS D 352 -31.43 -2.49 -6.06
N ASP D 353 -32.36 -1.57 -5.81
CA ASP D 353 -32.16 -0.15 -6.08
C ASP D 353 -31.69 0.07 -7.53
N PHE D 354 -32.39 -0.60 -8.43
CA PHE D 354 -32.07 -0.56 -9.84
C PHE D 354 -32.30 0.83 -10.38
N CYS D 355 -31.38 1.29 -11.20
CA CYS D 355 -31.49 2.56 -11.84
C CYS D 355 -31.09 2.37 -13.30
N GLY D 356 -32.06 2.54 -14.21
CA GLY D 356 -31.87 2.31 -15.63
C GLY D 356 -31.86 3.63 -16.35
N ILE D 357 -30.81 3.88 -17.12
CA ILE D 357 -30.62 5.14 -17.79
C ILE D 357 -30.74 4.96 -19.29
N GLY D 358 -31.45 5.89 -19.91
CA GLY D 358 -31.44 6.03 -21.35
C GLY D 358 -32.37 5.09 -22.07
N SER D 359 -31.98 4.75 -23.30
CA SER D 359 -32.84 4.01 -24.20
C SER D 359 -31.99 3.29 -25.26
N ASN D 360 -31.83 1.98 -25.10
CA ASN D 360 -30.92 1.21 -25.92
C ASN D 360 -31.48 1.06 -27.32
N PRO D 361 -30.73 1.50 -28.34
CA PRO D 361 -31.09 1.18 -29.72
C PRO D 361 -30.94 -0.27 -30.00
N GLY D 362 -29.93 -0.88 -29.37
CA GLY D 362 -29.67 -2.31 -29.42
C GLY D 362 -28.36 -2.63 -30.09
N ILE D 363 -27.88 -3.86 -29.89
CA ILE D 363 -26.57 -4.26 -30.44
C ILE D 363 -26.55 -5.51 -31.32
N ASP D 364 -27.19 -6.60 -30.96
CA ASP D 364 -27.22 -7.82 -31.81
C ASP D 364 -25.93 -8.64 -31.71
N GLY D 365 -25.97 -9.52 -30.76
CA GLY D 365 -24.86 -10.40 -30.41
C GLY D 365 -25.07 -10.76 -28.96
N SER D 366 -24.08 -11.39 -28.34
CA SER D 366 -24.13 -11.66 -26.90
C SER D 366 -22.81 -11.32 -26.19
N ARG D 367 -21.81 -12.17 -26.24
CA ARG D 367 -20.65 -12.03 -25.31
C ARG D 367 -19.52 -11.08 -25.69
N LEU D 368 -18.73 -10.68 -24.68
CA LEU D 368 -17.88 -9.44 -24.69
C LEU D 368 -16.37 -9.62 -24.51
N GLY E 1 42.96 -17.09 52.30
CA GLY E 1 43.29 -18.40 53.02
C GLY E 1 44.16 -18.20 54.27
N PRO E 2 44.48 -19.29 55.02
CA PRO E 2 44.28 -20.74 54.69
C PRO E 2 42.84 -21.30 54.79
N VAL E 3 42.03 -20.78 55.73
CA VAL E 3 40.60 -21.10 55.83
C VAL E 3 39.86 -20.45 54.64
N CYS E 4 39.07 -21.25 53.92
CA CYS E 4 38.32 -20.77 52.72
C CYS E 4 37.02 -20.02 53.03
N ALA E 5 36.46 -19.38 52.01
CA ALA E 5 35.10 -18.85 52.09
C ALA E 5 34.12 -20.05 52.03
N GLU E 6 33.10 -20.05 51.21
CA GLU E 6 32.21 -21.20 51.19
C GLU E 6 31.57 -21.13 49.84
N ALA E 7 31.96 -22.06 48.98
CA ALA E 7 31.24 -22.25 47.72
C ALA E 7 29.91 -22.94 48.04
N SER E 8 28.87 -22.73 47.23
CA SER E 8 27.52 -23.21 47.58
C SER E 8 26.65 -23.84 46.48
N ASP E 9 26.81 -23.40 45.25
CA ASP E 9 25.72 -23.49 44.31
C ASP E 9 26.00 -24.58 43.31
N VAL E 10 25.03 -24.89 42.46
CA VAL E 10 25.23 -25.88 41.38
C VAL E 10 25.75 -25.22 40.10
N TYR E 11 27.01 -25.42 39.75
CA TYR E 11 27.62 -24.92 38.51
C TYR E 11 27.82 -26.13 37.63
N SER E 12 27.28 -26.09 36.41
CA SER E 12 27.40 -27.21 35.50
C SER E 12 28.49 -26.98 34.46
N PRO E 13 29.34 -28.00 34.20
CA PRO E 13 30.48 -27.85 33.30
C PRO E 13 30.06 -27.88 31.85
N CYS E 14 30.46 -26.84 31.13
CA CYS E 14 29.96 -26.57 29.80
C CYS E 14 30.95 -26.92 28.73
N MET E 15 32.19 -26.50 28.93
CA MET E 15 33.15 -26.48 27.85
C MET E 15 34.51 -26.80 28.41
N ILE E 16 35.07 -27.92 27.97
CA ILE E 16 36.44 -28.26 28.28
C ILE E 16 37.29 -28.04 27.06
N ALA E 17 38.55 -27.67 27.28
CA ALA E 17 39.52 -27.50 26.20
C ALA E 17 40.89 -27.98 26.63
N SER E 18 41.25 -29.21 26.29
CA SER E 18 42.60 -29.72 26.54
C SER E 18 43.63 -29.14 25.58
N THR E 19 44.84 -28.99 26.08
CA THR E 19 45.89 -28.22 25.42
C THR E 19 46.66 -29.14 24.46
N PRO E 20 47.27 -28.60 23.38
CA PRO E 20 47.89 -29.50 22.40
C PRO E 20 49.01 -30.37 22.96
N PRO E 21 49.14 -31.62 22.48
CA PRO E 21 50.12 -32.55 23.05
C PRO E 21 51.57 -32.26 22.59
N ALA E 22 52.53 -32.98 23.18
CA ALA E 22 53.97 -32.78 22.93
C ALA E 22 54.34 -33.06 21.45
N PRO E 23 55.38 -32.42 20.89
CA PRO E 23 56.30 -31.52 21.60
C PRO E 23 55.92 -30.01 21.61
N PHE E 24 54.68 -29.68 21.27
CA PHE E 24 54.24 -28.27 21.11
C PHE E 24 54.43 -27.45 22.38
N SER E 25 55.44 -26.58 22.37
CA SER E 25 55.84 -25.76 23.53
C SER E 25 55.41 -24.30 23.46
N ASP E 26 55.13 -23.78 22.27
CA ASP E 26 54.85 -22.36 22.04
C ASP E 26 53.63 -21.86 22.84
N VAL E 27 53.53 -20.54 22.98
CA VAL E 27 52.40 -19.92 23.65
C VAL E 27 51.17 -20.07 22.75
N THR E 28 50.03 -20.35 23.37
CA THR E 28 48.78 -20.58 22.64
C THR E 28 47.59 -20.13 23.44
N ALA E 29 46.45 -20.11 22.78
CA ALA E 29 45.22 -19.63 23.35
C ALA E 29 44.00 -20.33 22.76
N VAL E 30 42.85 -20.07 23.38
CA VAL E 30 41.59 -20.65 22.95
C VAL E 30 40.50 -19.65 23.28
N THR E 31 39.38 -19.74 22.60
CA THR E 31 38.28 -18.83 22.85
C THR E 31 37.02 -19.63 23.06
N PHE E 32 36.38 -19.43 24.22
CA PHE E 32 35.07 -20.01 24.50
C PHE E 32 34.03 -18.96 24.23
N ASP E 33 33.19 -19.20 23.22
CA ASP E 33 32.00 -18.40 23.03
C ASP E 33 30.99 -18.85 24.09
N LEU E 34 30.88 -18.07 25.15
CA LEU E 34 30.13 -18.47 26.34
C LEU E 34 28.65 -18.67 26.13
N ILE E 35 28.08 -17.92 25.19
CA ILE E 35 26.65 -17.98 24.96
C ILE E 35 26.31 -19.07 23.93
N ASN E 36 26.90 -18.96 22.75
CA ASN E 36 26.59 -19.90 21.67
C ASN E 36 27.26 -21.28 21.79
N GLY E 37 28.13 -21.46 22.78
CA GLY E 37 28.73 -22.77 23.05
C GLY E 37 29.58 -23.27 21.90
N LYS E 38 30.70 -22.60 21.66
CA LYS E 38 31.64 -22.94 20.59
C LYS E 38 33.04 -22.70 21.11
N ILE E 39 34.00 -23.50 20.62
CA ILE E 39 35.39 -23.43 21.12
C ILE E 39 36.35 -23.39 19.94
N THR E 40 36.75 -22.18 19.58
CA THR E 40 37.69 -21.95 18.47
C THR E 40 39.11 -21.69 19.00
N PRO E 41 40.02 -22.66 18.82
CA PRO E 41 41.41 -22.43 19.21
C PRO E 41 42.12 -21.52 18.22
N VAL E 42 43.11 -20.78 18.70
CA VAL E 42 43.76 -19.78 17.87
C VAL E 42 44.80 -20.42 16.93
N GLY E 43 44.87 -19.87 15.72
CA GLY E 43 45.75 -20.40 14.67
C GLY E 43 45.32 -21.79 14.23
N ASP E 44 46.31 -22.66 13.97
CA ASP E 44 46.07 -24.07 13.63
C ASP E 44 46.58 -25.03 14.73
N ASP E 45 46.39 -24.64 15.99
CA ASP E 45 46.82 -25.46 17.11
C ASP E 45 45.76 -26.52 17.39
N ASN E 46 46.14 -27.79 17.37
CA ASN E 46 45.21 -28.89 17.65
C ASN E 46 44.92 -29.08 19.15
N TRP E 47 44.07 -28.20 19.67
CA TRP E 47 43.47 -28.36 20.98
C TRP E 47 42.41 -29.45 20.90
N ASN E 48 42.20 -30.17 22.01
CA ASN E 48 41.19 -31.21 22.09
C ASN E 48 40.01 -30.67 22.92
N THR E 49 38.95 -30.25 22.22
CA THR E 49 37.82 -29.53 22.82
C THR E 49 36.57 -30.41 22.88
N HIS E 50 35.72 -30.17 23.88
CA HIS E 50 34.39 -30.82 23.97
C HIS E 50 33.40 -29.84 24.52
N ILE E 51 32.18 -29.86 24.01
CA ILE E 51 31.08 -29.10 24.58
C ILE E 51 30.05 -30.08 25.12
N TYR E 52 29.83 -30.02 26.42
CA TYR E 52 28.87 -30.90 27.10
C TYR E 52 27.49 -30.28 27.05
N ASN E 53 26.50 -31.05 27.49
CA ASN E 53 25.09 -30.71 27.30
C ASN E 53 24.26 -30.66 28.57
N PRO E 54 24.73 -29.94 29.59
CA PRO E 54 23.89 -29.73 30.77
C PRO E 54 22.77 -28.76 30.45
N PRO E 55 21.80 -28.61 31.37
CA PRO E 55 20.65 -27.79 31.02
C PRO E 55 20.98 -26.34 30.75
N ILE E 56 21.94 -25.79 31.48
CA ILE E 56 22.40 -24.44 31.21
C ILE E 56 22.81 -24.27 29.75
N MET E 57 23.66 -25.16 29.24
CA MET E 57 24.17 -25.02 27.89
C MET E 57 23.07 -25.15 26.84
N ASN E 58 22.16 -26.09 27.05
CA ASN E 58 21.06 -26.28 26.12
C ASN E 58 20.12 -25.09 26.07
N VAL E 59 19.94 -24.42 27.19
CA VAL E 59 19.17 -23.18 27.21
C VAL E 59 19.91 -22.09 26.49
N LEU E 60 21.20 -21.93 26.79
CA LEU E 60 21.98 -20.87 26.17
C LEU E 60 22.07 -21.04 24.67
N ARG E 61 22.08 -22.28 24.19
CA ARG E 61 22.15 -22.53 22.76
C ARG E 61 20.82 -22.34 22.03
N THR E 62 19.73 -22.71 22.67
CA THR E 62 18.42 -22.65 22.05
C THR E 62 17.69 -21.33 22.26
N ALA E 63 17.92 -20.69 23.41
CA ALA E 63 17.20 -19.45 23.70
C ALA E 63 17.69 -18.36 22.78
N ALA E 64 16.73 -17.61 22.28
CA ALA E 64 17.01 -16.52 21.39
C ALA E 64 17.41 -15.32 22.20
N TRP E 65 16.48 -14.81 22.99
CA TRP E 65 16.63 -13.55 23.67
C TRP E 65 16.92 -13.87 25.12
N LYS E 66 17.98 -13.29 25.69
CA LYS E 66 18.41 -13.59 27.05
C LYS E 66 18.64 -12.34 27.87
N SER E 67 18.55 -12.47 29.19
CA SER E 67 18.66 -11.30 30.07
C SER E 67 19.08 -11.71 31.46
N GLY E 68 20.17 -11.11 31.94
CA GLY E 68 20.55 -11.24 33.34
C GLY E 68 21.86 -11.96 33.53
N THR E 69 22.20 -12.14 34.79
CA THR E 69 23.56 -12.43 35.17
C THR E 69 23.85 -13.90 35.05
N ILE E 70 25.01 -14.24 34.50
CA ILE E 70 25.51 -15.62 34.58
C ILE E 70 26.85 -15.63 35.26
N HIS E 71 26.99 -16.55 36.21
CA HIS E 71 28.21 -16.72 36.97
C HIS E 71 29.02 -17.80 36.32
N VAL E 72 30.29 -17.52 36.09
CA VAL E 72 31.22 -18.48 35.50
C VAL E 72 32.21 -18.91 36.56
N GLN E 73 32.70 -20.15 36.43
CA GLN E 73 33.84 -20.64 37.18
C GLN E 73 34.80 -21.35 36.25
N LEU E 74 35.89 -20.67 35.94
CA LEU E 74 36.91 -21.19 35.08
C LEU E 74 37.90 -21.98 35.92
N ASN E 75 37.97 -23.30 35.70
CA ASN E 75 38.97 -24.14 36.36
C ASN E 75 40.10 -24.46 35.41
N VAL E 76 41.29 -24.55 35.97
CA VAL E 76 42.50 -24.83 35.22
C VAL E 76 43.21 -25.99 35.87
N ARG E 77 43.37 -27.06 35.12
CA ARG E 77 44.30 -28.12 35.45
C ARG E 77 45.51 -27.86 34.52
N GLY E 78 46.75 -28.14 34.92
CA GLY E 78 47.09 -29.08 35.94
C GLY E 78 47.77 -30.25 35.27
N ALA E 79 49.07 -30.10 35.01
CA ALA E 79 49.92 -31.26 34.72
C ALA E 79 50.71 -31.54 35.98
N GLY E 80 51.15 -32.78 36.12
CA GLY E 80 51.98 -33.18 37.24
C GLY E 80 53.39 -32.64 37.06
N VAL E 81 53.56 -31.36 37.43
CA VAL E 81 54.84 -30.66 37.26
C VAL E 81 55.27 -30.11 38.61
N LYS E 82 56.51 -30.47 38.99
CA LYS E 82 57.17 -30.00 40.21
C LYS E 82 56.93 -28.52 40.40
N ARG E 83 56.56 -28.16 41.61
CA ARG E 83 56.09 -26.81 41.87
C ARG E 83 57.19 -25.77 41.63
N ALA E 84 58.42 -26.06 42.04
CA ALA E 84 59.52 -25.11 41.77
C ALA E 84 59.91 -24.94 40.29
N ASP E 85 59.54 -25.90 39.44
CA ASP E 85 59.75 -25.81 37.99
C ASP E 85 58.58 -25.18 37.19
N TRP E 86 57.50 -24.84 37.87
CA TRP E 86 56.33 -24.24 37.24
C TRP E 86 56.58 -22.79 36.85
N ASP E 87 56.38 -22.47 35.58
CA ASP E 87 56.47 -21.09 35.07
C ASP E 87 55.25 -20.67 34.23
N GLY E 88 54.19 -21.48 34.29
CA GLY E 88 53.05 -21.31 33.40
C GLY E 88 52.05 -20.34 33.98
N GLN E 89 51.56 -19.45 33.14
CA GLN E 89 50.54 -18.52 33.56
C GLN E 89 49.36 -18.53 32.64
N VAL E 90 48.27 -17.98 33.14
CA VAL E 90 47.02 -18.01 32.44
C VAL E 90 46.45 -16.61 32.43
N PHE E 91 46.38 -16.00 31.25
CA PHE E 91 45.70 -14.73 31.08
C PHE E 91 44.35 -15.03 30.47
N VAL E 92 43.30 -14.46 31.02
CA VAL E 92 41.97 -14.58 30.41
C VAL E 92 41.45 -13.18 30.11
N TYR E 93 40.50 -13.13 29.18
CA TYR E 93 39.94 -11.90 28.71
C TYR E 93 38.49 -12.09 28.34
N LEU E 94 37.57 -11.44 29.06
CA LEU E 94 36.21 -11.32 28.51
C LEU E 94 36.24 -10.32 27.39
N ARG E 95 35.48 -10.60 26.34
CA ARG E 95 35.36 -9.68 25.23
C ARG E 95 33.93 -9.70 24.77
N GLN E 96 33.48 -8.61 24.17
CA GLN E 96 32.17 -8.54 23.56
C GLN E 96 32.27 -9.20 22.20
N SER E 97 33.20 -8.68 21.41
CA SER E 97 33.44 -9.18 20.06
C SER E 97 34.82 -9.77 20.01
N MET E 98 35.06 -10.50 18.93
CA MET E 98 36.34 -11.15 18.67
C MET E 98 37.12 -10.42 17.59
N ASN E 99 36.70 -9.20 17.24
CA ASN E 99 37.41 -8.38 16.25
C ASN E 99 38.61 -7.70 16.92
N PRO E 100 39.66 -7.36 16.14
CA PRO E 100 40.82 -6.66 16.73
C PRO E 100 40.51 -5.31 17.40
N GLU E 101 39.52 -4.60 16.86
CA GLU E 101 39.19 -3.24 17.32
C GLU E 101 38.58 -3.20 18.72
N SER E 102 37.75 -4.19 19.04
CA SER E 102 37.05 -4.23 20.32
C SER E 102 38.03 -4.41 21.48
N TYR E 103 37.67 -3.84 22.63
CA TYR E 103 38.47 -3.97 23.83
C TYR E 103 37.92 -5.05 24.72
N ASP E 104 38.69 -5.36 25.76
CA ASP E 104 38.30 -6.31 26.78
C ASP E 104 37.35 -5.67 27.76
N ALA E 105 36.44 -6.48 28.28
CA ALA E 105 35.55 -6.08 29.36
C ALA E 105 36.11 -6.48 30.71
N ARG E 106 37.04 -7.43 30.71
CA ARG E 106 37.63 -7.88 31.96
C ARG E 106 38.87 -8.63 31.65
N THR E 107 39.90 -8.43 32.45
CA THR E 107 41.06 -9.26 32.34
C THR E 107 41.37 -9.82 33.70
N PHE E 108 41.76 -11.09 33.69
CA PHE E 108 42.26 -11.76 34.85
C PHE E 108 43.60 -12.33 34.51
N VAL E 109 44.36 -12.60 35.56
CA VAL E 109 45.73 -13.02 35.42
C VAL E 109 46.07 -13.95 36.56
N ILE E 110 46.35 -15.19 36.23
CA ILE E 110 46.54 -16.22 37.23
C ILE E 110 47.88 -16.93 37.01
N SER E 111 48.67 -17.08 38.08
CA SER E 111 49.89 -17.92 38.00
C SER E 111 50.03 -18.86 39.19
N GLN E 112 48.92 -19.46 39.59
CA GLN E 112 48.90 -20.44 40.65
C GLN E 112 49.39 -21.80 40.06
N PRO E 113 50.32 -22.47 40.75
CA PRO E 113 50.90 -23.70 40.21
C PRO E 113 50.00 -24.90 40.33
N GLY E 114 50.19 -25.83 39.42
CA GLY E 114 49.25 -26.91 39.20
C GLY E 114 47.92 -26.39 38.68
N SER E 115 47.09 -25.99 39.62
CA SER E 115 45.68 -25.84 39.41
C SER E 115 45.22 -24.46 39.85
N ALA E 116 44.04 -24.08 39.41
CA ALA E 116 43.47 -22.79 39.77
C ALA E 116 41.99 -22.75 39.55
N MET E 117 41.37 -21.79 40.21
CA MET E 117 39.96 -21.51 40.05
C MET E 117 39.81 -20.01 39.89
N LEU E 118 38.72 -19.61 39.24
CA LEU E 118 38.48 -18.20 38.98
C LEU E 118 37.00 -17.97 38.82
N ASN E 119 36.34 -17.50 39.86
CA ASN E 119 34.93 -17.17 39.76
C ASN E 119 34.79 -15.74 39.34
N PHE E 120 33.96 -15.51 38.32
CA PHE E 120 33.49 -14.17 37.99
C PHE E 120 32.07 -14.26 37.46
N SER E 121 31.49 -13.11 37.15
CA SER E 121 30.16 -13.02 36.56
C SER E 121 30.12 -11.93 35.53
N PHE E 122 29.02 -11.90 34.79
CA PHE E 122 28.74 -10.82 33.88
C PHE E 122 27.28 -10.87 33.49
N ASP E 123 26.72 -9.67 33.27
CA ASP E 123 25.30 -9.52 32.95
C ASP E 123 25.13 -9.39 31.45
N ILE E 124 24.39 -10.33 30.90
CA ILE E 124 23.88 -10.22 29.56
C ILE E 124 22.77 -9.23 29.68
N ILE E 125 22.84 -8.19 28.87
CA ILE E 125 21.81 -7.17 28.86
C ILE E 125 21.81 -6.60 27.47
N GLY E 126 20.61 -6.29 26.97
CA GLY E 126 20.46 -5.97 25.58
C GLY E 126 19.41 -4.94 25.29
N PRO E 127 19.27 -4.58 24.01
CA PRO E 127 18.40 -3.49 23.63
C PRO E 127 16.92 -3.74 23.82
N ASN E 128 16.49 -4.96 23.55
CA ASN E 128 15.07 -5.26 23.35
C ASN E 128 14.34 -5.55 24.67
N SER E 129 14.11 -4.48 25.43
CA SER E 129 13.52 -4.54 26.77
C SER E 129 14.44 -5.29 27.74
N GLY E 130 15.74 -5.03 27.63
CA GLY E 130 16.75 -5.70 28.47
C GLY E 130 17.21 -7.06 28.00
N PHE E 131 16.77 -7.49 26.81
CA PHE E 131 17.17 -8.79 26.27
C PHE E 131 18.14 -8.67 25.11
N GLU E 132 19.03 -9.64 25.01
CA GLU E 132 20.08 -9.65 24.01
C GLU E 132 20.02 -10.94 23.24
N PHE E 133 19.78 -10.81 21.94
CA PHE E 133 19.96 -11.89 20.97
C PHE E 133 21.45 -11.87 20.67
N ALA E 134 22.12 -12.96 20.97
CA ALA E 134 23.56 -13.00 20.80
C ALA E 134 23.92 -13.03 19.29
N GLU E 135 24.82 -12.12 18.89
CA GLU E 135 25.36 -12.05 17.51
C GLU E 135 24.35 -11.69 16.42
N SER E 136 23.22 -11.08 16.80
CA SER E 136 22.25 -10.65 15.80
C SER E 136 22.76 -9.39 15.11
N PRO E 137 22.58 -9.28 13.79
CA PRO E 137 22.84 -8.02 13.11
C PRO E 137 21.98 -6.85 13.62
N TRP E 138 20.78 -7.14 14.12
CA TRP E 138 19.91 -6.12 14.71
C TRP E 138 20.56 -5.38 15.88
N ALA E 139 20.63 -4.06 15.76
CA ALA E 139 21.33 -3.18 16.75
C ALA E 139 22.85 -3.48 16.94
N ASN E 140 23.46 -4.25 16.05
CA ASN E 140 24.80 -4.82 16.24
C ASN E 140 25.04 -5.35 17.64
N GLN E 141 24.17 -6.25 18.05
CA GLN E 141 24.33 -6.96 19.29
C GLN E 141 25.46 -7.94 19.15
N THR E 142 26.08 -8.26 20.28
CA THR E 142 27.23 -9.16 20.28
C THR E 142 27.20 -10.12 21.45
N THR E 143 28.04 -11.13 21.32
CA THR E 143 28.10 -12.21 22.28
C THR E 143 28.92 -11.81 23.49
N TRP E 144 29.38 -12.82 24.23
CA TRP E 144 30.51 -12.72 25.12
C TRP E 144 31.44 -13.89 24.84
N TYR E 145 32.68 -13.55 24.49
CA TYR E 145 33.73 -14.53 24.36
C TYR E 145 34.58 -14.56 25.62
N LEU E 146 35.34 -15.62 25.76
CA LEU E 146 36.28 -15.76 26.86
C LEU E 146 37.56 -16.30 26.28
N GLU E 147 38.40 -15.39 25.83
CA GLU E 147 39.75 -15.71 25.34
C GLU E 147 40.59 -16.11 26.56
N CYS E 148 41.32 -17.22 26.44
CA CYS E 148 42.17 -17.76 27.52
C CYS E 148 43.49 -18.15 26.94
N VAL E 149 44.57 -17.83 27.65
CA VAL E 149 45.91 -17.99 27.12
C VAL E 149 46.71 -18.86 28.07
N ALA E 150 47.34 -19.91 27.54
CA ALA E 150 48.31 -20.70 28.30
C ALA E 150 49.68 -20.33 27.80
N THR E 151 50.48 -19.70 28.66
CA THR E 151 51.85 -19.33 28.30
C THR E 151 52.75 -20.56 28.21
N ASN E 152 52.45 -21.59 28.99
CA ASN E 152 53.14 -22.86 28.88
C ASN E 152 52.14 -24.03 28.79
N PRO E 153 51.84 -24.46 27.57
CA PRO E 153 50.91 -25.58 27.38
C PRO E 153 51.43 -26.96 27.80
N ARG E 154 52.73 -27.08 28.06
CA ARG E 154 53.29 -28.32 28.66
C ARG E 154 52.81 -28.53 30.11
N GLN E 155 52.54 -27.42 30.79
CA GLN E 155 52.19 -27.42 32.19
C GLN E 155 50.69 -27.27 32.40
N ILE E 156 50.06 -26.37 31.68
CA ILE E 156 48.60 -26.29 31.66
C ILE E 156 48.06 -27.40 30.74
N GLN E 157 47.32 -28.35 31.33
CA GLN E 157 46.66 -29.42 30.59
C GLN E 157 45.33 -29.05 30.00
N GLN E 158 44.46 -28.43 30.80
CA GLN E 158 43.14 -28.08 30.30
C GLN E 158 42.37 -26.99 31.04
N PHE E 159 41.56 -26.30 30.27
CA PHE E 159 40.59 -25.34 30.79
C PHE E 159 39.25 -25.99 30.88
N GLU E 160 38.38 -25.32 31.62
CA GLU E 160 37.10 -25.84 31.94
C GLU E 160 36.22 -24.72 32.42
N VAL E 161 35.12 -24.51 31.72
CA VAL E 161 34.24 -23.39 32.01
C VAL E 161 32.94 -23.92 32.57
N ASN E 162 32.71 -23.71 33.86
CA ASN E 162 31.44 -24.05 34.49
C ASN E 162 30.59 -22.80 34.58
N MET E 163 29.27 -22.96 34.51
CA MET E 163 28.35 -21.83 34.50
C MET E 163 27.09 -22.07 35.29
N ARG E 164 26.44 -20.97 35.62
CA ARG E 164 25.25 -21.00 36.45
C ARG E 164 24.45 -19.74 36.24
N PHE E 165 23.15 -19.86 36.09
CA PHE E 165 22.31 -18.70 36.03
C PHE E 165 22.09 -18.14 37.40
N ASP E 166 22.19 -16.83 37.52
CA ASP E 166 21.64 -16.12 38.65
C ASP E 166 20.12 -16.26 38.56
N PRO E 167 19.42 -16.30 39.69
CA PRO E 167 17.94 -16.37 39.66
C PRO E 167 17.21 -15.29 38.85
N ASN E 168 17.83 -14.14 38.62
CA ASN E 168 17.26 -13.10 37.77
C ASN E 168 17.18 -13.39 36.28
N PHE E 169 17.71 -14.53 35.85
CA PHE E 169 17.88 -14.80 34.44
C PHE E 169 16.55 -15.09 33.78
N ARG E 170 16.46 -14.71 32.51
CA ARG E 170 15.21 -14.74 31.75
C ARG E 170 15.49 -14.95 30.32
N VAL E 171 14.74 -15.83 29.68
CA VAL E 171 14.86 -15.99 28.25
C VAL E 171 13.52 -15.82 27.58
N ALA E 172 13.57 -15.76 26.25
CA ALA E 172 12.39 -15.81 25.42
C ALA E 172 12.79 -16.23 24.03
N GLY E 173 11.86 -16.88 23.34
CA GLY E 173 12.07 -17.24 21.94
C GLY E 173 12.97 -18.43 21.78
N ASN E 174 12.79 -19.10 20.66
CA ASN E 174 13.45 -20.36 20.39
C ASN E 174 14.29 -20.18 19.15
N ILE E 175 15.36 -20.96 19.06
CA ILE E 175 16.15 -21.07 17.85
C ILE E 175 16.14 -22.53 17.43
N LEU E 176 16.05 -22.76 16.12
CA LEU E 176 16.12 -24.10 15.59
C LEU E 176 17.57 -24.49 15.51
N MET E 177 18.00 -25.32 16.44
CA MET E 177 19.36 -25.81 16.45
C MET E 177 19.39 -27.18 15.80
N PRO E 178 20.55 -27.58 15.25
CA PRO E 178 20.74 -28.94 14.76
C PRO E 178 20.79 -29.96 15.91
N PRO E 179 20.77 -31.26 15.58
CA PRO E 179 20.91 -32.25 16.64
C PRO E 179 22.25 -32.12 17.40
N PHE E 180 22.18 -31.97 18.71
CA PHE E 180 23.39 -31.91 19.56
C PHE E 180 23.93 -33.33 19.72
N PRO E 181 25.20 -33.56 19.39
CA PRO E 181 25.77 -34.90 19.66
C PRO E 181 25.95 -35.16 21.15
N LEU E 182 25.89 -36.43 21.54
CA LEU E 182 26.01 -36.82 22.94
C LEU E 182 27.46 -36.99 23.36
N SER E 183 28.16 -35.90 23.61
CA SER E 183 29.49 -36.00 24.23
C SER E 183 29.29 -36.08 25.75
N THR E 184 30.00 -37.02 26.38
CA THR E 184 29.96 -37.19 27.84
C THR E 184 31.33 -36.94 28.48
N GLU E 185 31.32 -36.38 29.70
CA GLU E 185 32.55 -36.13 30.48
C GLU E 185 33.26 -37.44 30.82
N THR E 186 34.49 -37.62 30.30
CA THR E 186 35.30 -38.79 30.63
C THR E 186 35.96 -38.57 32.01
N PRO E 187 35.40 -39.14 33.11
CA PRO E 187 35.89 -38.72 34.44
C PRO E 187 37.29 -39.30 34.74
N PRO E 188 38.13 -38.59 35.54
CA PRO E 188 39.53 -39.04 35.66
C PRO E 188 39.70 -40.18 36.69
N LEU E 189 40.26 -41.33 36.25
CA LEU E 189 40.57 -42.48 37.14
C LEU E 189 41.71 -42.12 38.10
N MET F 1 -2.91 27.22 -3.56
CA MET F 1 -2.38 27.95 -2.36
C MET F 1 -1.22 27.24 -1.60
N GLU F 2 -0.36 28.05 -0.98
CA GLU F 2 0.79 27.58 -0.19
C GLU F 2 0.39 27.15 1.22
N GLN F 3 1.18 26.28 1.82
CA GLN F 3 1.01 25.87 3.20
C GLN F 3 2.38 25.55 3.80
N ASN F 4 2.48 25.60 5.12
CA ASN F 4 3.73 25.27 5.79
C ASN F 4 3.92 23.74 5.82
N LEU F 5 4.92 23.27 5.09
CA LEU F 5 5.12 21.85 4.87
C LEU F 5 5.70 21.12 6.07
N PHE F 6 6.40 21.84 6.92
CA PHE F 6 6.94 21.27 8.14
C PHE F 6 5.83 20.79 9.08
N ALA F 7 4.70 21.48 9.07
CA ALA F 7 3.62 21.18 10.02
C ALA F 7 2.53 20.26 9.48
N LEU F 8 2.80 19.57 8.37
CA LEU F 8 1.85 18.57 7.90
C LEU F 8 2.00 17.25 8.66
N SER F 9 1.05 16.36 8.46
CA SER F 9 1.01 15.07 9.17
C SER F 9 1.76 14.00 8.39
N LEU F 10 3.01 14.27 8.05
CA LEU F 10 3.82 13.34 7.30
C LEU F 10 4.72 12.54 8.21
N ASP F 11 4.77 12.86 9.51
CA ASP F 11 5.49 12.04 10.48
C ASP F 11 4.48 11.27 11.32
N ASP F 12 3.59 10.59 10.61
CA ASP F 12 2.57 9.73 11.21
C ASP F 12 3.18 8.37 11.55
N THR F 13 3.41 8.16 12.84
CA THR F 13 3.99 6.91 13.34
C THR F 13 2.91 5.94 13.89
N SER F 14 1.73 6.01 13.31
CA SER F 14 0.66 5.05 13.62
C SER F 14 1.07 3.64 13.27
N SER F 15 0.52 2.66 13.98
CA SER F 15 0.64 1.26 13.56
C SER F 15 -0.26 1.03 12.34
N VAL F 16 -0.07 -0.13 11.72
CA VAL F 16 -0.92 -0.55 10.62
C VAL F 16 -2.24 -0.95 11.24
N ARG F 17 -3.35 -0.51 10.64
CA ARG F 17 -4.66 -0.77 11.20
C ARG F 17 -5.77 -0.56 10.17
N GLY F 18 -6.92 -1.19 10.42
CA GLY F 18 -8.10 -1.09 9.56
C GLY F 18 -8.84 -2.42 9.55
N SER F 19 -9.48 -2.73 8.42
CA SER F 19 -10.14 -4.02 8.23
C SER F 19 -9.12 -5.09 7.92
N LEU F 20 -9.55 -6.33 7.73
CA LEU F 20 -8.64 -7.41 7.32
C LEU F 20 -8.18 -7.30 5.90
N LEU F 21 -8.87 -6.50 5.08
CA LEU F 21 -8.44 -6.24 3.71
C LEU F 21 -7.27 -5.29 3.68
N ASP F 22 -7.35 -4.24 4.49
CA ASP F 22 -6.40 -3.12 4.47
C ASP F 22 -5.19 -3.34 5.34
N THR F 23 -5.15 -4.46 6.04
CA THR F 23 -4.00 -4.90 6.82
C THR F 23 -3.30 -6.14 6.25
N LYS F 24 -3.89 -6.78 5.24
CA LYS F 24 -3.24 -7.88 4.52
C LYS F 24 -1.95 -7.35 3.92
N PHE F 25 -0.86 -8.10 4.09
CA PHE F 25 0.40 -7.70 3.48
C PHE F 25 1.12 -8.74 2.67
N ALA F 26 0.72 -10.01 2.75
CA ALA F 26 1.24 -11.01 1.83
C ALA F 26 0.41 -12.26 1.78
N GLN F 27 0.49 -12.93 0.64
CA GLN F 27 -0.05 -14.26 0.48
C GLN F 27 1.03 -15.16 0.03
N THR F 28 0.98 -16.38 0.52
CA THR F 28 2.05 -17.35 0.28
C THR F 28 1.42 -18.65 -0.23
N ARG F 29 2.12 -19.28 -1.16
CA ARG F 29 1.62 -20.45 -1.86
C ARG F 29 2.47 -21.66 -1.57
N VAL F 30 1.94 -22.53 -0.72
CA VAL F 30 2.63 -23.75 -0.33
C VAL F 30 2.14 -24.91 -1.20
N LEU F 31 3.05 -25.70 -1.76
CA LEU F 31 2.70 -26.89 -2.55
C LEU F 31 2.77 -28.19 -1.72
N LEU F 32 1.64 -28.86 -1.56
CA LEU F 32 1.59 -30.17 -0.90
C LEU F 32 1.57 -31.26 -1.96
N SER F 33 2.65 -32.01 -2.03
CA SER F 33 2.79 -33.11 -2.99
C SER F 33 1.71 -34.19 -2.83
N LYS F 34 1.31 -34.77 -3.95
CA LYS F 34 0.33 -35.86 -3.97
C LYS F 34 0.72 -37.00 -3.01
N ALA F 35 2.01 -37.36 -3.01
CA ALA F 35 2.56 -38.36 -2.10
C ALA F 35 3.66 -37.75 -1.21
N MET F 36 3.23 -37.05 -0.16
CA MET F 36 4.14 -36.48 0.85
C MET F 36 4.20 -37.37 2.10
N ALA F 37 5.39 -37.40 2.70
CA ALA F 37 5.66 -38.18 3.92
C ALA F 37 5.56 -37.32 5.18
N GLY F 38 5.62 -37.97 6.33
CA GLY F 38 5.78 -37.30 7.62
C GLY F 38 7.20 -36.76 7.75
N GLY F 39 7.37 -35.67 8.48
CA GLY F 39 8.69 -35.03 8.62
C GLY F 39 9.21 -34.53 7.28
N ASP F 40 8.44 -33.65 6.67
CA ASP F 40 8.65 -33.25 5.29
C ASP F 40 8.44 -31.73 5.13
N VAL F 41 9.54 -30.99 5.00
CA VAL F 41 9.47 -29.52 4.83
C VAL F 41 8.78 -29.13 3.55
N LEU F 42 7.68 -28.42 3.71
CA LEU F 42 6.91 -27.95 2.58
C LEU F 42 7.38 -26.57 2.23
N LEU F 43 7.40 -25.70 3.23
CA LEU F 43 7.96 -24.39 3.08
C LEU F 43 8.88 -24.12 4.22
N ASP F 44 9.94 -23.38 3.92
CA ASP F 44 10.87 -22.96 4.94
C ASP F 44 11.61 -21.74 4.43
N GLU F 45 11.13 -20.56 4.83
CA GLU F 45 11.79 -19.31 4.47
C GLU F 45 11.72 -18.32 5.61
N TYR F 46 12.55 -17.28 5.50
CA TYR F 46 12.52 -16.19 6.47
C TYR F 46 11.18 -15.47 6.36
N LEU F 47 10.64 -15.05 7.51
CA LEU F 47 9.36 -14.37 7.55
C LEU F 47 9.34 -13.05 6.77
N TYR F 48 10.47 -12.38 6.64
CA TYR F 48 10.53 -11.18 5.81
C TYR F 48 10.55 -11.50 4.32
N ASP F 49 11.11 -12.64 3.91
CA ASP F 49 11.09 -13.04 2.49
C ASP F 49 9.70 -13.45 1.96
N VAL F 50 8.74 -13.62 2.87
CA VAL F 50 7.32 -13.78 2.53
C VAL F 50 6.84 -12.60 1.73
N VAL F 51 7.19 -11.40 2.19
CA VAL F 51 6.69 -10.16 1.62
C VAL F 51 7.41 -9.68 0.32
N ASN F 52 8.37 -10.45 -0.17
CA ASN F 52 9.06 -10.10 -1.42
C ASN F 52 8.20 -10.39 -2.63
N GLY F 53 8.06 -9.39 -3.49
CA GLY F 53 7.24 -9.48 -4.70
C GLY F 53 5.77 -9.43 -4.40
N GLN F 54 5.37 -8.53 -3.50
CA GLN F 54 3.98 -8.43 -3.04
C GLN F 54 3.44 -7.01 -3.18
N ASP F 55 2.12 -6.94 -3.36
CA ASP F 55 1.41 -5.73 -3.76
C ASP F 55 -0.01 -5.75 -3.23
N PHE F 56 -0.14 -5.92 -1.92
CA PHE F 56 -1.42 -5.84 -1.21
C PHE F 56 -1.50 -4.51 -0.51
N ARG F 57 -2.63 -4.23 0.11
CA ARG F 57 -2.91 -2.90 0.62
C ARG F 57 -1.95 -2.41 1.69
N ALA F 58 -1.57 -3.29 2.59
CA ALA F 58 -0.71 -2.94 3.70
C ALA F 58 0.73 -3.37 3.51
N THR F 59 1.13 -3.71 2.28
CA THR F 59 2.48 -4.21 2.04
C THR F 59 3.51 -3.12 2.24
N VAL F 60 3.26 -1.98 1.65
CA VAL F 60 4.15 -0.86 1.83
C VAL F 60 4.04 -0.24 3.21
N ALA F 61 2.85 -0.22 3.80
CA ALA F 61 2.74 0.25 5.17
C ALA F 61 3.55 -0.65 6.15
N PHE F 62 3.48 -1.96 5.94
CA PHE F 62 4.18 -2.94 6.78
C PHE F 62 5.67 -2.77 6.76
N LEU F 63 6.24 -2.60 5.58
CA LEU F 63 7.68 -2.42 5.42
C LEU F 63 8.23 -1.13 6.00
N ARG F 64 7.42 -0.09 6.01
CA ARG F 64 7.88 1.25 6.29
C ARG F 64 7.49 1.78 7.65
N THR F 65 6.54 1.12 8.30
CA THR F 65 6.11 1.51 9.63
C THR F 65 7.19 1.05 10.61
N HIS F 66 7.72 2.01 11.35
CA HIS F 66 8.83 1.74 12.23
C HIS F 66 8.46 0.88 13.42
N VAL F 67 7.25 1.05 13.94
CA VAL F 67 6.77 0.26 15.05
C VAL F 67 5.38 -0.27 14.74
N ILE F 68 5.15 -1.51 15.12
CA ILE F 68 3.88 -2.14 14.91
C ILE F 68 3.49 -2.75 16.24
N THR F 69 2.40 -2.27 16.81
CA THR F 69 1.93 -2.79 18.09
C THR F 69 0.98 -3.96 17.96
N GLY F 70 0.46 -4.20 16.75
CA GLY F 70 -0.40 -5.34 16.48
C GLY F 70 0.30 -6.68 16.20
N LYS F 71 -0.42 -7.78 16.45
CA LYS F 71 0.05 -9.11 16.12
C LYS F 71 -0.08 -9.40 14.64
N ILE F 72 0.60 -10.43 14.20
CA ILE F 72 0.45 -10.95 12.85
C ILE F 72 -0.55 -12.09 12.88
N LYS F 73 -1.67 -11.96 12.17
CA LYS F 73 -2.55 -13.09 11.93
C LYS F 73 -2.13 -13.75 10.65
N VAL F 74 -2.04 -15.08 10.68
CA VAL F 74 -1.88 -15.87 9.46
C VAL F 74 -3.03 -16.83 9.41
N THR F 75 -3.70 -16.92 8.26
CA THR F 75 -4.77 -17.88 8.03
C THR F 75 -4.44 -18.75 6.83
N ALA F 76 -4.79 -20.02 6.91
CA ALA F 76 -4.44 -20.98 5.91
C ALA F 76 -5.72 -21.62 5.41
N THR F 77 -6.05 -21.38 4.15
CA THR F 77 -7.30 -21.84 3.55
C THR F 77 -7.14 -23.11 2.72
N THR F 78 -6.71 -24.20 3.33
CA THR F 78 -6.47 -25.44 2.61
C THR F 78 -7.54 -26.42 2.98
N ASN F 79 -8.04 -27.15 1.99
CA ASN F 79 -9.05 -28.14 2.28
C ASN F 79 -8.87 -29.41 1.45
N ILE F 80 -9.55 -30.46 1.91
CA ILE F 80 -9.53 -31.74 1.24
C ILE F 80 -10.80 -32.51 1.68
N SER F 81 -11.23 -33.46 0.86
CA SER F 81 -12.38 -34.33 1.18
C SER F 81 -12.26 -35.02 2.52
N ASP F 82 -13.39 -35.21 3.22
CA ASP F 82 -13.40 -35.87 4.53
C ASP F 82 -12.78 -37.27 4.46
N ASN F 83 -13.00 -37.96 3.35
CA ASN F 83 -12.30 -39.19 3.03
C ASN F 83 -10.84 -39.23 3.47
N SER F 84 -10.09 -38.17 3.17
CA SER F 84 -8.66 -38.08 3.52
C SER F 84 -8.39 -37.05 4.58
N GLY F 85 -7.12 -36.91 4.91
CA GLY F 85 -6.69 -35.98 5.92
C GLY F 85 -5.21 -36.17 6.13
N CYS F 86 -4.60 -35.13 6.67
CA CYS F 86 -3.18 -35.15 7.01
C CYS F 86 -3.01 -34.21 8.19
N CYS F 87 -1.78 -33.88 8.55
CA CYS F 87 -1.60 -32.90 9.59
C CYS F 87 -0.44 -32.00 9.22
N LEU F 88 -0.80 -30.74 8.97
CA LEU F 88 0.17 -29.70 8.67
C LEU F 88 0.44 -28.96 9.96
N MET F 89 1.63 -28.38 10.05
CA MET F 89 1.96 -27.52 11.16
C MET F 89 2.80 -26.35 10.70
N LEU F 90 2.22 -25.17 10.76
CA LEU F 90 2.94 -23.94 10.48
C LEU F 90 3.53 -23.47 11.78
N ALA F 91 4.74 -22.90 11.73
CA ALA F 91 5.45 -22.56 12.96
C ALA F 91 6.58 -21.53 12.82
N ILE F 92 6.56 -20.58 13.75
CA ILE F 92 7.41 -19.42 13.73
C ILE F 92 8.43 -19.53 14.86
N ASN F 93 9.70 -19.36 14.52
CA ASN F 93 10.81 -19.49 15.47
C ASN F 93 11.70 -18.30 15.33
N SER F 94 12.24 -17.83 16.45
CA SER F 94 12.95 -16.56 16.43
C SER F 94 14.27 -16.57 15.68
N GLY F 95 14.83 -17.74 15.37
CA GLY F 95 16.00 -17.78 14.52
C GLY F 95 16.46 -19.15 14.09
N VAL F 96 17.72 -19.25 13.63
CA VAL F 96 18.28 -20.49 13.10
C VAL F 96 19.77 -20.64 13.43
N ARG F 97 20.30 -21.85 13.29
CA ARG F 97 21.74 -22.09 13.14
C ARG F 97 21.98 -23.20 12.10
N GLY F 98 23.07 -23.08 11.34
CA GLY F 98 23.33 -23.93 10.17
C GLY F 98 23.00 -25.42 10.28
N LYS F 99 22.39 -25.96 9.21
CA LYS F 99 22.07 -27.41 9.07
C LYS F 99 21.07 -27.88 10.13
N TYR F 100 20.00 -27.10 10.29
CA TYR F 100 19.08 -27.27 11.42
C TYR F 100 18.13 -28.44 11.25
N SER F 101 17.63 -28.93 12.38
CA SER F 101 16.61 -29.98 12.41
C SER F 101 15.25 -29.37 12.18
N THR F 102 14.47 -30.01 11.32
CA THR F 102 13.08 -29.65 11.08
C THR F 102 12.13 -30.78 11.49
N ASP F 103 12.46 -31.46 12.57
CA ASP F 103 11.51 -32.38 13.19
C ASP F 103 10.46 -31.56 13.92
N VAL F 104 9.21 -31.96 13.77
CA VAL F 104 8.09 -31.39 14.52
C VAL F 104 8.41 -31.06 15.97
N TYR F 105 9.18 -31.92 16.63
CA TYR F 105 9.52 -31.70 18.03
C TYR F 105 10.18 -30.35 18.21
N THR F 106 11.29 -30.15 17.49
CA THR F 106 12.11 -28.93 17.51
C THR F 106 11.33 -27.63 17.28
N ILE F 107 10.46 -27.70 16.28
CA ILE F 107 9.79 -26.54 15.75
C ILE F 107 8.68 -25.99 16.65
N CYS F 108 7.74 -26.85 17.00
CA CYS F 108 6.45 -26.45 17.60
C CYS F 108 6.48 -25.43 18.74
N SER F 109 7.44 -25.58 19.65
CA SER F 109 7.69 -24.59 20.68
C SER F 109 7.57 -23.19 20.12
N GLN F 110 7.36 -22.26 20.98
CA GLN F 110 7.18 -20.87 20.61
C GLN F 110 5.78 -20.63 20.03
N ASP F 111 5.58 -20.60 18.71
CA ASP F 111 4.29 -20.13 18.12
C ASP F 111 3.94 -20.94 16.90
N SER F 112 2.80 -21.64 16.95
CA SER F 112 2.44 -22.61 15.93
C SER F 112 0.96 -22.88 15.89
N MET F 113 0.47 -23.20 14.71
CA MET F 113 -0.86 -23.74 14.54
C MET F 113 -0.63 -25.14 14.03
N THR F 114 -1.49 -26.06 14.45
CA THR F 114 -1.53 -27.40 13.89
C THR F 114 -2.95 -27.65 13.47
N TRP F 115 -3.17 -28.10 12.24
CA TRP F 115 -4.51 -28.43 11.82
C TRP F 115 -4.53 -29.55 10.79
N ASN F 116 -5.71 -30.17 10.71
CA ASN F 116 -5.99 -31.25 9.79
C ASN F 116 -6.94 -30.69 8.75
N PRO F 117 -6.48 -30.55 7.49
CA PRO F 117 -7.35 -30.04 6.45
C PRO F 117 -8.65 -30.83 6.27
N GLY F 118 -8.59 -32.15 6.44
CA GLY F 118 -9.76 -33.03 6.37
C GLY F 118 -10.97 -32.61 7.20
N CYS F 119 -10.72 -32.00 8.35
CA CYS F 119 -11.76 -31.60 9.28
C CYS F 119 -12.03 -30.10 9.28
N LYS F 120 -10.96 -29.31 9.32
CA LYS F 120 -11.03 -27.85 9.41
C LYS F 120 -10.85 -27.22 8.04
N LYS F 121 -11.85 -26.45 7.63
CA LYS F 121 -11.85 -25.83 6.30
C LYS F 121 -10.69 -24.86 6.16
N ASN F 122 -10.55 -24.02 7.17
CA ASN F 122 -9.46 -23.08 7.27
C ASN F 122 -8.97 -23.02 8.70
N PHE F 123 -7.83 -22.39 8.94
CA PHE F 123 -7.28 -22.31 10.29
C PHE F 123 -6.46 -21.06 10.38
N SER F 124 -6.73 -20.24 11.39
CA SER F 124 -6.02 -18.98 11.62
C SER F 124 -5.40 -18.91 13.01
N PHE F 125 -4.33 -18.14 13.15
CA PHE F 125 -3.74 -17.93 14.45
C PHE F 125 -2.86 -16.71 14.45
N THR F 126 -2.91 -16.00 15.56
CA THR F 126 -2.17 -14.77 15.72
C THR F 126 -0.91 -15.07 16.52
N PHE F 127 0.08 -14.20 16.35
CA PHE F 127 1.32 -14.33 17.08
C PHE F 127 2.14 -13.06 17.04
N ASN F 128 3.08 -13.01 17.95
CA ASN F 128 3.97 -11.90 18.09
C ASN F 128 5.39 -12.33 17.72
N PRO F 129 5.95 -11.76 16.65
CA PRO F 129 7.26 -12.20 16.17
C PRO F 129 8.45 -11.72 17.04
N ASN F 130 8.21 -10.75 17.91
CA ASN F 130 9.15 -10.39 18.96
C ASN F 130 8.60 -10.90 20.28
N PRO F 131 9.16 -12.00 20.77
CA PRO F 131 8.55 -12.63 21.93
C PRO F 131 8.81 -11.98 23.29
N CYS F 132 9.66 -10.94 23.38
CA CYS F 132 9.98 -10.28 24.66
C CYS F 132 9.72 -8.78 24.66
N GLY F 133 8.65 -8.38 23.99
CA GLY F 133 8.24 -6.99 23.96
C GLY F 133 6.88 -6.79 23.34
N ASP F 134 6.42 -5.54 23.41
CA ASP F 134 5.09 -5.18 22.93
C ASP F 134 5.06 -4.75 21.46
N SER F 135 6.18 -4.85 20.75
CA SER F 135 6.29 -4.21 19.46
C SER F 135 7.35 -4.82 18.62
N TRP F 136 7.30 -4.55 17.33
CA TRP F 136 8.24 -5.11 16.39
C TRP F 136 8.15 -4.31 15.10
N SER F 137 8.93 -4.72 14.11
CA SER F 137 8.89 -4.08 12.82
C SER F 137 9.32 -5.02 11.75
N ALA F 138 9.13 -4.58 10.52
CA ALA F 138 9.64 -5.32 9.39
C ALA F 138 11.16 -5.38 9.39
N GLU F 139 11.80 -4.29 9.76
CA GLU F 139 13.25 -4.26 9.81
C GLU F 139 13.81 -5.11 10.93
N MET F 140 13.06 -5.23 12.02
CA MET F 140 13.48 -6.11 13.10
C MET F 140 13.53 -7.56 12.64
N ILE F 141 12.44 -8.03 12.04
CA ILE F 141 12.34 -9.45 11.64
C ILE F 141 13.16 -9.84 10.42
N SER F 142 13.59 -8.88 9.61
CA SER F 142 14.48 -9.17 8.47
C SER F 142 15.89 -9.46 8.93
N ARG F 143 16.35 -8.64 9.86
CA ARG F 143 17.70 -8.73 10.39
C ARG F 143 17.83 -9.75 11.53
N SER F 144 16.76 -9.90 12.32
CA SER F 144 16.68 -10.95 13.35
C SER F 144 16.57 -12.36 12.77
N ARG F 145 16.19 -12.46 11.48
CA ARG F 145 16.09 -13.74 10.78
C ARG F 145 15.00 -14.63 11.34
N VAL F 146 13.83 -14.05 11.60
CA VAL F 146 12.70 -14.81 12.09
C VAL F 146 12.32 -15.75 10.97
N ARG F 147 12.00 -16.97 11.34
CA ARG F 147 11.94 -18.08 10.42
C ARG F 147 10.57 -18.73 10.53
N MET F 148 9.89 -18.79 9.39
CA MET F 148 8.62 -19.47 9.28
C MET F 148 8.86 -20.81 8.61
N THR F 149 8.21 -21.84 9.15
CA THR F 149 8.42 -23.22 8.71
C THR F 149 7.08 -23.93 8.69
N VAL F 150 6.72 -24.47 7.53
CA VAL F 150 5.57 -25.36 7.40
C VAL F 150 6.09 -26.78 7.18
N ILE F 151 5.50 -27.71 7.90
CA ILE F 151 5.96 -29.07 7.96
C ILE F 151 4.73 -29.95 7.92
N CYS F 152 4.87 -31.12 7.32
CA CYS F 152 3.81 -32.12 7.32
C CYS F 152 4.19 -33.20 8.32
N VAL F 153 3.44 -33.27 9.41
CA VAL F 153 3.77 -34.19 10.51
C VAL F 153 3.25 -35.62 10.28
N SER F 154 2.17 -35.74 9.51
CA SER F 154 1.61 -37.02 9.08
C SER F 154 1.18 -36.90 7.63
N GLY F 155 1.58 -37.87 6.80
CA GLY F 155 1.23 -37.85 5.38
C GLY F 155 -0.27 -38.00 5.11
N TRP F 156 -0.63 -37.95 3.84
CA TRP F 156 -2.00 -38.17 3.42
C TRP F 156 -2.37 -39.62 3.71
N THR F 157 -3.47 -39.83 4.42
CA THR F 157 -3.94 -41.21 4.67
C THR F 157 -4.52 -41.86 3.42
N LEU F 158 -5.15 -41.04 2.58
CA LEU F 158 -5.53 -41.42 1.23
C LEU F 158 -5.12 -40.26 0.32
N SER F 159 -4.27 -40.54 -0.68
CA SER F 159 -3.70 -39.46 -1.49
C SER F 159 -4.78 -38.84 -2.36
N PRO F 160 -4.74 -37.51 -2.55
CA PRO F 160 -5.61 -36.91 -3.55
C PRO F 160 -5.23 -37.29 -4.97
N THR F 161 -6.08 -36.92 -5.91
CA THR F 161 -5.85 -37.18 -7.34
C THR F 161 -4.67 -36.39 -7.89
N THR F 162 -4.56 -35.13 -7.46
CA THR F 162 -3.54 -34.20 -7.94
C THR F 162 -2.84 -33.55 -6.76
N ASP F 163 -1.84 -32.73 -7.06
CA ASP F 163 -1.20 -31.89 -6.05
C ASP F 163 -2.16 -30.84 -5.53
N VAL F 164 -1.84 -30.36 -4.34
CA VAL F 164 -2.69 -29.44 -3.59
C VAL F 164 -1.88 -28.18 -3.35
N ILE F 165 -2.58 -27.10 -2.99
CA ILE F 165 -1.95 -25.87 -2.53
C ILE F 165 -2.63 -25.32 -1.28
N ALA F 166 -1.81 -24.81 -0.36
CA ALA F 166 -2.28 -24.10 0.83
C ALA F 166 -1.96 -22.63 0.68
N LYS F 167 -2.99 -21.78 0.67
CA LYS F 167 -2.79 -20.33 0.63
C LYS F 167 -2.75 -19.78 2.01
N LEU F 168 -1.62 -19.18 2.37
CA LEU F 168 -1.51 -18.45 3.63
C LEU F 168 -1.75 -16.97 3.39
N ASP F 169 -2.51 -16.33 4.27
CA ASP F 169 -2.83 -14.91 4.16
C ASP F 169 -2.29 -14.18 5.38
N TRP F 170 -1.19 -13.50 5.20
CA TRP F 170 -0.54 -12.80 6.29
C TRP F 170 -1.15 -11.43 6.44
N SER F 171 -1.69 -11.14 7.62
CA SER F 171 -2.30 -9.85 7.93
C SER F 171 -1.71 -9.31 9.21
N ILE F 172 -2.18 -8.14 9.61
CA ILE F 172 -1.85 -7.55 10.89
C ILE F 172 -3.14 -7.18 11.58
N VAL F 173 -3.48 -7.92 12.62
CA VAL F 173 -4.66 -7.58 13.42
C VAL F 173 -4.33 -6.57 14.47
N ASN F 174 -5.34 -6.13 15.24
CA ASN F 174 -5.10 -5.16 16.26
C ASN F 174 -5.23 -5.55 17.69
N GLU F 175 -4.64 -6.69 17.99
CA GLU F 175 -4.50 -7.17 19.36
C GLU F 175 -3.19 -6.65 19.92
N LYS F 176 -3.07 -6.56 21.26
CA LYS F 176 -1.80 -6.16 21.88
C LYS F 176 -0.81 -7.30 21.80
N CYS F 177 0.43 -6.98 21.43
CA CYS F 177 1.50 -7.94 21.43
C CYS F 177 1.97 -8.16 22.86
N GLU F 178 1.56 -9.28 23.46
CA GLU F 178 2.01 -9.61 24.81
C GLU F 178 3.22 -10.52 24.74
N PRO F 179 4.24 -10.26 25.58
CA PRO F 179 5.45 -11.07 25.57
C PRO F 179 5.34 -12.41 26.33
N THR F 180 6.01 -13.45 25.84
CA THR F 180 6.16 -14.76 26.55
C THR F 180 7.60 -14.98 27.02
N ILE F 181 7.82 -14.72 28.29
CA ILE F 181 9.13 -14.71 28.89
C ILE F 181 9.23 -15.78 29.96
N TYR F 182 10.22 -16.63 29.81
CA TYR F 182 10.48 -17.69 30.76
C TYR F 182 11.41 -17.15 31.79
N HIS F 183 11.24 -17.56 33.04
CA HIS F 183 12.11 -17.09 34.15
C HIS F 183 12.20 -18.10 35.26
N LEU F 184 13.13 -17.90 36.18
CA LEU F 184 13.52 -18.95 37.11
C LEU F 184 12.78 -18.98 38.45
N ALA F 185 11.59 -18.41 38.50
CA ALA F 185 10.76 -18.51 39.70
C ALA F 185 10.39 -19.96 39.88
N ASP F 186 10.44 -20.44 41.12
CA ASP F 186 10.16 -21.85 41.42
C ASP F 186 8.68 -22.16 41.29
N CYS F 187 7.83 -21.29 41.80
CA CYS F 187 6.40 -21.42 41.60
C CYS F 187 5.90 -20.40 40.58
N GLN F 188 5.27 -20.91 39.52
CA GLN F 188 4.72 -20.08 38.46
C GLN F 188 3.33 -20.52 38.15
N ASN F 189 2.51 -19.57 37.74
CA ASN F 189 1.14 -19.87 37.54
C ASN F 189 0.84 -20.60 36.25
N TRP F 190 1.60 -20.28 35.22
CA TRP F 190 1.43 -20.88 33.91
C TRP F 190 2.77 -20.88 33.20
N LEU F 191 3.33 -22.06 33.05
CA LEU F 191 4.56 -22.25 32.34
C LEU F 191 4.19 -22.88 31.01
N PRO F 192 4.08 -22.10 29.92
CA PRO F 192 3.79 -22.70 28.61
C PRO F 192 4.98 -23.51 28.06
N LEU F 193 4.72 -24.50 27.23
CA LEU F 193 5.79 -25.38 26.74
C LEU F 193 5.68 -25.72 25.28
N ASN F 194 4.50 -26.16 24.85
CA ASN F 194 4.28 -26.60 23.49
C ASN F 194 5.28 -27.69 23.12
N ARG F 195 5.34 -28.68 24.00
CA ARG F 195 6.28 -29.75 23.92
C ARG F 195 5.59 -30.87 23.19
N TRP F 196 6.17 -31.31 22.08
CA TRP F 196 5.61 -32.40 21.30
C TRP F 196 5.83 -33.72 22.01
N MET F 197 4.81 -34.18 22.74
CA MET F 197 4.88 -35.44 23.46
C MET F 197 5.10 -36.65 22.57
N GLY F 198 4.62 -36.56 21.34
CA GLY F 198 4.92 -37.57 20.34
C GLY F 198 3.73 -37.89 19.48
N LYS F 199 4.03 -38.37 18.27
CA LYS F 199 3.04 -38.87 17.34
C LYS F 199 2.79 -40.33 17.68
N LEU F 200 1.52 -40.69 17.81
CA LEU F 200 1.10 -42.03 18.17
C LEU F 200 0.48 -42.72 16.98
N THR F 201 1.18 -43.67 16.39
CA THR F 201 0.59 -44.51 15.36
C THR F 201 -0.04 -45.75 16.00
N PHE F 202 -1.27 -46.06 15.60
CA PHE F 202 -1.95 -47.29 15.97
C PHE F 202 -2.37 -47.97 14.67
N PRO F 203 -1.84 -49.17 14.40
CA PRO F 203 -2.21 -49.84 13.15
C PRO F 203 -3.67 -50.32 13.17
N GLN F 204 -4.24 -50.54 11.99
CA GLN F 204 -5.59 -51.12 11.90
C GLN F 204 -5.54 -52.57 12.36
N GLY F 205 -6.47 -52.95 13.22
CA GLY F 205 -6.58 -54.33 13.66
C GLY F 205 -7.23 -54.52 15.02
N VAL F 206 -6.84 -55.61 15.67
CA VAL F 206 -7.53 -56.10 16.85
C VAL F 206 -6.67 -56.11 18.12
N THR F 207 -5.38 -55.83 18.00
CA THR F 207 -4.45 -56.12 19.09
C THR F 207 -4.48 -55.03 20.17
N SER F 208 -4.01 -55.38 21.37
CA SER F 208 -3.86 -54.43 22.48
C SER F 208 -2.75 -53.45 22.17
N GLU F 209 -3.15 -52.25 21.74
CA GLU F 209 -2.19 -51.20 21.42
C GLU F 209 -2.14 -50.22 22.56
N VAL F 210 -0.94 -50.07 23.11
CA VAL F 210 -0.67 -49.22 24.25
C VAL F 210 0.57 -48.42 23.91
N ARG F 211 0.52 -47.13 24.23
CA ARG F 211 1.62 -46.25 23.95
C ARG F 211 1.88 -45.41 25.18
N ARG F 212 3.12 -45.47 25.64
CA ARG F 212 3.57 -44.73 26.78
C ARG F 212 4.33 -43.50 26.30
N MET F 213 4.01 -42.35 26.89
CA MET F 213 4.83 -41.16 26.73
C MET F 213 5.23 -40.70 28.12
N PRO F 214 6.54 -40.63 28.38
CA PRO F 214 6.98 -40.30 29.74
C PRO F 214 6.78 -38.83 30.04
N LEU F 215 6.45 -38.53 31.30
CA LEU F 215 6.34 -37.14 31.77
C LEU F 215 7.63 -36.58 32.35
N SER F 216 8.69 -37.40 32.42
CA SER F 216 10.05 -36.88 32.54
C SER F 216 10.46 -36.32 31.18
N ILE F 217 9.96 -35.12 30.92
CA ILE F 217 10.01 -34.52 29.61
C ILE F 217 11.35 -33.91 29.28
N GLY F 218 12.02 -33.38 30.29
CA GLY F 218 13.30 -32.69 30.11
C GLY F 218 14.40 -33.48 29.43
N GLY F 219 15.42 -32.76 28.96
CA GLY F 219 16.56 -33.34 28.24
C GLY F 219 16.24 -33.78 26.82
N GLY F 220 15.33 -33.08 26.17
CA GLY F 220 15.08 -33.24 24.73
C GLY F 220 14.43 -34.52 24.27
N ALA F 221 14.39 -34.67 22.95
CA ALA F 221 13.91 -35.86 22.26
C ALA F 221 15.07 -36.49 21.45
N GLY F 222 14.96 -37.78 21.13
CA GLY F 222 16.06 -38.56 20.51
C GLY F 222 16.30 -38.35 19.02
N ALA F 223 17.45 -38.86 18.56
CA ALA F 223 17.85 -38.85 17.15
C ALA F 223 18.77 -40.06 16.90
N THR F 224 20.04 -39.89 16.51
CA THR F 224 20.94 -41.04 16.22
C THR F 224 21.82 -41.31 17.46
N GLN F 225 22.95 -40.60 17.58
CA GLN F 225 23.76 -40.54 18.79
C GLN F 225 23.68 -39.08 19.22
N ALA F 226 22.44 -38.60 19.31
CA ALA F 226 22.14 -37.18 19.37
C ALA F 226 20.78 -36.94 19.96
N PHE F 227 20.50 -35.68 20.27
CA PHE F 227 19.19 -35.30 20.74
C PHE F 227 18.85 -33.88 20.31
N LEU F 228 17.56 -33.62 20.25
CA LEU F 228 17.01 -32.36 19.76
C LEU F 228 16.56 -31.54 20.95
N ALA F 229 16.45 -30.24 20.74
CA ALA F 229 16.06 -29.35 21.83
C ALA F 229 15.24 -28.13 21.42
N ASN F 230 14.13 -27.95 22.14
CA ASN F 230 13.42 -26.67 22.17
C ASN F 230 14.06 -25.88 23.25
N MET F 231 13.68 -24.63 23.32
CA MET F 231 14.10 -23.81 24.44
C MET F 231 13.25 -24.17 25.64
N PRO F 232 11.90 -24.16 25.51
CA PRO F 232 11.11 -24.38 26.71
C PRO F 232 11.32 -25.73 27.37
N ASN F 233 11.58 -26.75 26.58
CA ASN F 233 11.93 -28.02 27.14
C ASN F 233 13.31 -28.03 27.81
N SER F 234 14.26 -27.26 27.28
CA SER F 234 15.56 -27.09 27.95
C SER F 234 15.42 -26.26 29.20
N TRP F 235 14.45 -25.36 29.20
CA TRP F 235 14.21 -24.50 30.35
C TRP F 235 13.63 -25.25 31.52
N ILE F 236 12.70 -26.15 31.26
CA ILE F 236 12.10 -26.87 32.37
C ILE F 236 13.12 -27.82 32.99
N SER F 237 14.07 -28.32 32.20
CA SER F 237 15.13 -29.14 32.76
C SER F 237 16.16 -28.38 33.62
N MET F 238 16.06 -27.07 33.71
CA MET F 238 16.81 -26.33 34.74
C MET F 238 16.55 -26.86 36.14
N TRP F 239 15.31 -27.21 36.42
CA TRP F 239 14.93 -27.77 37.72
C TRP F 239 15.04 -29.28 37.77
N ARG F 240 15.21 -29.81 38.97
CA ARG F 240 15.42 -31.22 39.12
C ARG F 240 14.12 -31.99 39.09
N TYR F 241 13.21 -31.61 39.98
CA TYR F 241 11.90 -32.24 40.11
C TYR F 241 10.88 -31.19 39.78
N PHE F 242 9.70 -31.59 39.34
CA PHE F 242 8.61 -30.63 39.15
C PHE F 242 7.25 -31.26 39.19
N ARG F 243 6.21 -30.42 39.23
CA ARG F 243 4.82 -30.90 39.21
C ARG F 243 3.88 -29.81 38.72
N GLY F 244 2.63 -30.18 38.46
CA GLY F 244 1.59 -29.23 38.11
C GLY F 244 0.44 -29.85 37.36
N GLU F 245 -0.62 -29.08 37.13
CA GLU F 245 -1.70 -29.51 36.23
C GLU F 245 -1.16 -29.50 34.81
N LEU F 246 -1.18 -30.66 34.16
CA LEU F 246 -0.67 -30.78 32.82
C LEU F 246 -1.80 -30.63 31.82
N HIS F 247 -1.63 -29.76 30.84
CA HIS F 247 -2.66 -29.48 29.83
C HIS F 247 -2.23 -29.99 28.48
N PHE F 248 -2.59 -31.23 28.18
CA PHE F 248 -2.30 -31.78 26.86
C PHE F 248 -3.32 -31.33 25.85
N GLU F 249 -2.97 -31.47 24.58
CA GLU F 249 -3.83 -31.13 23.46
C GLU F 249 -3.65 -32.22 22.45
N VAL F 250 -4.52 -33.20 22.49
CA VAL F 250 -4.44 -34.31 21.57
C VAL F 250 -5.19 -34.00 20.26
N THR F 251 -4.53 -34.26 19.14
CA THR F 251 -5.05 -33.93 17.81
C THR F 251 -5.10 -35.15 16.86
N LYS F 252 -6.18 -35.25 16.10
CA LYS F 252 -6.31 -36.21 15.00
C LYS F 252 -5.46 -35.82 13.83
N MET F 253 -4.75 -36.78 13.27
CA MET F 253 -3.91 -36.55 12.09
C MET F 253 -4.25 -37.36 10.87
N SER F 254 -4.98 -38.44 11.09
CA SER F 254 -5.50 -39.26 10.02
C SER F 254 -6.81 -38.63 9.51
N SER F 255 -7.45 -39.30 8.57
CA SER F 255 -8.76 -38.87 8.12
C SER F 255 -9.81 -39.26 9.11
N PRO F 256 -10.96 -38.62 9.02
CA PRO F 256 -12.19 -39.05 9.69
C PRO F 256 -12.62 -40.48 9.45
N TYR F 257 -12.23 -41.09 8.34
CA TYR F 257 -12.64 -42.47 8.07
C TYR F 257 -11.98 -43.51 8.93
N ILE F 258 -10.76 -43.23 9.38
CA ILE F 258 -10.10 -44.13 10.30
C ILE F 258 -10.56 -43.71 11.68
N LYS F 259 -11.27 -44.62 12.32
CA LYS F 259 -11.97 -44.36 13.53
C LYS F 259 -11.35 -45.19 14.63
N ALA F 260 -11.25 -44.58 15.80
CA ALA F 260 -10.74 -45.24 16.97
C ALA F 260 -11.06 -44.41 18.22
N THR F 261 -11.17 -45.12 19.32
CA THR F 261 -11.52 -44.57 20.61
C THR F 261 -10.31 -44.77 21.51
N VAL F 262 -9.85 -43.70 22.18
CA VAL F 262 -8.58 -43.70 22.90
C VAL F 262 -8.74 -43.27 24.35
N THR F 263 -8.33 -44.13 25.28
CA THR F 263 -8.28 -43.78 26.71
C THR F 263 -6.91 -43.22 27.01
N PHE F 264 -6.90 -42.14 27.77
CA PHE F 264 -5.68 -41.54 28.26
C PHE F 264 -5.67 -41.64 29.76
N LEU F 265 -4.52 -41.95 30.32
CA LEU F 265 -4.40 -42.00 31.77
C LEU F 265 -2.99 -41.85 32.22
N ILE F 266 -2.84 -41.34 33.43
CA ILE F 266 -1.56 -41.31 34.07
C ILE F 266 -1.37 -42.62 34.79
N ALA F 267 -0.15 -43.16 34.72
CA ALA F 267 0.19 -44.42 35.39
C ALA F 267 1.68 -44.65 35.23
N PHE F 268 2.21 -45.66 35.91
CA PHE F 268 3.65 -45.90 35.97
C PHE F 268 4.07 -46.99 35.02
N GLY F 269 5.36 -47.01 34.69
CA GLY F 269 5.89 -47.84 33.60
C GLY F 269 5.74 -49.36 33.70
N ASN F 270 5.75 -49.88 34.93
CA ASN F 270 5.66 -51.33 35.21
C ASN F 270 4.48 -52.07 34.53
N LEU F 271 3.34 -51.39 34.37
CA LEU F 271 2.15 -51.96 33.73
C LEU F 271 2.44 -52.44 32.33
N SER F 272 2.25 -53.74 32.08
CA SER F 272 2.57 -54.36 30.79
C SER F 272 1.48 -54.08 29.76
N ASP F 273 1.76 -54.37 28.48
CA ASP F 273 0.71 -54.51 27.47
C ASP F 273 0.11 -55.88 27.71
N ALA F 274 -1.14 -56.08 27.30
CA ALA F 274 -1.93 -57.26 27.70
C ALA F 274 -2.11 -57.34 29.23
N PHE F 275 -2.32 -56.18 29.84
CA PHE F 275 -2.83 -56.04 31.20
C PHE F 275 -4.19 -55.39 30.96
N GLY F 276 -5.26 -56.13 31.20
CA GLY F 276 -6.57 -55.75 30.69
C GLY F 276 -7.44 -54.86 31.56
N PHE F 277 -6.85 -54.15 32.53
CA PHE F 277 -7.67 -53.42 33.52
C PHE F 277 -7.17 -51.99 33.68
N TYR F 278 -6.98 -51.34 32.56
CA TYR F 278 -6.52 -49.95 32.53
C TYR F 278 -7.60 -48.98 32.99
N GLU F 279 -8.85 -49.37 32.86
CA GLU F 279 -9.97 -48.53 33.24
C GLU F 279 -10.34 -48.67 34.74
N SER F 280 -9.49 -49.35 35.50
CA SER F 280 -9.48 -49.23 36.95
C SER F 280 -8.90 -47.87 37.35
N PHE F 281 -7.86 -47.43 36.63
CA PHE F 281 -7.29 -46.11 36.84
C PHE F 281 -8.27 -45.04 36.42
N PRO F 282 -8.14 -43.84 36.96
CA PRO F 282 -8.92 -42.76 36.41
C PRO F 282 -8.41 -42.41 35.03
N HIS F 283 -9.34 -42.17 34.11
CA HIS F 283 -9.01 -41.99 32.72
C HIS F 283 -10.01 -41.12 32.00
N ARG F 284 -9.69 -40.81 30.77
CA ARG F 284 -10.43 -39.91 29.97
C ARG F 284 -10.58 -40.58 28.62
N ILE F 285 -11.81 -40.68 28.13
CA ILE F 285 -12.07 -41.29 26.84
C ILE F 285 -12.10 -40.19 25.79
N VAL F 286 -11.56 -40.49 24.62
CA VAL F 286 -11.51 -39.54 23.52
C VAL F 286 -11.98 -40.20 22.22
N GLN F 287 -13.24 -39.95 21.91
CA GLN F 287 -13.78 -40.23 20.59
C GLN F 287 -13.79 -38.93 19.83
N PHE F 288 -13.44 -39.00 18.56
CA PHE F 288 -13.53 -37.85 17.69
C PHE F 288 -14.70 -38.00 16.76
N ALA F 289 -15.44 -36.90 16.56
CA ALA F 289 -16.47 -36.82 15.51
C ALA F 289 -15.78 -36.68 14.12
N GLU F 290 -16.58 -36.54 13.06
CA GLU F 290 -16.03 -36.23 11.74
C GLU F 290 -15.38 -34.84 11.73
N VAL F 291 -16.07 -33.87 12.31
CA VAL F 291 -15.67 -32.46 12.24
C VAL F 291 -14.66 -32.08 13.33
N GLU F 292 -14.78 -32.65 14.53
CA GLU F 292 -13.84 -32.35 15.63
C GLU F 292 -12.48 -33.01 15.36
N GLU F 293 -11.44 -32.28 15.72
CA GLU F 293 -10.07 -32.62 15.40
C GLU F 293 -9.09 -32.44 16.58
N LYS F 294 -9.58 -31.87 17.68
CA LYS F 294 -8.73 -31.30 18.71
C LYS F 294 -9.44 -31.46 20.03
N CYS F 295 -8.72 -31.90 21.05
CA CYS F 295 -9.35 -32.16 22.32
C CYS F 295 -8.33 -32.01 23.43
N THR F 296 -8.71 -31.34 24.52
CA THR F 296 -7.77 -31.02 25.61
C THR F 296 -7.98 -31.83 26.88
N LEU F 297 -7.05 -32.74 27.10
CA LEU F 297 -6.97 -33.48 28.33
C LEU F 297 -6.33 -32.56 29.33
N VAL F 298 -6.90 -32.52 30.53
CA VAL F 298 -6.23 -31.92 31.69
C VAL F 298 -6.13 -32.98 32.78
N PHE F 299 -4.97 -33.00 33.46
CA PHE F 299 -4.71 -33.89 34.56
C PHE F 299 -4.37 -33.09 35.79
N SER F 300 -5.30 -33.07 36.74
CA SER F 300 -5.21 -32.22 37.93
C SER F 300 -4.07 -32.63 38.88
N GLN F 301 -3.94 -31.89 39.97
CA GLN F 301 -2.96 -32.23 41.01
C GLN F 301 -3.24 -33.53 41.76
N GLN F 302 -4.47 -34.03 41.70
CA GLN F 302 -4.82 -35.27 42.40
C GLN F 302 -4.33 -36.51 41.67
N GLU F 303 -3.87 -36.35 40.43
CA GLU F 303 -3.27 -37.45 39.69
C GLU F 303 -1.82 -37.73 40.08
N PHE F 304 -1.18 -36.80 40.78
CA PHE F 304 0.24 -36.94 41.15
C PHE F 304 0.42 -36.76 42.62
N VAL F 305 1.16 -37.67 43.25
CA VAL F 305 1.32 -37.62 44.69
C VAL F 305 2.35 -36.58 45.02
N THR F 306 3.53 -36.77 44.42
CA THR F 306 4.70 -35.92 44.63
C THR F 306 5.12 -35.37 43.28
N ALA F 307 6.12 -34.51 43.31
CA ALA F 307 6.78 -34.12 42.10
C ALA F 307 7.58 -35.30 41.58
N TRP F 308 7.95 -35.24 40.31
CA TRP F 308 8.76 -36.27 39.68
C TRP F 308 9.89 -35.59 38.93
N SER F 309 10.87 -36.38 38.55
CA SER F 309 12.10 -35.84 37.96
C SER F 309 11.89 -35.36 36.54
N THR F 310 12.57 -34.28 36.17
CA THR F 310 12.49 -33.76 34.80
C THR F 310 13.24 -34.62 33.80
N GLN F 311 14.38 -35.16 34.21
CA GLN F 311 15.14 -36.04 33.35
C GLN F 311 15.29 -37.32 34.09
N VAL F 312 15.44 -38.40 33.35
CA VAL F 312 15.83 -39.68 33.91
C VAL F 312 16.98 -40.21 33.08
N ASN F 313 17.81 -41.04 33.70
CA ASN F 313 18.85 -41.76 33.00
C ASN F 313 18.27 -42.53 31.80
N PRO F 314 18.93 -42.49 30.64
CA PRO F 314 18.42 -43.25 29.49
C PRO F 314 18.32 -44.77 29.66
N ARG F 315 19.24 -45.36 30.42
CA ARG F 315 19.28 -46.82 30.55
C ARG F 315 18.32 -47.41 31.59
N THR F 316 17.58 -46.59 32.33
CA THR F 316 16.52 -47.13 33.20
C THR F 316 15.41 -47.77 32.36
N THR F 317 15.09 -49.01 32.68
CA THR F 317 14.02 -49.76 32.02
C THR F 317 12.66 -49.29 32.53
N LEU F 318 11.60 -49.69 31.85
CA LEU F 318 10.23 -49.41 32.31
C LEU F 318 9.92 -50.05 33.68
N GLU F 319 10.57 -51.18 33.97
CA GLU F 319 10.36 -51.90 35.24
C GLU F 319 10.77 -51.10 36.47
N ALA F 320 11.92 -50.41 36.40
CA ALA F 320 12.41 -49.55 37.49
C ALA F 320 12.53 -48.10 37.03
N ASP F 321 11.37 -47.46 36.92
CA ASP F 321 11.27 -46.05 36.55
C ASP F 321 10.04 -45.50 37.27
N GLY F 322 10.31 -44.76 38.33
CA GLY F 322 9.28 -44.30 39.23
C GLY F 322 8.66 -42.97 38.90
N CYS F 323 8.93 -42.42 37.71
CA CYS F 323 8.19 -41.24 37.25
C CYS F 323 6.93 -41.70 36.51
N PRO F 324 5.89 -40.85 36.48
CA PRO F 324 4.66 -41.22 35.78
C PRO F 324 4.79 -41.12 34.27
N TYR F 325 4.01 -41.96 33.60
CA TYR F 325 3.82 -41.90 32.16
C TYR F 325 2.40 -41.44 31.86
N LEU F 326 2.20 -41.05 30.61
CA LEU F 326 0.89 -40.81 30.07
C LEU F 326 0.64 -41.96 29.12
N TYR F 327 -0.28 -42.84 29.49
CA TYR F 327 -0.67 -43.94 28.62
C TYR F 327 -1.71 -43.46 27.63
N ALA F 328 -1.66 -44.03 26.42
CA ALA F 328 -2.69 -43.85 25.42
C ALA F 328 -3.03 -45.23 24.89
N ILE F 329 -4.23 -45.69 25.20
CA ILE F 329 -4.65 -47.06 24.98
C ILE F 329 -5.86 -47.06 24.10
N ILE F 330 -5.86 -47.97 23.16
CA ILE F 330 -6.98 -48.11 22.26
C ILE F 330 -8.10 -48.81 23.06
N HIS F 331 -9.26 -48.16 23.14
CA HIS F 331 -10.35 -48.65 23.97
C HIS F 331 -11.06 -49.81 23.30
N ASP F 332 -11.21 -49.74 21.98
CA ASP F 332 -11.79 -50.84 21.19
C ASP F 332 -10.81 -51.44 20.19
N SER F 333 -10.59 -50.73 19.09
CA SER F 333 -9.88 -51.25 17.93
C SER F 333 -9.85 -50.15 16.87
N THR F 334 -8.79 -50.15 16.07
CA THR F 334 -8.67 -49.19 15.00
C THR F 334 -9.33 -49.78 13.77
N THR F 335 -10.22 -48.99 13.17
CA THR F 335 -11.11 -49.46 12.11
C THR F 335 -11.16 -48.44 10.98
N GLY F 336 -11.71 -48.89 9.87
CA GLY F 336 -12.00 -48.01 8.75
C GLY F 336 -12.22 -48.83 7.51
N THR F 337 -12.93 -48.25 6.55
CA THR F 337 -13.14 -48.87 5.24
C THR F 337 -11.91 -48.75 4.35
N ILE F 338 -11.13 -47.69 4.55
CA ILE F 338 -9.90 -47.43 3.80
C ILE F 338 -8.70 -47.77 4.67
N SER F 339 -7.62 -48.24 4.05
CA SER F 339 -6.41 -48.59 4.80
C SER F 339 -5.66 -47.33 5.17
N GLY F 340 -4.91 -47.41 6.25
CA GLY F 340 -4.20 -46.27 6.85
C GLY F 340 -4.23 -46.36 8.36
N ASP F 341 -3.17 -45.88 9.01
CA ASP F 341 -3.08 -45.95 10.46
C ASP F 341 -3.85 -44.83 11.11
N PHE F 342 -4.20 -45.01 12.38
CA PHE F 342 -4.87 -43.98 13.16
C PHE F 342 -3.82 -43.18 13.86
N ASN F 343 -3.40 -42.13 13.22
CA ASN F 343 -2.43 -41.24 13.83
C ASN F 343 -3.08 -40.22 14.73
N LEU F 344 -2.32 -39.83 15.74
CA LEU F 344 -2.81 -39.04 16.83
C LEU F 344 -1.63 -38.33 17.47
N GLY F 345 -1.73 -37.02 17.60
CA GLY F 345 -0.60 -36.20 18.04
C GLY F 345 -0.85 -35.54 19.38
N VAL F 346 0.01 -35.83 20.33
CA VAL F 346 -0.16 -35.29 21.66
C VAL F 346 0.87 -34.22 21.85
N LYS F 347 0.44 -33.12 22.47
CA LYS F 347 1.26 -31.95 22.64
C LYS F 347 0.97 -31.37 24.01
N LEU F 348 1.95 -31.43 24.90
CA LEU F 348 1.86 -30.80 26.22
C LEU F 348 1.90 -29.30 26.02
N VAL F 349 0.77 -28.64 26.22
CA VAL F 349 0.66 -27.22 25.93
C VAL F 349 1.37 -26.46 27.00
N GLY F 350 1.05 -26.78 28.25
CA GLY F 350 1.64 -26.08 29.34
C GLY F 350 1.27 -26.67 30.67
N ILE F 351 2.00 -26.23 31.69
CA ILE F 351 1.82 -26.70 33.03
C ILE F 351 1.25 -25.56 33.82
N LYS F 352 0.10 -25.79 34.44
CA LYS F 352 -0.55 -24.79 35.28
C LYS F 352 -0.17 -25.11 36.69
N ASP F 353 -0.06 -24.07 37.50
CA ASP F 353 0.37 -24.17 38.89
C ASP F 353 1.69 -24.95 38.99
N PHE F 354 2.62 -24.58 38.12
CA PHE F 354 3.91 -25.22 38.03
C PHE F 354 4.70 -24.99 39.28
N CYS F 355 5.34 -26.04 39.76
CA CYS F 355 6.19 -25.95 40.92
C CYS F 355 7.46 -26.71 40.61
N GLY F 356 8.57 -25.99 40.52
CA GLY F 356 9.88 -26.54 40.15
C GLY F 356 10.76 -26.59 41.36
N ILE F 357 11.31 -27.78 41.65
CA ILE F 357 12.10 -27.99 42.83
C ILE F 357 13.55 -28.26 42.44
N GLY F 358 14.44 -27.64 43.18
CA GLY F 358 15.85 -27.99 43.14
C GLY F 358 16.61 -27.37 41.99
N SER F 359 17.65 -28.08 41.56
CA SER F 359 18.59 -27.55 40.60
C SER F 359 19.31 -28.70 39.88
N ASN F 360 18.90 -28.95 38.64
CA ASN F 360 19.36 -30.11 37.90
C ASN F 360 20.82 -29.93 37.48
N PRO F 361 21.70 -30.86 37.91
CA PRO F 361 23.06 -30.89 37.37
C PRO F 361 23.06 -31.26 35.92
N GLY F 362 22.12 -32.13 35.55
CA GLY F 362 21.90 -32.54 34.17
C GLY F 362 22.19 -34.00 33.95
N ILE F 363 21.70 -34.54 32.83
CA ILE F 363 21.87 -35.97 32.55
C ILE F 363 22.51 -36.35 31.21
N ASP F 364 22.14 -35.75 30.09
CA ASP F 364 22.78 -36.06 28.79
C ASP F 364 22.26 -37.37 28.17
N GLY F 365 21.21 -37.18 27.43
CA GLY F 365 20.48 -38.26 26.75
C GLY F 365 19.09 -37.74 26.56
N SER F 366 18.16 -38.60 26.15
CA SER F 366 16.75 -38.22 26.06
C SER F 366 15.83 -39.28 26.67
N ARG F 367 15.51 -40.35 25.95
CA ARG F 367 14.38 -41.22 26.38
C ARG F 367 14.63 -42.31 27.42
N LEU F 368 13.53 -42.79 28.04
CA LEU F 368 13.54 -43.47 29.37
C LEU F 368 13.00 -44.91 29.44
N GLY G 1 41.98 -17.47 49.46
CA GLY G 1 41.88 -18.74 48.61
C GLY G 1 41.93 -20.03 49.44
N PRO G 2 41.81 -21.22 48.79
CA PRO G 2 41.84 -21.50 47.33
C PRO G 2 40.58 -21.10 46.50
N VAL G 3 39.39 -21.21 47.10
CA VAL G 3 38.13 -20.73 46.50
C VAL G 3 38.15 -19.18 46.50
N CYS G 4 37.90 -18.59 45.32
CA CYS G 4 37.91 -17.11 45.15
C CYS G 4 36.64 -16.39 45.63
N ALA G 5 36.71 -15.06 45.71
CA ALA G 5 35.52 -14.24 45.88
C ALA G 5 34.75 -14.23 44.54
N GLU G 6 34.35 -13.11 44.00
CA GLU G 6 33.63 -13.16 42.74
C GLU G 6 33.82 -11.79 42.18
N ALA G 7 34.62 -11.71 41.13
CA ALA G 7 34.71 -10.48 40.33
C ALA G 7 33.43 -10.37 39.50
N SER G 8 32.98 -9.16 39.15
CA SER G 8 31.67 -8.99 38.51
C SER G 8 31.55 -7.99 37.35
N ASP G 9 32.35 -6.94 37.34
CA ASP G 9 31.95 -5.73 36.67
C ASP G 9 32.74 -5.57 35.40
N VAL G 10 32.39 -4.58 34.59
CA VAL G 10 33.16 -4.29 33.36
C VAL G 10 34.28 -3.27 33.63
N TYR G 11 35.54 -3.72 33.64
CA TYR G 11 36.71 -2.85 33.80
C TYR G 11 37.38 -2.78 32.44
N SER G 12 37.59 -1.58 31.93
CA SER G 12 38.20 -1.42 30.61
C SER G 12 39.68 -1.07 30.73
N PRO G 13 40.54 -1.71 29.93
CA PRO G 13 41.99 -1.51 30.02
C PRO G 13 42.43 -0.22 29.38
N CYS G 14 43.13 0.58 30.16
CA CYS G 14 43.43 1.95 29.82
C CYS G 14 44.86 2.14 29.36
N MET G 15 45.78 1.56 30.12
CA MET G 15 47.17 1.93 29.98
C MET G 15 48.01 0.70 30.23
N ILE G 16 48.74 0.28 29.20
CA ILE G 16 49.73 -0.77 29.34
C ILE G 16 51.11 -0.15 29.32
N ALA G 17 52.04 -0.77 30.03
CA ALA G 17 53.43 -0.35 30.03
C ALA G 17 54.35 -1.55 30.09
N SER G 18 54.85 -1.98 28.94
CA SER G 18 55.86 -3.05 28.90
C SER G 18 57.24 -2.57 29.35
N THR G 19 57.99 -3.47 29.95
CA THR G 19 59.20 -3.16 30.66
C THR G 19 60.39 -3.20 29.68
N PRO G 20 61.48 -2.43 29.94
CA PRO G 20 62.54 -2.37 28.93
C PRO G 20 63.20 -3.72 28.63
N PRO G 21 63.58 -3.95 27.35
CA PRO G 21 64.12 -5.26 26.95
C PRO G 21 65.57 -5.49 27.40
N ALA G 22 66.07 -6.71 27.19
CA ALA G 22 67.42 -7.12 27.64
C ALA G 22 68.53 -6.30 26.95
N PRO G 23 69.69 -6.11 27.59
CA PRO G 23 70.07 -6.72 28.88
C PRO G 23 69.73 -5.89 30.15
N PHE G 24 68.86 -4.89 30.03
CA PHE G 24 68.55 -3.95 31.14
C PHE G 24 68.01 -4.67 32.38
N SER G 25 68.86 -4.77 33.41
CA SER G 25 68.55 -5.50 34.65
C SER G 25 68.20 -4.62 35.84
N ASP G 26 68.61 -3.35 35.81
CA ASP G 26 68.48 -2.44 36.95
C ASP G 26 67.01 -2.24 37.39
N VAL G 27 66.84 -1.73 38.61
CA VAL G 27 65.51 -1.42 39.14
C VAL G 27 64.97 -0.21 38.38
N THR G 28 63.69 -0.24 38.06
CA THR G 28 63.04 0.83 37.30
C THR G 28 61.60 0.98 37.70
N ALA G 29 60.99 2.05 37.20
CA ALA G 29 59.64 2.41 37.54
C ALA G 29 58.94 3.15 36.40
N VAL G 30 57.65 3.36 36.57
CA VAL G 30 56.84 4.06 35.59
C VAL G 30 55.73 4.75 36.35
N THR G 31 55.15 5.78 35.75
CA THR G 31 54.08 6.51 36.40
C THR G 31 52.92 6.62 35.44
N PHE G 32 51.75 6.14 35.87
CA PHE G 32 50.51 6.31 35.13
C PHE G 32 49.76 7.48 35.73
N ASP G 33 49.62 8.55 34.96
CA ASP G 33 48.71 9.61 35.32
C ASP G 33 47.30 9.11 35.04
N LEU G 34 46.61 8.69 36.09
CA LEU G 34 45.34 7.97 35.97
C LEU G 34 44.22 8.77 35.36
N ILE G 35 44.23 10.08 35.55
CA ILE G 35 43.16 10.92 35.08
C ILE G 35 43.46 11.41 33.66
N ASN G 36 44.59 12.06 33.47
CA ASN G 36 44.93 12.63 32.17
C ASN G 36 45.44 11.64 31.13
N GLY G 37 45.64 10.38 31.52
CA GLY G 37 46.01 9.32 30.59
C GLY G 37 47.36 9.56 29.92
N LYS G 38 48.42 9.50 30.72
CA LYS G 38 49.80 9.71 30.27
C LYS G 38 50.69 8.73 31.01
N ILE G 39 51.77 8.30 30.35
CA ILE G 39 52.66 7.28 30.92
C ILE G 39 54.11 7.72 30.78
N THR G 40 54.63 8.32 31.85
CA THR G 40 56.01 8.81 31.89
C THR G 40 56.92 7.83 32.65
N PRO G 41 57.79 7.10 31.94
CA PRO G 41 58.74 6.22 32.63
C PRO G 41 59.86 7.03 33.27
N VAL G 42 60.42 6.49 34.35
CA VAL G 42 61.40 7.24 35.14
C VAL G 42 62.80 7.19 34.47
N GLY G 43 63.50 8.30 34.55
CA GLY G 43 64.82 8.45 33.92
C GLY G 43 64.71 8.38 32.41
N ASP G 44 65.69 7.75 31.77
CA ASP G 44 65.70 7.51 30.32
C ASP G 44 65.56 6.02 29.96
N ASP G 45 64.69 5.33 30.70
CA ASP G 45 64.47 3.90 30.47
C ASP G 45 63.44 3.75 29.35
N ASN G 46 63.80 3.04 28.28
CA ASN G 46 62.87 2.81 27.15
C ASN G 46 61.81 1.72 27.45
N TRP G 47 60.81 2.12 28.22
CA TRP G 47 59.59 1.34 28.39
C TRP G 47 58.77 1.46 27.11
N ASN G 48 58.01 0.41 26.81
CA ASN G 48 57.12 0.39 25.65
C ASN G 48 55.67 0.56 26.14
N THR G 49 55.16 1.78 26.01
CA THR G 49 53.87 2.19 26.60
C THR G 49 52.79 2.37 25.53
N HIS G 50 51.53 2.13 25.88
CA HIS G 50 50.40 2.43 25.01
C HIS G 50 49.23 2.91 25.85
N ILE G 51 48.50 3.89 25.35
CA ILE G 51 47.25 4.31 25.97
C ILE G 51 46.11 3.97 25.02
N TYR G 52 45.22 3.11 25.48
CA TYR G 52 44.05 2.69 24.69
C TYR G 52 42.90 3.66 24.90
N ASN G 53 41.85 3.48 24.11
CA ASN G 53 40.77 4.45 24.01
C ASN G 53 39.38 3.91 24.30
N PRO G 54 39.21 3.21 25.43
CA PRO G 54 37.85 2.82 25.82
C PRO G 54 37.07 4.01 26.32
N PRO G 55 35.77 3.86 26.54
CA PRO G 55 34.97 5.03 26.87
C PRO G 55 35.37 5.69 28.18
N ILE G 56 35.78 4.90 29.16
CA ILE G 56 36.29 5.45 30.40
C ILE G 56 37.43 6.45 30.14
N MET G 57 38.43 6.05 29.37
CA MET G 57 39.59 6.90 29.14
C MET G 57 39.24 8.17 28.38
N ASN G 58 38.38 8.04 27.39
CA ASN G 58 37.96 9.21 26.62
C ASN G 58 37.19 10.21 27.44
N VAL G 59 36.41 9.73 28.41
CA VAL G 59 35.75 10.62 29.34
C VAL G 59 36.74 11.27 30.26
N LEU G 60 37.65 10.49 30.82
CA LEU G 60 38.63 11.04 31.75
C LEU G 60 39.52 12.07 31.10
N ARG G 61 39.80 11.89 29.81
CA ARG G 61 40.64 12.84 29.09
C ARG G 61 39.92 14.13 28.69
N THR G 62 38.67 14.00 28.31
CA THR G 62 37.90 15.15 27.84
C THR G 62 37.15 15.89 28.91
N ALA G 63 36.72 15.19 29.96
CA ALA G 63 35.94 15.84 31.01
C ALA G 63 36.84 16.78 31.79
N ALA G 64 36.29 17.95 32.05
CA ALA G 64 36.98 18.94 32.79
C ALA G 64 36.87 18.65 34.27
N TRP G 65 35.65 18.72 34.77
CA TRP G 65 35.39 18.67 36.19
C TRP G 65 34.84 17.28 36.49
N LYS G 66 35.41 16.59 37.46
CA LYS G 66 35.05 15.20 37.77
C LYS G 66 34.77 15.01 39.24
N SER G 67 33.99 14.00 39.57
CA SER G 67 33.58 13.76 40.96
C SER G 67 33.19 12.32 41.19
N GLY G 68 33.82 11.68 42.17
CA GLY G 68 33.39 10.37 42.63
C GLY G 68 34.39 9.29 42.37
N THR G 69 34.00 8.08 42.72
CA THR G 69 34.94 7.02 42.93
C THR G 69 35.27 6.34 41.63
N ILE G 70 36.55 6.04 41.41
CA ILE G 70 36.94 5.15 40.32
C ILE G 70 37.69 3.97 40.87
N HIS G 71 37.32 2.78 40.41
CA HIS G 71 37.93 1.54 40.82
C HIS G 71 38.98 1.19 39.81
N VAL G 72 40.16 0.86 40.29
CA VAL G 72 41.27 0.45 39.44
C VAL G 72 41.54 -1.02 39.66
N GLN G 73 42.04 -1.69 38.62
CA GLN G 73 42.59 -3.03 38.72
C GLN G 73 43.92 -3.09 37.98
N LEU G 74 44.99 -3.08 38.75
CA LEU G 74 46.33 -3.15 38.23
C LEU G 74 46.71 -4.61 38.05
N ASN G 75 46.90 -5.04 36.80
CA ASN G 75 47.39 -6.39 36.51
C ASN G 75 48.86 -6.35 36.16
N VAL G 76 49.55 -7.40 36.57
CA VAL G 76 50.99 -7.52 36.34
C VAL G 76 51.24 -8.88 35.70
N ARG G 77 51.80 -8.84 34.50
CA ARG G 77 52.43 -9.98 33.90
C ARG G 77 53.95 -9.76 34.10
N GLY G 78 54.77 -10.78 34.29
CA GLY G 78 54.51 -12.13 33.88
C GLY G 78 55.47 -12.45 32.75
N ALA G 79 56.69 -12.81 33.11
CA ALA G 79 57.58 -13.50 32.17
C ALA G 79 57.56 -14.97 32.55
N GLY G 80 57.88 -15.83 31.59
CA GLY G 80 57.98 -17.26 31.82
C GLY G 80 59.25 -17.57 32.60
N VAL G 81 59.18 -17.39 33.92
CA VAL G 81 60.32 -17.58 34.80
C VAL G 81 59.94 -18.59 35.87
N LYS G 82 60.77 -19.63 35.99
CA LYS G 82 60.66 -20.67 37.01
C LYS G 82 60.34 -20.07 38.35
N ARG G 83 59.36 -20.66 39.01
CA ARG G 83 58.81 -20.06 40.20
C ARG G 83 59.84 -19.96 41.32
N ALA G 84 60.67 -20.99 41.51
CA ALA G 84 61.71 -20.91 42.55
C ALA G 84 62.85 -19.91 42.27
N ASP G 85 63.01 -19.50 41.01
CA ASP G 85 63.98 -18.44 40.63
C ASP G 85 63.42 -17.00 40.64
N TRP G 86 62.14 -16.85 40.91
CA TRP G 86 61.49 -15.54 40.96
C TRP G 86 61.90 -14.76 42.20
N ASP G 87 62.41 -13.55 41.99
CA ASP G 87 62.74 -12.60 43.07
C ASP G 87 62.17 -11.20 42.87
N GLY G 88 61.25 -11.07 41.91
CA GLY G 88 60.77 -9.78 41.45
C GLY G 88 59.61 -9.31 42.30
N GLN G 89 59.65 -8.04 42.69
CA GLN G 89 58.53 -7.48 43.43
C GLN G 89 58.05 -6.20 42.81
N VAL G 90 56.85 -5.82 43.22
CA VAL G 90 56.19 -4.69 42.64
C VAL G 90 55.70 -3.81 43.77
N PHE G 91 56.27 -2.62 43.87
CA PHE G 91 55.77 -1.61 44.81
C PHE G 91 54.99 -0.61 43.99
N VAL G 92 53.78 -0.29 44.43
CA VAL G 92 53.02 0.78 43.80
C VAL G 92 52.72 1.85 44.82
N TYR G 93 52.42 3.05 44.32
CA TYR G 93 52.20 4.20 45.14
C TYR G 93 51.17 5.10 44.48
N LEU G 94 50.01 5.28 45.08
CA LEU G 94 49.16 6.41 44.67
C LEU G 94 49.78 7.67 45.20
N ARG G 95 49.71 8.72 44.39
CA ARG G 95 50.21 10.03 44.79
C ARG G 95 49.25 11.07 44.27
N GLN G 96 49.20 12.21 44.94
CA GLN G 96 48.42 13.34 44.46
C GLN G 96 49.26 14.05 43.41
N SER G 97 50.46 14.43 43.83
CA SER G 97 51.38 15.11 42.96
C SER G 97 52.58 14.23 42.74
N MET G 98 53.39 14.62 41.77
CA MET G 98 54.60 13.92 41.39
C MET G 98 55.85 14.68 41.88
N ASN G 99 55.66 15.68 42.74
CA ASN G 99 56.79 16.43 43.31
C ASN G 99 57.41 15.63 44.46
N PRO G 100 58.71 15.85 44.74
CA PRO G 100 59.36 15.14 45.86
C PRO G 100 58.71 15.36 47.24
N GLU G 101 58.16 16.55 47.46
CA GLU G 101 57.62 16.95 48.77
C GLU G 101 56.35 16.20 49.15
N SER G 102 55.49 15.93 48.17
CA SER G 102 54.21 15.27 48.40
C SER G 102 54.40 13.84 48.89
N TYR G 103 53.47 13.39 49.72
CA TYR G 103 53.49 12.03 50.21
C TYR G 103 52.55 11.15 49.42
N ASP G 104 52.65 9.85 49.69
CA ASP G 104 51.78 8.86 49.09
C ASP G 104 50.43 8.85 49.79
N ALA G 105 49.40 8.54 49.02
CA ALA G 105 48.07 8.33 49.55
C ALA G 105 47.80 6.86 49.80
N ARG G 106 48.60 6.00 49.17
CA ARG G 106 48.42 4.56 49.33
C ARG G 106 49.65 3.87 48.85
N THR G 107 50.07 2.85 49.58
CA THR G 107 51.13 2.01 49.06
C THR G 107 50.65 0.59 49.11
N PHE G 108 51.01 -0.13 48.05
CA PHE G 108 50.79 -1.56 47.98
C PHE G 108 52.10 -2.18 47.67
N VAL G 109 52.19 -3.46 47.98
CA VAL G 109 53.41 -4.21 47.88
C VAL G 109 53.10 -5.64 47.53
N ILE G 110 53.53 -6.06 46.35
CA ILE G 110 53.16 -7.35 45.82
C ILE G 110 54.42 -8.14 45.44
N SER G 111 54.50 -9.40 45.86
CA SER G 111 55.58 -10.30 45.38
C SER G 111 55.06 -11.67 44.97
N GLN G 112 53.92 -11.69 44.31
CA GLN G 112 53.35 -12.90 43.78
C GLN G 112 54.09 -13.27 42.47
N PRO G 113 54.51 -14.54 42.32
CA PRO G 113 55.31 -14.94 41.17
C PRO G 113 54.51 -15.11 39.92
N GLY G 114 55.18 -14.90 38.80
CA GLY G 114 54.53 -14.73 37.50
C GLY G 114 53.69 -13.46 37.47
N SER G 115 52.46 -13.61 37.97
CA SER G 115 51.39 -12.70 37.70
C SER G 115 50.75 -12.22 38.98
N ALA G 116 50.00 -11.15 38.88
CA ALA G 116 49.30 -10.60 40.02
C ALA G 116 48.18 -9.69 39.62
N MET G 117 47.29 -9.49 40.57
CA MET G 117 46.18 -8.56 40.43
C MET G 117 46.12 -7.72 41.69
N LEU G 118 45.56 -6.53 41.57
CA LEU G 118 45.47 -5.62 42.69
C LEU G 118 44.32 -4.67 42.48
N ASN G 119 43.18 -4.95 43.10
CA ASN G 119 42.05 -4.04 43.03
C ASN G 119 42.15 -3.03 44.14
N PHE G 120 42.00 -1.77 43.78
CA PHE G 120 41.76 -0.71 44.77
C PHE G 120 40.87 0.34 44.16
N SER G 121 40.53 1.36 44.94
CA SER G 121 39.73 2.48 44.49
C SER G 121 40.24 3.76 45.11
N PHE G 122 39.72 4.87 44.60
CA PHE G 122 39.96 6.17 45.20
C PHE G 122 38.95 7.15 44.66
N ASP G 123 38.58 8.10 45.53
CA ASP G 123 37.56 9.11 45.21
C ASP G 123 38.23 10.38 44.75
N ILE G 124 37.92 10.76 43.53
CA ILE G 124 38.22 12.07 43.04
C ILE G 124 37.21 12.95 43.70
N ILE G 125 37.69 13.98 44.36
CA ILE G 125 36.82 14.91 45.04
C ILE G 125 37.57 16.22 45.06
N GLY G 126 36.83 17.32 44.88
CA GLY G 126 37.46 18.59 44.64
C GLY G 126 36.71 19.76 45.21
N PRO G 127 37.28 20.96 45.06
CA PRO G 127 36.75 22.14 45.70
C PRO G 127 35.40 22.61 45.18
N ASN G 128 35.21 22.50 43.87
CA ASN G 128 34.14 23.21 43.20
C ASN G 128 32.80 22.44 43.21
N SER G 129 32.19 22.43 44.40
CA SER G 129 30.95 21.66 44.66
C SER G 129 31.22 20.15 44.55
N GLY G 130 32.36 19.72 45.06
CA GLY G 130 32.76 18.31 45.00
C GLY G 130 33.43 17.86 43.72
N PHE G 131 33.71 18.79 42.81
CA PHE G 131 34.35 18.46 41.53
C PHE G 131 35.80 18.92 41.47
N GLU G 132 36.62 18.15 40.78
CA GLU G 132 38.04 18.40 40.68
C GLU G 132 38.43 18.47 39.22
N PHE G 133 38.93 19.63 38.83
CA PHE G 133 39.62 19.82 37.56
C PHE G 133 41.04 19.33 37.83
N ALA G 134 41.46 18.30 37.11
CA ALA G 134 42.76 17.73 37.36
C ALA G 134 43.87 18.69 36.90
N GLU G 135 44.83 18.94 37.79
CA GLU G 135 46.04 19.77 37.50
C GLU G 135 45.78 21.23 37.19
N SER G 136 44.62 21.76 37.61
CA SER G 136 44.33 23.18 37.42
C SER G 136 45.12 23.99 38.44
N PRO G 137 45.69 25.14 38.02
CA PRO G 137 46.26 26.07 38.99
C PRO G 137 45.24 26.59 40.02
N TRP G 138 43.96 26.68 39.64
CA TRP G 138 42.90 27.09 40.55
C TRP G 138 42.79 26.20 41.79
N ALA G 139 42.90 26.81 42.97
CA ALA G 139 42.93 26.09 44.28
C ALA G 139 44.11 25.08 44.45
N ASN G 140 45.12 25.14 43.58
CA ASN G 140 46.15 24.09 43.47
C ASN G 140 45.61 22.69 43.53
N GLN G 141 44.65 22.41 42.65
CA GLN G 141 44.13 21.08 42.48
C GLN G 141 45.18 20.21 41.82
N THR G 142 45.08 18.92 42.08
CA THR G 142 46.07 17.97 41.55
C THR G 142 45.42 16.69 41.08
N THR G 143 46.21 15.94 40.33
CA THR G 143 45.75 14.72 39.71
C THR G 143 45.77 13.57 40.69
N TRP G 144 45.77 12.36 40.14
CA TRP G 144 46.24 11.18 40.83
C TRP G 144 47.20 10.43 39.90
N TYR G 145 48.41 10.23 40.38
CA TYR G 145 49.38 9.41 39.70
C TYR G 145 49.41 8.03 40.34
N LEU G 146 49.99 7.09 39.62
CA LEU G 146 50.18 5.74 40.10
C LEU G 146 51.58 5.33 39.71
N GLU G 147 52.52 5.65 40.58
CA GLU G 147 53.91 5.23 40.45
C GLU G 147 53.96 3.73 40.71
N CYS G 148 54.65 2.99 39.86
CA CYS G 148 54.79 1.52 39.96
C CYS G 148 56.22 1.15 39.73
N VAL G 149 56.74 0.23 40.52
CA VAL G 149 58.15 -0.09 40.51
C VAL G 149 58.32 -1.57 40.26
N ALA G 150 59.15 -1.93 39.28
CA ALA G 150 59.56 -3.31 39.06
C ALA G 150 60.99 -3.44 39.56
N THR G 151 61.18 -4.22 40.62
CA THR G 151 62.52 -4.46 41.17
C THR G 151 63.34 -5.34 40.25
N ASN G 152 62.68 -6.23 39.50
CA ASN G 152 63.34 -7.03 38.49
C ASN G 152 62.56 -6.98 37.17
N PRO G 153 62.97 -6.08 36.26
CA PRO G 153 62.32 -5.97 34.96
C PRO G 153 62.55 -7.13 33.99
N ARG G 154 63.50 -8.02 34.29
CA ARG G 154 63.66 -9.26 33.51
C ARG G 154 62.47 -10.23 33.71
N GLN G 155 61.86 -10.15 34.89
CA GLN G 155 60.81 -11.04 35.30
C GLN G 155 59.42 -10.41 35.15
N ILE G 156 59.29 -9.16 35.56
CA ILE G 156 58.07 -8.40 35.26
C ILE G 156 58.12 -7.92 33.81
N GLN G 157 57.21 -8.42 32.98
CA GLN G 157 57.07 -7.99 31.58
C GLN G 157 56.27 -6.74 31.39
N GLN G 158 55.09 -6.65 32.02
CA GLN G 158 54.25 -5.48 31.84
C GLN G 158 53.19 -5.21 32.89
N PHE G 159 52.90 -3.93 33.05
CA PHE G 159 51.80 -3.44 33.87
C PHE G 159 50.64 -3.14 32.99
N GLU G 160 49.50 -2.99 33.64
CA GLU G 160 48.26 -2.84 32.97
C GLU G 160 47.25 -2.29 33.94
N VAL G 161 46.69 -1.14 33.61
CA VAL G 161 45.78 -0.46 34.50
C VAL G 161 44.39 -0.47 33.91
N ASN G 162 43.49 -1.25 34.50
CA ASN G 162 42.09 -1.26 34.11
C ASN G 162 41.31 -0.39 35.06
N MET G 163 40.24 0.24 34.57
CA MET G 163 39.46 1.18 35.36
C MET G 163 37.98 1.08 35.12
N ARG G 164 37.23 1.62 36.06
CA ARG G 164 35.79 1.56 36.05
C ARG G 164 35.22 2.64 36.91
N PHE G 165 34.20 3.34 36.43
CA PHE G 165 33.52 4.29 37.25
C PHE G 165 32.58 3.58 38.19
N ASP G 166 32.59 4.00 39.44
CA ASP G 166 31.49 3.71 40.35
C ASP G 166 30.27 4.46 39.82
N PRO G 167 29.06 3.93 40.01
CA PRO G 167 27.84 4.64 39.58
C PRO G 167 27.65 6.08 40.08
N ASN G 168 28.28 6.43 41.20
CA ASN G 168 28.24 7.81 41.71
C ASN G 168 29.00 8.86 40.90
N PHE G 169 29.69 8.44 39.85
CA PHE G 169 30.59 9.32 39.14
C PHE G 169 29.85 10.34 38.32
N ARG G 170 30.46 11.53 38.20
CA ARG G 170 29.82 12.68 37.60
C ARG G 170 30.84 13.55 36.98
N VAL G 171 30.57 14.04 35.78
CA VAL G 171 31.45 14.99 35.16
C VAL G 171 30.69 16.23 34.76
N ALA G 172 31.45 17.24 34.36
CA ALA G 172 30.90 18.43 33.73
C ALA G 172 32.01 19.11 32.95
N GLY G 173 31.62 19.82 31.90
CA GLY G 173 32.56 20.62 31.14
C GLY G 173 33.42 19.80 30.22
N ASN G 174 33.88 20.45 29.18
CA ASN G 174 34.60 19.81 28.11
C ASN G 174 35.98 20.43 28.03
N ILE G 175 36.94 19.64 27.57
CA ILE G 175 38.26 20.12 27.24
C ILE G 175 38.50 19.83 25.76
N LEU G 176 39.14 20.77 25.08
CA LEU G 176 39.51 20.57 23.69
C LEU G 176 40.78 19.76 23.65
N MET G 177 40.63 18.48 23.33
CA MET G 177 41.78 17.60 23.22
C MET G 177 42.18 17.51 21.77
N PRO G 178 43.46 17.20 21.49
CA PRO G 178 43.91 16.89 20.14
C PRO G 178 43.34 15.56 19.65
N PRO G 179 43.52 15.26 18.35
CA PRO G 179 43.07 13.96 17.86
C PRO G 179 43.79 12.79 18.56
N PHE G 180 43.01 11.87 19.14
CA PHE G 180 43.56 10.68 19.79
C PHE G 180 43.94 9.68 18.70
N PRO G 181 45.21 9.21 18.68
CA PRO G 181 45.55 8.16 17.71
C PRO G 181 44.89 6.82 18.04
N LEU G 182 44.65 6.01 17.01
CA LEU G 182 43.99 4.72 17.17
C LEU G 182 44.99 3.62 17.53
N SER G 183 45.43 3.56 18.77
CA SER G 183 46.20 2.40 19.22
C SER G 183 45.22 1.31 19.64
N THR G 184 45.48 0.08 19.17
CA THR G 184 44.66 -1.09 19.52
C THR G 184 45.46 -2.14 20.32
N GLU G 185 44.78 -2.82 21.25
CA GLU G 185 45.38 -3.92 22.05
C GLU G 185 45.82 -5.07 21.15
N THR G 186 47.12 -5.35 21.11
CA THR G 186 47.66 -6.51 20.36
C THR G 186 47.46 -7.78 21.21
N PRO G 187 46.38 -8.59 20.94
CA PRO G 187 46.07 -9.65 21.91
C PRO G 187 47.09 -10.82 21.83
N PRO G 188 47.36 -11.53 22.96
CA PRO G 188 48.46 -12.50 22.93
C PRO G 188 48.07 -13.85 22.30
N LEU G 189 48.79 -14.28 21.26
CA LEU G 189 48.59 -15.60 20.59
C LEU G 189 49.01 -16.73 21.54
N MET H 1 33.19 66.34 58.72
CA MET H 1 32.97 65.47 59.92
C MET H 1 33.53 64.04 59.84
N GLU H 2 33.91 63.49 60.99
CA GLU H 2 34.45 62.13 61.13
C GLU H 2 33.35 61.08 61.13
N GLN H 3 33.72 59.86 60.75
CA GLN H 3 32.82 58.70 60.82
C GLN H 3 33.65 57.44 61.08
N ASN H 4 33.02 56.41 61.61
CA ASN H 4 33.70 55.15 61.85
C ASN H 4 33.87 54.39 60.54
N LEU H 5 35.12 54.26 60.09
CA LEU H 5 35.43 53.71 58.78
C LEU H 5 35.27 52.22 58.68
N PHE H 6 35.38 51.53 59.81
CA PHE H 6 35.18 50.09 59.84
C PHE H 6 33.74 49.71 59.48
N ALA H 7 32.78 50.57 59.83
CA ALA H 7 31.38 50.24 59.62
C ALA H 7 30.77 50.79 58.32
N LEU H 8 31.60 51.21 57.39
CA LEU H 8 31.08 51.60 56.08
C LEU H 8 30.81 50.39 55.21
N SER H 9 30.13 50.62 54.08
CA SER H 9 29.74 49.55 53.16
C SER H 9 30.80 49.32 52.11
N LEU H 10 32.03 49.09 52.53
CA LEU H 10 33.13 48.86 51.63
C LEU H 10 33.40 47.38 51.44
N ASP H 11 32.74 46.52 52.21
CA ASP H 11 32.82 45.08 51.98
C ASP H 11 31.54 44.59 51.33
N ASP H 12 31.18 45.27 50.24
CA ASP H 12 30.02 44.96 49.43
C ASP H 12 30.37 43.81 48.47
N THR H 13 29.86 42.63 48.79
CA THR H 13 30.08 41.43 47.97
C THR H 13 28.91 41.13 47.03
N SER H 14 28.22 42.17 46.60
CA SER H 14 27.16 42.04 45.58
C SER H 14 27.73 41.50 44.29
N SER H 15 26.90 40.81 43.52
CA SER H 15 27.25 40.48 42.13
C SER H 15 27.16 41.74 41.27
N VAL H 16 27.67 41.63 40.06
CA VAL H 16 27.56 42.71 39.08
C VAL H 16 26.12 42.71 38.62
N ARG H 17 25.51 43.89 38.54
CA ARG H 17 24.11 43.99 38.18
C ARG H 17 23.73 45.41 37.74
N GLY H 18 22.64 45.50 36.98
CA GLY H 18 22.12 46.77 36.47
C GLY H 18 21.52 46.57 35.09
N SER H 19 21.61 47.61 34.26
CA SER H 19 21.16 47.53 32.86
C SER H 19 22.21 46.80 32.03
N LEU H 20 21.97 46.64 30.74
CA LEU H 20 22.97 46.03 29.84
C LEU H 20 24.14 46.96 29.56
N LEU H 21 23.99 48.25 29.82
CA LEU H 21 25.08 49.20 29.69
C LEU H 21 26.08 49.05 30.82
N ASP H 22 25.55 48.92 32.03
CA ASP H 22 26.34 48.95 33.26
C ASP H 22 26.88 47.61 33.67
N THR H 23 26.54 46.58 32.90
CA THR H 23 27.10 45.24 33.07
C THR H 23 28.02 44.81 31.91
N LYS H 24 28.08 45.58 30.84
CA LYS H 24 29.03 45.34 29.76
C LYS H 24 30.43 45.40 30.32
N PHE H 25 31.26 44.44 29.98
CA PHE H 25 32.64 44.44 30.43
C PHE H 25 33.71 44.28 29.38
N ALA H 26 33.35 43.86 28.17
CA ALA H 26 34.31 43.89 27.07
C ALA H 26 33.64 43.80 25.72
N GLN H 27 34.35 44.33 24.72
CA GLN H 27 34.00 44.16 23.34
C GLN H 27 35.16 43.59 22.63
N THR H 28 34.88 42.71 21.68
CA THR H 28 35.91 41.97 20.98
C THR H 28 35.68 42.10 19.48
N ARG H 29 36.78 42.21 18.75
CA ARG H 29 36.78 42.49 17.32
C ARG H 29 37.35 41.33 16.53
N VAL H 30 36.45 40.57 15.93
CA VAL H 30 36.84 39.42 15.12
C VAL H 30 36.90 39.82 13.65
N LEU H 31 37.99 39.46 12.96
CA LEU H 31 38.14 39.72 11.52
C LEU H 31 37.77 38.51 10.66
N LEU H 32 36.74 38.65 9.83
CA LEU H 32 36.36 37.61 8.87
C LEU H 32 36.94 37.95 7.51
N SER H 33 37.90 37.16 7.06
CA SER H 33 38.55 37.36 5.77
C SER H 33 37.58 37.30 4.59
N LYS H 34 37.85 38.11 3.57
CA LYS H 34 37.06 38.13 2.34
C LYS H 34 36.89 36.73 1.74
N ALA H 35 37.97 35.95 1.73
CA ALA H 35 37.95 34.54 1.28
C ALA H 35 38.38 33.61 2.41
N MET H 36 37.43 33.31 3.30
CA MET H 36 37.65 32.33 4.38
C MET H 36 37.03 30.98 4.05
N ALA H 37 37.69 29.93 4.53
CA ALA H 37 37.28 28.54 4.31
C ALA H 37 36.49 27.99 5.51
N GLY H 38 35.93 26.80 5.34
CA GLY H 38 35.35 26.03 6.44
C GLY H 38 36.47 25.47 7.31
N GLY H 39 36.19 25.29 8.60
CA GLY H 39 37.22 24.82 9.55
C GLY H 39 38.38 25.80 9.65
N ASP H 40 38.05 27.02 10.05
CA ASP H 40 38.96 28.15 9.99
C ASP H 40 38.86 29.01 11.24
N VAL H 41 39.84 28.90 12.14
CA VAL H 41 39.86 29.68 13.39
C VAL H 41 39.97 31.16 13.12
N LEU H 42 38.94 31.89 13.56
CA LEU H 42 38.91 33.31 13.39
C LEU H 42 39.47 33.95 14.63
N LEU H 43 38.92 33.54 15.77
CA LEU H 43 39.45 33.95 17.05
C LEU H 43 39.62 32.74 17.91
N ASP H 44 40.65 32.77 18.73
CA ASP H 44 40.88 31.72 19.70
C ASP H 44 41.76 32.28 20.79
N GLU H 45 41.12 32.71 21.88
CA GLU H 45 41.86 33.19 23.06
C GLU H 45 41.15 32.79 24.34
N TYR H 46 41.88 32.90 25.43
CA TYR H 46 41.32 32.65 26.75
C TYR H 46 40.24 33.69 27.04
N LEU H 47 39.16 33.26 27.69
CA LEU H 47 38.05 34.14 28.01
C LEU H 47 38.44 35.31 28.93
N TYR H 48 39.46 35.14 29.76
CA TYR H 48 39.94 36.25 30.57
C TYR H 48 40.77 37.25 29.76
N ASP H 49 41.47 36.81 28.72
CA ASP H 49 42.23 37.73 27.86
C ASP H 49 41.36 38.63 26.96
N VAL H 50 40.07 38.33 26.89
CA VAL H 50 39.07 39.21 26.28
C VAL H 50 39.08 40.56 26.95
N VAL H 51 39.11 40.55 28.28
CA VAL H 51 38.97 41.76 29.09
C VAL H 51 40.28 42.60 29.23
N ASN H 52 41.37 42.19 28.60
CA ASN H 52 42.62 42.94 28.65
C ASN H 52 42.56 44.17 27.75
N GLY H 53 42.89 45.32 28.32
CA GLY H 53 42.86 46.61 27.61
C GLY H 53 41.45 47.11 27.40
N GLN H 54 40.63 47.00 28.44
CA GLN H 54 39.21 47.37 28.35
C GLN H 54 38.81 48.35 29.44
N ASP H 55 37.80 49.16 29.13
CA ASP H 55 37.41 50.32 29.92
C ASP H 55 35.93 50.60 29.73
N PHE H 56 35.11 49.59 30.00
CA PHE H 56 33.65 49.71 30.02
C PHE H 56 33.19 49.78 31.45
N ARG H 57 31.89 49.97 31.64
CA ARG H 57 31.37 50.29 32.96
C ARG H 57 31.57 49.21 34.02
N ALA H 58 31.42 47.97 33.62
CA ALA H 58 31.54 46.86 34.55
C ALA H 58 32.85 46.12 34.44
N THR H 59 33.86 46.70 33.79
CA THR H 59 35.13 46.03 33.59
C THR H 59 35.87 45.84 34.89
N VAL H 60 35.97 46.90 35.66
CA VAL H 60 36.60 46.80 36.95
C VAL H 60 35.75 46.08 37.97
N ALA H 61 34.42 46.21 37.90
CA ALA H 61 33.58 45.41 38.78
C ALA H 61 33.74 43.90 38.50
N PHE H 62 33.82 43.53 37.23
CA PHE H 62 33.97 42.13 36.81
C PHE H 62 35.22 41.49 37.33
N LEU H 63 36.33 42.19 37.20
CA LEU H 63 37.63 41.69 37.65
C LEU H 63 37.76 41.52 39.16
N ARG H 64 37.05 42.36 39.90
CA ARG H 64 37.28 42.50 41.33
C ARG H 64 36.20 41.88 42.19
N THR H 65 35.05 41.56 41.60
CA THR H 65 33.96 40.91 42.31
C THR H 65 34.35 39.46 42.49
N HIS H 66 34.38 39.04 43.75
CA HIS H 66 34.82 37.72 44.09
C HIS H 66 33.89 36.63 43.64
N VAL H 67 32.59 36.89 43.69
CA VAL H 67 31.58 35.94 43.25
C VAL H 67 30.59 36.62 42.32
N ILE H 68 30.22 35.92 41.27
CA ILE H 68 29.27 36.42 40.32
C ILE H 68 28.24 35.34 40.15
N THR H 69 27.00 35.64 40.51
CA THR H 69 25.93 34.67 40.38
C THR H 69 25.22 34.72 39.05
N GLY H 70 25.44 35.80 38.28
CA GLY H 70 24.88 35.94 36.93
C GLY H 70 25.64 35.24 35.79
N LYS H 71 24.91 34.93 34.72
CA LYS H 71 25.52 34.39 33.51
C LYS H 71 26.20 35.45 32.71
N ILE H 72 27.04 35.01 31.78
CA ILE H 72 27.65 35.89 30.80
C ILE H 72 26.80 35.87 29.54
N LYS H 73 26.27 37.01 29.13
CA LYS H 73 25.66 37.13 27.81
C LYS H 73 26.71 37.62 26.86
N VAL H 74 26.80 37.00 25.70
CA VAL H 74 27.62 37.51 24.60
C VAL H 74 26.68 37.68 23.42
N THR H 75 26.76 38.86 22.78
CA THR H 75 25.98 39.14 21.56
C THR H 75 26.93 39.53 20.44
N ALA H 76 26.61 39.09 19.24
CA ALA H 76 27.46 39.27 18.10
C ALA H 76 26.67 40.00 17.03
N THR H 77 27.08 41.23 16.74
CA THR H 77 26.36 42.10 15.80
C THR H 77 26.97 42.11 14.40
N THR H 78 27.01 40.96 13.73
CA THR H 78 27.62 40.87 12.41
C THR H 78 26.54 40.69 11.40
N ASN H 79 26.66 41.37 10.27
CA ASN H 79 25.67 41.22 9.22
C ASN H 79 26.29 41.22 7.83
N ILE H 80 25.49 40.76 6.88
CA ILE H 80 25.89 40.71 5.48
C ILE H 80 24.60 40.66 4.64
N SER H 81 24.69 41.10 3.38
CA SER H 81 23.58 41.04 2.44
C SER H 81 22.95 39.65 2.31
N ASP H 82 21.63 39.60 2.12
CA ASP H 82 20.92 38.32 1.98
C ASP H 82 21.50 37.47 0.84
N ASN H 83 21.92 38.13 -0.23
CA ASN H 83 22.70 37.51 -1.30
C ASN H 83 23.68 36.44 -0.81
N SER H 84 24.47 36.76 0.22
CA SER H 84 25.47 35.84 0.78
C SER H 84 25.10 35.35 2.15
N GLY H 85 25.99 34.53 2.70
CA GLY H 85 25.79 33.96 4.00
C GLY H 85 26.92 32.99 4.26
N CYS H 86 27.13 32.72 5.54
CA CYS H 86 28.13 31.78 5.99
C CYS H 86 27.61 31.19 7.28
N CYS H 87 28.45 30.46 8.02
CA CYS H 87 28.02 30.00 9.32
C CYS H 87 29.18 30.11 10.27
N LEU H 88 29.01 31.00 11.23
CA LEU H 88 29.95 31.20 12.32
C LEU H 88 29.47 30.41 13.50
N MET H 89 30.42 30.02 14.34
CA MET H 89 30.08 29.37 15.59
C MET H 89 31.02 29.81 16.68
N LEU H 90 30.48 30.54 17.64
CA LEU H 90 31.23 30.94 18.83
C LEU H 90 31.00 29.86 19.85
N ALA H 91 32.03 29.56 20.64
CA ALA H 91 31.96 28.43 21.56
C ALA H 91 32.96 28.42 22.70
N ILE H 92 32.42 28.13 23.89
CA ILE H 92 33.14 28.22 25.15
C ILE H 92 33.38 26.82 25.69
N ASN H 93 34.63 26.53 26.03
CA ASN H 93 35.04 25.22 26.52
C ASN H 93 35.86 25.39 27.77
N SER H 94 35.70 24.48 28.71
CA SER H 94 36.27 24.69 30.04
C SER H 94 37.80 24.61 30.08
N GLY H 95 38.45 24.08 29.04
CA GLY H 95 39.90 24.15 28.99
C GLY H 95 40.54 23.67 27.73
N VAL H 96 41.83 23.37 27.78
CA VAL H 96 42.61 22.95 26.60
C VAL H 96 43.69 21.92 26.95
N ARG H 97 44.23 21.26 25.93
CA ARG H 97 45.51 20.56 26.01
C ARG H 97 46.31 20.77 24.70
N GLY H 98 47.63 20.87 24.81
CA GLY H 98 48.50 21.26 23.69
C GLY H 98 48.18 20.72 22.30
N LYS H 99 48.26 21.59 21.29
CA LYS H 99 48.10 21.23 19.85
C LYS H 99 46.68 20.71 19.56
N TYR H 100 45.69 21.44 20.06
CA TYR H 100 44.30 20.95 20.07
C TYR H 100 43.62 21.05 18.73
N SER H 101 42.60 20.21 18.55
CA SER H 101 41.74 20.24 17.37
C SER H 101 40.70 21.33 17.51
N THR H 102 40.53 22.09 16.44
CA THR H 102 39.48 23.12 16.35
C THR H 102 38.48 22.78 15.23
N ASP H 103 38.18 21.49 15.08
CA ASP H 103 37.06 21.10 14.23
C ASP H 103 35.78 21.40 14.98
N VAL H 104 34.81 21.96 14.26
CA VAL H 104 33.46 22.17 14.77
C VAL H 104 32.93 21.05 15.66
N TYR H 105 33.23 19.81 15.29
CA TYR H 105 32.75 18.67 16.06
C TYR H 105 33.19 18.79 17.51
N THR H 106 34.51 18.87 17.71
CA THR H 106 35.17 18.98 19.02
C THR H 106 34.62 20.10 19.91
N ILE H 107 34.43 21.25 19.30
CA ILE H 107 34.15 22.49 19.99
C ILE H 107 32.72 22.57 20.55
N CYS H 108 31.75 22.40 19.65
CA CYS H 108 30.33 22.72 19.92
C CYS H 108 29.72 22.28 21.26
N SER H 109 30.04 21.06 21.66
CA SER H 109 29.67 20.57 22.98
C SER H 109 29.86 21.67 24.02
N GLN H 110 29.19 21.51 25.11
CA GLN H 110 29.22 22.47 26.21
C GLN H 110 28.36 23.69 25.87
N ASP H 111 28.91 24.81 25.39
CA ASP H 111 28.14 26.08 25.29
C ASP H 111 28.53 26.84 24.03
N SER H 112 27.55 27.05 23.15
CA SER H 112 27.82 27.60 21.82
C SER H 112 26.60 28.23 21.20
N MET H 113 26.84 29.23 20.39
CA MET H 113 25.82 29.77 19.52
C MET H 113 26.31 29.45 18.12
N THR H 114 25.38 29.16 17.23
CA THR H 114 25.67 29.02 15.81
C THR H 114 24.69 29.93 15.09
N TRP H 115 25.20 30.78 14.21
CA TRP H 115 24.30 31.62 13.43
C TRP H 115 24.86 31.93 12.05
N ASN H 116 23.93 32.30 11.17
CA ASN H 116 24.21 32.69 9.80
C ASN H 116 23.96 34.18 9.72
N PRO H 117 25.03 34.96 9.52
CA PRO H 117 24.86 36.41 9.39
C PRO H 117 23.87 36.84 8.30
N GLY H 118 23.85 36.11 7.18
CA GLY H 118 22.92 36.36 6.08
C GLY H 118 21.45 36.50 6.46
N CYS H 119 21.04 35.76 7.47
CA CYS H 119 19.65 35.73 7.91
C CYS H 119 19.39 36.50 9.20
N LYS H 120 20.26 36.29 10.18
CA LYS H 120 20.13 36.87 11.51
C LYS H 120 21.02 38.11 11.65
N LYS H 121 20.40 39.23 11.96
CA LYS H 121 21.10 40.50 12.06
C LYS H 121 22.14 40.47 13.16
N ASN H 122 21.69 39.98 14.31
CA ASN H 122 22.55 39.78 15.46
C ASN H 122 22.17 38.47 16.13
N PHE H 123 22.99 38.01 17.06
CA PHE H 123 22.72 36.76 17.75
C PHE H 123 23.34 36.82 19.12
N SER H 124 22.55 36.52 20.14
CA SER H 124 23.01 36.54 21.53
C SER H 124 22.78 35.21 22.23
N PHE H 125 23.58 34.92 23.24
CA PHE H 125 23.36 33.73 24.03
C PHE H 125 24.08 33.81 25.35
N THR H 126 23.43 33.30 26.37
CA THR H 126 23.95 33.34 27.73
C THR H 126 24.57 32.00 28.04
N PHE H 127 25.48 32.01 29.00
CA PHE H 127 26.13 30.80 29.44
C PHE H 127 26.82 30.98 30.77
N ASN H 128 27.13 29.84 31.37
CA ASN H 128 27.77 29.78 32.64
C ASN H 128 29.17 29.19 32.46
N PRO H 129 30.21 29.98 32.74
CA PRO H 129 31.58 29.50 32.50
C PRO H 129 32.10 28.48 33.52
N ASN H 130 31.40 28.36 34.65
CA ASN H 130 31.62 27.25 35.57
C ASN H 130 30.45 26.29 35.44
N PRO H 131 30.67 25.17 34.76
CA PRO H 131 29.54 24.32 34.44
C PRO H 131 29.02 23.43 35.57
N CYS H 132 29.66 23.40 36.74
CA CYS H 132 29.21 22.54 37.88
C CYS H 132 28.98 23.32 39.17
N GLY H 133 28.43 24.52 39.03
CA GLY H 133 28.10 25.33 40.18
C GLY H 133 27.29 26.55 39.81
N ASP H 134 26.84 27.26 40.85
CA ASP H 134 25.98 28.42 40.69
C ASP H 134 26.75 29.74 40.56
N SER H 135 28.08 29.69 40.48
CA SER H 135 28.86 30.90 40.63
C SER H 135 30.22 30.75 40.04
N TRP H 136 30.86 31.88 39.83
CA TRP H 136 32.17 31.91 39.22
C TRP H 136 32.79 33.26 39.47
N SER H 137 33.98 33.47 38.94
CA SER H 137 34.65 34.75 39.05
C SER H 137 35.61 34.96 37.93
N ALA H 138 36.12 36.17 37.85
CA ALA H 138 37.16 36.46 36.91
C ALA H 138 38.43 35.71 37.23
N GLU H 139 38.75 35.58 38.50
CA GLU H 139 39.95 34.85 38.89
C GLU H 139 39.82 33.36 38.66
N MET H 140 38.59 32.84 38.74
CA MET H 140 38.37 31.43 38.43
C MET H 140 38.68 31.14 36.96
N ILE H 141 38.10 31.93 36.07
CA ILE H 141 38.26 31.67 34.63
C ILE H 141 39.62 32.04 34.05
N SER H 142 40.40 32.85 34.74
CA SER H 142 41.77 33.18 34.28
C SER H 142 42.71 32.01 34.52
N ARG H 143 42.58 31.42 35.70
CA ARG H 143 43.43 30.33 36.14
C ARG H 143 42.93 28.96 35.65
N SER H 144 41.61 28.81 35.53
CA SER H 144 41.00 27.62 34.94
C SER H 144 41.24 27.53 33.42
N ARG H 145 41.62 28.64 32.79
CA ARG H 145 41.95 28.67 31.36
C ARG H 145 40.74 28.40 30.49
N VAL H 146 39.61 29.02 30.81
CA VAL H 146 38.40 28.87 30.02
C VAL H 146 38.71 29.51 28.68
N ARG H 147 38.25 28.86 27.64
CA ARG H 147 38.72 29.12 26.30
C ARG H 147 37.52 29.41 25.41
N MET H 148 37.57 30.58 24.79
CA MET H 148 36.57 31.01 23.83
C MET H 148 37.16 30.82 22.43
N THR H 149 36.34 30.29 21.54
CA THR H 149 36.77 29.93 20.20
C THR H 149 35.66 30.30 19.22
N VAL H 150 36.00 31.13 18.23
CA VAL H 150 35.12 31.41 17.10
C VAL H 150 35.70 30.71 15.87
N ILE H 151 34.82 30.05 15.13
CA ILE H 151 35.20 29.20 14.04
C ILE H 151 34.20 29.46 12.93
N CYS H 152 34.66 29.34 11.69
CA CYS H 152 33.79 29.43 10.54
C CYS H 152 33.58 28.03 10.00
N VAL H 153 32.35 27.53 10.13
CA VAL H 153 32.05 26.14 9.77
C VAL H 153 31.76 25.95 8.27
N SER H 154 31.27 27.01 7.63
CA SER H 154 31.05 27.06 6.19
C SER H 154 31.47 28.42 5.68
N GLY H 155 32.28 28.45 4.61
CA GLY H 155 32.76 29.71 4.04
C GLY H 155 31.65 30.57 3.45
N TRP H 156 32.04 31.74 2.96
CA TRP H 156 31.11 32.64 2.27
C TRP H 156 30.67 31.99 0.98
N THR H 157 29.37 31.89 0.76
CA THR H 157 28.85 31.34 -0.50
C THR H 157 29.06 32.29 -1.67
N LEU H 158 28.97 33.58 -1.37
CA LEU H 158 29.40 34.64 -2.29
C LEU H 158 30.22 35.63 -1.46
N SER H 159 31.47 35.86 -1.86
CA SER H 159 32.38 36.66 -1.02
C SER H 159 31.94 38.11 -1.04
N PRO H 160 32.05 38.81 0.11
CA PRO H 160 31.85 40.25 0.09
C PRO H 160 32.96 40.99 -0.65
N THR H 161 32.75 42.27 -0.86
CA THR H 161 33.71 43.14 -1.55
C THR H 161 35.00 43.33 -0.74
N THR H 162 34.84 43.48 0.58
CA THR H 162 35.95 43.74 1.49
C THR H 162 35.88 42.79 2.67
N ASP H 163 36.87 42.87 3.56
CA ASP H 163 36.85 42.15 4.82
C ASP H 163 35.74 42.68 5.72
N VAL H 164 35.35 41.82 6.65
CA VAL H 164 34.22 42.05 7.53
C VAL H 164 34.75 42.01 8.96
N ILE H 165 33.96 42.54 9.90
CA ILE H 165 34.22 42.42 11.33
C ILE H 165 32.96 42.01 12.10
N ALA H 166 33.14 41.14 13.08
CA ALA H 166 32.08 40.77 14.02
C ALA H 166 32.42 41.35 15.38
N LYS H 167 31.54 42.22 15.89
CA LYS H 167 31.71 42.77 17.24
C LYS H 167 30.99 41.94 18.24
N LEU H 168 31.73 41.37 19.18
CA LEU H 168 31.13 40.66 20.30
C LEU H 168 31.03 41.60 21.49
N ASP H 169 29.90 41.58 22.19
CA ASP H 169 29.68 42.42 23.37
C ASP H 169 29.45 41.54 24.57
N TRP H 170 30.48 41.44 25.41
CA TRP H 170 30.41 40.58 26.57
C TRP H 170 29.80 41.35 27.73
N SER H 171 28.70 40.83 28.26
CA SER H 171 28.01 41.46 29.40
C SER H 171 27.79 40.42 30.48
N ILE H 172 27.16 40.85 31.56
CA ILE H 172 26.74 39.96 32.63
C ILE H 172 25.27 40.22 32.87
N VAL H 173 24.43 39.28 32.51
CA VAL H 173 23.00 39.39 32.78
C VAL H 173 22.69 38.84 34.17
N ASN H 174 21.43 38.95 34.59
CA ASN H 174 21.05 38.48 35.89
C ASN H 174 20.17 37.28 36.00
N GLU H 175 20.52 36.27 35.21
CA GLU H 175 19.91 34.95 35.30
C GLU H 175 20.69 34.10 36.29
N LYS H 176 20.06 33.07 36.86
CA LYS H 176 20.78 32.16 37.76
C LYS H 176 21.67 31.25 36.94
N CYS H 177 22.90 31.07 37.40
CA CYS H 177 23.83 30.12 36.79
C CYS H 177 23.44 28.71 37.20
N GLU H 178 22.80 27.98 36.30
CA GLU H 178 22.44 26.60 36.59
C GLU H 178 23.51 25.66 36.04
N PRO H 179 23.90 24.64 36.81
CA PRO H 179 24.94 23.71 36.37
C PRO H 179 24.44 22.62 35.41
N THR H 180 25.29 22.22 34.45
CA THR H 180 25.05 21.05 33.56
C THR H 180 26.01 19.90 33.88
N ILE H 181 25.50 18.93 34.61
CA ILE H 181 26.27 17.84 35.15
C ILE H 181 25.79 16.52 34.59
N TYR H 182 26.72 15.78 33.99
CA TYR H 182 26.44 14.49 33.43
C TYR H 182 26.65 13.47 34.51
N HIS H 183 25.82 12.44 34.55
CA HIS H 183 25.95 11.37 35.58
C HIS H 183 25.43 10.05 35.07
N LEU H 184 25.71 8.98 35.80
CA LEU H 184 25.55 7.63 35.28
C LEU H 184 24.21 6.95 35.54
N ALA H 185 23.17 7.74 35.78
CA ALA H 185 21.82 7.18 35.91
C ALA H 185 21.43 6.61 34.57
N ASP H 186 20.80 5.43 34.59
CA ASP H 186 20.44 4.74 33.35
C ASP H 186 19.27 5.42 32.66
N CYS H 187 18.26 5.82 33.43
CA CYS H 187 17.17 6.61 32.89
C CYS H 187 17.30 8.06 33.32
N GLN H 188 17.34 8.97 32.35
CA GLN H 188 17.45 10.39 32.59
C GLN H 188 16.45 11.12 31.73
N ASN H 189 15.98 12.24 32.25
CA ASN H 189 14.95 12.93 31.58
C ASN H 189 15.40 13.75 30.39
N TRP H 190 16.60 14.30 30.51
CA TRP H 190 17.18 15.11 29.46
C TRP H 190 18.68 15.00 29.54
N LEU H 191 19.25 14.35 28.55
CA LEU H 191 20.68 14.22 28.44
C LEU H 191 21.09 15.13 27.30
N PRO H 192 21.59 16.35 27.60
CA PRO H 192 22.07 17.23 26.52
C PRO H 192 23.37 16.73 25.90
N LEU H 193 23.62 17.05 24.63
CA LEU H 193 24.79 16.54 23.93
C LEU H 193 25.50 17.57 23.08
N ASN H 194 24.75 18.28 22.25
CA ASN H 194 25.31 19.23 21.32
C ASN H 194 26.37 18.56 20.45
N ARG H 195 25.95 17.45 19.89
CA ARG H 195 26.80 16.58 19.11
C ARG H 195 26.63 17.01 17.67
N TRP H 196 27.73 17.38 17.03
CA TRP H 196 27.70 17.77 15.63
C TRP H 196 27.52 16.57 14.74
N MET H 197 26.28 16.31 14.33
CA MET H 197 25.97 15.18 13.46
C MET H 197 26.64 15.24 12.12
N GLY H 198 26.92 16.45 11.64
CA GLY H 198 27.72 16.64 10.46
C GLY H 198 27.20 17.73 9.57
N LYS H 199 28.12 18.30 8.80
CA LYS H 199 27.80 19.28 7.77
C LYS H 199 27.42 18.52 6.50
N LEU H 200 26.29 18.90 5.92
CA LEU H 200 25.77 18.24 4.72
C LEU H 200 25.90 19.17 3.54
N THR H 201 26.83 18.85 2.64
CA THR H 201 26.90 19.57 1.37
C THR H 201 26.04 18.86 0.32
N PHE H 202 25.23 19.63 -0.39
CA PHE H 202 24.48 19.16 -1.55
C PHE H 202 24.84 20.06 -2.71
N PRO H 203 25.45 19.49 -3.78
CA PRO H 203 25.82 20.35 -4.90
C PRO H 203 24.61 20.83 -5.68
N GLN H 204 24.76 21.92 -6.44
CA GLN H 204 23.70 22.38 -7.32
C GLN H 204 23.50 21.39 -8.47
N GLY H 205 22.26 21.03 -8.72
CA GLY H 205 21.95 20.15 -9.85
C GLY H 205 20.67 19.35 -9.70
N VAL H 206 20.66 18.20 -10.36
CA VAL H 206 19.44 17.43 -10.56
C VAL H 206 19.47 16.05 -9.90
N THR H 207 20.62 15.63 -9.38
CA THR H 207 20.81 14.22 -9.03
C THR H 207 20.18 13.87 -7.67
N SER H 208 19.94 12.57 -7.46
CA SER H 208 19.44 12.06 -6.18
C SER H 208 20.52 12.19 -5.13
N GLU H 209 20.41 13.21 -4.29
CA GLU H 209 21.37 13.44 -3.23
C GLU H 209 20.77 12.97 -1.92
N VAL H 210 21.49 12.03 -1.30
CA VAL H 210 21.08 11.39 -0.07
C VAL H 210 22.29 11.40 0.84
N ARG H 211 22.06 11.72 2.10
CA ARG H 211 23.12 11.79 3.08
C ARG H 211 22.66 11.08 4.32
N ARG H 212 23.45 10.10 4.74
CA ARG H 212 23.19 9.33 5.93
C ARG H 212 24.07 9.84 7.04
N MET H 213 23.48 10.04 8.21
CA MET H 213 24.23 10.27 9.43
C MET H 213 23.80 9.21 10.43
N PRO H 214 24.75 8.41 10.91
CA PRO H 214 24.38 7.30 11.78
C PRO H 214 24.03 7.79 13.18
N LEU H 215 23.07 7.13 13.82
CA LEU H 215 22.69 7.41 15.20
C LEU H 215 23.47 6.58 16.22
N SER H 216 24.32 5.67 15.76
CA SER H 216 25.40 5.14 16.61
C SER H 216 26.46 6.21 16.74
N ILE H 217 26.17 7.17 17.61
CA ILE H 217 26.92 8.40 17.71
C ILE H 217 28.21 8.26 18.47
N GLY H 218 28.22 7.39 19.47
CA GLY H 218 29.37 7.20 20.35
C GLY H 218 30.68 6.85 19.65
N GLY H 219 31.78 7.02 20.39
CA GLY H 219 33.13 6.76 19.89
C GLY H 219 33.64 7.81 18.91
N GLY H 220 33.22 9.06 19.10
CA GLY H 220 33.80 10.20 18.38
C GLY H 220 33.52 10.32 16.90
N ALA H 221 34.22 11.28 16.30
CA ALA H 221 34.20 11.53 14.86
C ALA H 221 35.62 11.32 14.29
N GLY H 222 35.72 11.06 12.99
CA GLY H 222 36.99 10.67 12.34
C GLY H 222 38.01 11.78 12.05
N ALA H 223 39.22 11.35 11.72
CA ALA H 223 40.33 12.24 11.32
C ALA H 223 41.26 11.46 10.36
N THR H 224 42.53 11.22 10.69
CA THR H 224 43.46 10.51 9.78
C THR H 224 43.53 9.02 10.18
N GLN H 225 44.40 8.69 11.13
CA GLN H 225 44.41 7.39 11.81
C GLN H 225 44.10 7.72 13.26
N ALA H 226 43.01 8.47 13.42
CA ALA H 226 42.70 9.18 14.65
C ALA H 226 41.23 9.49 14.75
N PHE H 227 40.82 9.92 15.93
CA PHE H 227 39.45 10.37 16.11
C PHE H 227 39.38 11.45 17.16
N LEU H 228 38.32 12.24 17.07
CA LEU H 228 38.10 13.42 17.90
C LEU H 228 37.08 13.08 18.95
N ALA H 229 37.07 13.86 20.03
CA ALA H 229 36.15 13.59 21.12
C ALA H 229 35.65 14.84 21.88
N ASN H 230 34.33 14.91 22.02
CA ASN H 230 33.70 15.76 23.01
C ASN H 230 33.65 14.97 24.27
N MET H 231 33.27 15.64 25.34
CA MET H 231 33.00 14.94 26.57
C MET H 231 31.63 14.28 26.46
N PRO H 232 30.57 15.03 26.09
CA PRO H 232 29.25 14.41 26.12
C PRO H 232 29.10 13.23 25.19
N ASN H 233 29.76 13.27 24.05
CA ASN H 233 29.77 12.12 23.17
C ASN H 233 30.56 10.93 23.74
N SER H 234 31.63 11.21 24.49
CA SER H 234 32.36 10.15 25.19
C SER H 234 31.56 9.61 26.34
N TRP H 235 30.72 10.47 26.93
CA TRP H 235 29.89 10.08 28.05
C TRP H 235 28.78 9.15 27.65
N ILE H 236 28.14 9.40 26.51
CA ILE H 236 27.06 8.55 26.10
C ILE H 236 27.58 7.18 25.71
N SER H 237 28.82 7.10 25.22
CA SER H 237 29.41 5.81 24.93
C SER H 237 29.81 4.98 26.16
N MET H 238 29.66 5.52 27.37
CA MET H 238 29.71 4.68 28.56
C MET H 238 28.74 3.51 28.52
N TRP H 239 27.55 3.75 28.00
CA TRP H 239 26.53 2.71 27.87
C TRP H 239 26.63 1.97 26.53
N ARG H 240 26.12 0.75 26.52
CA ARG H 240 26.23 -0.08 25.35
C ARG H 240 25.17 0.25 24.32
N TYR H 241 23.92 0.19 24.77
CA TYR H 241 22.76 0.45 23.92
C TYR H 241 22.07 1.64 24.50
N PHE H 242 21.31 2.38 23.70
CA PHE H 242 20.49 3.48 24.23
C PHE H 242 19.34 3.84 23.35
N ARG H 243 18.43 4.66 23.87
CA ARG H 243 17.29 5.16 23.10
C ARG H 243 16.75 6.45 23.67
N GLY H 244 15.85 7.09 22.94
CA GLY H 244 15.15 8.28 23.43
C GLY H 244 14.59 9.14 22.32
N GLU H 245 13.82 10.16 22.67
CA GLU H 245 13.42 11.19 21.71
C GLU H 245 14.63 12.01 21.36
N LEU H 246 14.99 12.01 20.08
CA LEU H 246 16.15 12.74 19.62
C LEU H 246 15.74 14.11 19.13
N HIS H 247 16.41 15.16 19.61
CA HIS H 247 16.09 16.53 19.25
C HIS H 247 17.19 17.14 18.42
N PHE H 248 17.07 17.02 17.11
CA PHE H 248 18.04 17.65 16.22
C PHE H 248 17.72 19.11 16.02
N GLU H 249 18.70 19.84 15.54
CA GLU H 249 18.58 21.27 15.25
C GLU H 249 19.31 21.48 13.94
N VAL H 250 18.57 21.46 12.86
CA VAL H 250 19.16 21.65 11.55
C VAL H 250 19.23 23.14 11.20
N THR H 251 20.39 23.57 10.72
CA THR H 251 20.68 24.97 10.43
C THR H 251 21.17 25.20 8.99
N LYS H 252 20.68 26.26 8.36
CA LYS H 252 21.18 26.74 7.07
C LYS H 252 22.53 27.39 7.22
N MET H 253 23.44 27.07 6.33
CA MET H 253 24.79 27.65 6.33
C MET H 253 25.16 28.40 5.08
N SER H 254 24.45 28.13 4.01
CA SER H 254 24.61 28.86 2.76
C SER H 254 23.78 30.13 2.84
N SER H 255 23.76 30.88 1.74
CA SER H 255 22.91 32.05 1.65
C SER H 255 21.49 31.63 1.38
N PRO H 256 20.55 32.53 1.66
CA PRO H 256 19.18 32.45 1.21
C PRO H 256 18.97 32.22 -0.28
N TYR H 257 19.91 32.62 -1.12
CA TYR H 257 19.73 32.43 -2.55
C TYR H 257 19.83 31.01 -3.03
N ILE H 258 20.60 30.19 -2.33
CA ILE H 258 20.67 28.79 -2.66
C ILE H 258 19.53 28.14 -1.91
N LYS H 259 18.60 27.61 -2.69
CA LYS H 259 17.35 27.13 -2.20
C LYS H 259 17.28 25.64 -2.41
N ALA H 260 16.73 24.96 -1.42
CA ALA H 260 16.52 23.54 -1.47
C ALA H 260 15.57 23.09 -0.37
N THR H 261 14.88 22.00 -0.65
CA THR H 261 13.87 21.43 0.22
C THR H 261 14.42 20.07 0.66
N VAL H 262 14.41 19.81 1.96
CA VAL H 262 15.09 18.63 2.53
C VAL H 262 14.16 17.78 3.38
N THR H 263 14.00 16.50 3.03
CA THR H 263 13.27 15.55 3.87
C THR H 263 14.24 14.89 4.81
N PHE H 264 13.82 14.76 6.06
CA PHE H 264 14.57 14.06 7.07
C PHE H 264 13.78 12.87 7.51
N LEU H 265 14.44 11.74 7.71
CA LEU H 265 13.76 10.56 8.20
C LEU H 265 14.69 9.60 8.83
N ILE H 266 14.15 8.81 9.75
CA ILE H 266 14.89 7.72 10.32
C ILE H 266 14.67 6.52 9.43
N ALA H 267 15.73 5.75 9.21
CA ALA H 267 15.68 4.53 8.41
C ALA H 267 17.02 3.83 8.50
N PHE H 268 17.10 2.63 7.94
CA PHE H 268 18.28 1.78 8.11
C PHE H 268 19.18 1.84 6.89
N GLY H 269 20.43 1.44 7.07
CA GLY H 269 21.48 1.67 6.06
C GLY H 269 21.32 1.02 4.70
N ASN H 270 20.67 -0.15 4.65
CA ASN H 270 20.47 -0.93 3.42
C ASN H 270 19.85 -0.17 2.23
N LEU H 271 18.98 0.81 2.52
CA LEU H 271 18.33 1.63 1.48
C LEU H 271 19.36 2.34 0.61
N SER H 272 19.34 2.07 -0.69
CA SER H 272 20.32 2.65 -1.62
C SER H 272 19.95 4.08 -2.00
N ASP H 273 20.89 4.78 -2.64
CA ASP H 273 20.56 6.01 -3.37
C ASP H 273 19.95 5.53 -4.69
N ALA H 274 19.13 6.37 -5.30
CA ALA H 274 18.27 5.94 -6.43
C ALA H 274 17.28 4.82 -6.01
N PHE H 275 16.76 4.96 -4.79
CA PHE H 275 15.58 4.23 -4.32
C PHE H 275 14.57 5.36 -4.15
N GLY H 276 13.54 5.38 -4.99
CA GLY H 276 12.72 6.56 -5.14
C GLY H 276 11.51 6.70 -4.23
N PHE H 277 11.46 5.98 -3.11
CA PHE H 277 10.23 5.94 -2.30
C PHE H 277 10.54 6.18 -0.84
N TYR H 278 11.31 7.23 -0.59
CA TYR H 278 11.68 7.61 0.76
C TYR H 278 10.51 8.21 1.54
N GLU H 279 9.53 8.75 0.84
CA GLU H 279 8.37 9.36 1.45
C GLU H 279 7.26 8.33 1.77
N SER H 280 7.57 7.05 1.62
CA SER H 280 6.79 5.99 2.25
C SER H 280 7.04 5.99 3.75
N PHE H 281 8.29 6.22 4.15
CA PHE H 281 8.64 6.35 5.56
C PHE H 281 8.03 7.60 6.13
N PRO H 282 7.83 7.64 7.44
CA PRO H 282 7.45 8.90 8.05
C PRO H 282 8.62 9.85 8.00
N HIS H 283 8.34 11.11 7.67
CA HIS H 283 9.38 12.08 7.42
C HIS H 283 8.91 13.48 7.72
N ARG H 284 9.85 14.40 7.62
CA ARG H 284 9.63 15.76 7.98
C ARG H 284 10.25 16.57 6.87
N ILE H 285 9.49 17.50 6.30
CA ILE H 285 9.99 18.35 5.24
C ILE H 285 10.52 19.64 5.86
N VAL H 286 11.60 20.15 5.30
CA VAL H 286 12.24 21.35 5.79
C VAL H 286 12.55 22.29 4.63
N GLN H 287 11.66 23.25 4.43
CA GLN H 287 11.93 24.40 3.58
C GLN H 287 12.32 25.54 4.50
N PHE H 288 13.30 26.31 4.06
CA PHE H 288 13.68 27.50 4.79
C PHE H 288 13.20 28.72 4.03
N ALA H 289 12.67 29.70 4.77
CA ALA H 289 12.39 31.03 4.22
C ALA H 289 13.71 31.81 4.03
N GLU H 290 13.62 33.07 3.60
CA GLU H 290 14.79 33.95 3.55
C GLU H 290 15.33 34.24 4.95
N VAL H 291 14.41 34.55 5.86
CA VAL H 291 14.77 35.00 7.21
C VAL H 291 15.02 33.84 8.19
N GLU H 292 14.27 32.74 8.07
CA GLU H 292 14.47 31.58 8.95
C GLU H 292 15.76 30.84 8.59
N GLU H 293 16.43 30.37 9.63
CA GLU H 293 17.75 29.80 9.53
C GLU H 293 17.93 28.51 10.36
N LYS H 294 16.92 28.15 11.14
CA LYS H 294 17.06 27.19 12.23
C LYS H 294 15.75 26.47 12.37
N CYS H 295 15.80 25.16 12.50
CA CYS H 295 14.59 24.37 12.57
C CYS H 295 14.83 23.09 13.35
N THR H 296 13.91 22.73 14.25
CA THR H 296 14.12 21.59 15.14
C THR H 296 13.26 20.37 14.80
N LEU H 297 13.93 19.37 14.28
CA LEU H 297 13.34 18.08 14.06
C LEU H 297 13.33 17.39 15.40
N VAL H 298 12.19 16.77 15.73
CA VAL H 298 12.11 15.82 16.83
C VAL H 298 11.61 14.48 16.29
N PHE H 299 12.22 13.40 16.79
CA PHE H 299 11.86 12.05 16.43
C PHE H 299 11.46 11.29 17.68
N SER H 300 10.17 11.03 17.80
CA SER H 300 9.58 10.43 19.01
C SER H 300 10.02 8.99 19.24
N GLN H 301 9.53 8.39 20.33
CA GLN H 301 9.80 7.00 20.63
C GLN H 301 9.18 6.01 19.65
N GLN H 302 8.18 6.43 18.87
CA GLN H 302 7.52 5.54 17.91
C GLN H 302 8.36 5.33 16.66
N GLU H 303 9.41 6.12 16.48
CA GLU H 303 10.33 5.91 15.36
C GLU H 303 11.34 4.79 15.61
N PHE H 304 11.49 4.34 16.85
CA PHE H 304 12.46 3.32 17.19
C PHE H 304 11.81 2.18 17.92
N VAL H 305 12.12 0.96 17.50
CA VAL H 305 11.47 -0.20 18.09
C VAL H 305 12.14 -0.51 19.40
N THR H 306 13.46 -0.70 19.31
CA THR H 306 14.31 -1.06 20.43
C THR H 306 15.38 -0.01 20.56
N ALA H 307 16.20 -0.15 21.59
CA ALA H 307 17.41 0.62 21.67
C ALA H 307 18.38 0.12 20.62
N TRP H 308 19.38 0.93 20.31
CA TRP H 308 20.42 0.57 19.37
C TRP H 308 21.76 0.89 19.99
N SER H 309 22.80 0.38 19.38
CA SER H 309 24.14 0.46 19.95
C SER H 309 24.73 1.83 19.85
N THR H 310 25.49 2.26 20.86
CA THR H 310 26.16 3.56 20.82
C THR H 310 27.35 3.60 19.88
N GLN H 311 28.08 2.50 19.81
CA GLN H 311 29.21 2.41 18.90
C GLN H 311 28.95 1.22 18.03
N VAL H 312 29.49 1.25 16.83
CA VAL H 312 29.54 0.08 15.97
C VAL H 312 30.96 -0.06 15.48
N ASN H 313 31.33 -1.30 15.14
CA ASN H 313 32.60 -1.57 14.51
C ASN H 313 32.76 -0.71 13.25
N PRO H 314 33.95 -0.12 13.03
CA PRO H 314 34.17 0.67 11.82
C PRO H 314 34.00 -0.06 10.49
N ARG H 315 34.37 -1.34 10.43
CA ARG H 315 34.36 -2.08 9.17
C ARG H 315 33.00 -2.65 8.77
N THR H 316 31.97 -2.51 9.60
CA THR H 316 30.61 -2.88 9.16
C THR H 316 30.15 -1.99 8.01
N THR H 317 29.72 -2.60 6.92
CA THR H 317 29.19 -1.90 5.76
C THR H 317 27.77 -1.42 6.03
N LEU H 318 27.25 -0.56 5.16
CA LEU H 318 25.84 -0.13 5.25
C LEU H 318 24.86 -1.30 5.07
N GLU H 319 25.25 -2.32 4.31
CA GLU H 319 24.40 -3.49 4.06
C GLU H 319 24.06 -4.28 5.32
N ALA H 320 25.06 -4.49 6.18
CA ALA H 320 24.86 -5.20 7.48
C ALA H 320 25.20 -4.28 8.65
N ASP H 321 24.27 -3.37 8.92
CA ASP H 321 24.36 -2.43 10.03
C ASP H 321 22.94 -2.15 10.47
N GLY H 322 22.58 -2.77 11.58
CA GLY H 322 21.23 -2.76 12.07
C GLY H 322 20.86 -1.64 13.01
N CYS H 323 21.72 -0.63 13.16
CA CYS H 323 21.34 0.58 13.88
C CYS H 323 20.68 1.57 12.89
N PRO H 324 19.81 2.46 13.39
CA PRO H 324 19.17 3.43 12.51
C PRO H 324 20.09 4.57 12.11
N TYR H 325 19.82 5.10 10.93
CA TYR H 325 20.44 6.30 10.42
C TYR H 325 19.41 7.43 10.39
N LEU H 326 19.91 8.64 10.26
CA LEU H 326 19.10 9.79 9.96
C LEU H 326 19.42 10.15 8.53
N TYR H 327 18.47 9.94 7.64
CA TYR H 327 18.63 10.32 6.25
C TYR H 327 18.28 11.78 6.07
N ALA H 328 18.98 12.44 5.15
CA ALA H 328 18.66 13.78 4.70
C ALA H 328 18.69 13.75 3.19
N ILE H 329 17.52 13.91 2.60
CA ILE H 329 17.31 13.69 1.18
C ILE H 329 16.77 14.95 0.57
N ILE H 330 17.29 15.29 -0.59
CA ILE H 330 16.85 16.46 -1.30
C ILE H 330 15.49 16.10 -1.92
N HIS H 331 14.45 16.87 -1.59
CA HIS H 331 13.09 16.55 -2.01
C HIS H 331 12.88 16.92 -3.46
N ASP H 332 13.48 18.03 -3.90
CA ASP H 332 13.44 18.44 -5.31
C ASP H 332 14.81 18.47 -5.96
N SER H 333 15.58 19.51 -5.65
CA SER H 333 16.81 19.83 -6.36
C SER H 333 17.40 21.09 -5.74
N THR H 334 18.71 21.18 -5.76
CA THR H 334 19.39 22.35 -5.24
C THR H 334 19.51 23.35 -6.36
N THR H 335 19.07 24.58 -6.08
CA THR H 335 18.92 25.63 -7.08
C THR H 335 19.48 26.94 -6.58
N GLY H 336 19.63 27.87 -7.51
CA GLY H 336 19.98 29.24 -7.17
C GLY H 336 20.48 29.94 -8.41
N THR H 337 20.39 31.26 -8.39
CA THR H 337 20.94 32.09 -9.46
C THR H 337 22.46 32.23 -9.37
N ILE H 338 22.98 32.15 -8.15
CA ILE H 338 24.42 32.23 -7.88
C ILE H 338 24.96 30.85 -7.59
N SER H 339 26.21 30.60 -7.97
CA SER H 339 26.82 29.28 -7.73
C SER H 339 27.23 29.17 -6.27
N GLY H 340 27.28 27.95 -5.78
CA GLY H 340 27.53 27.64 -4.36
C GLY H 340 26.68 26.46 -3.93
N ASP H 341 27.21 25.65 -3.01
CA ASP H 341 26.50 24.48 -2.54
C ASP H 341 25.49 24.84 -1.48
N PHE H 342 24.51 23.96 -1.29
CA PHE H 342 23.50 24.13 -0.25
C PHE H 342 23.99 23.43 0.97
N ASN H 343 24.68 24.17 1.81
CA ASN H 343 25.15 23.60 3.06
C ASN H 343 24.10 23.68 4.14
N LEU H 344 24.19 22.69 5.03
CA LEU H 344 23.17 22.44 6.01
C LEU H 344 23.79 21.68 7.16
N GLY H 345 23.62 22.19 8.37
CA GLY H 345 24.31 21.66 9.55
C GLY H 345 23.38 21.04 10.55
N VAL H 346 23.58 19.77 10.83
CA VAL H 346 22.70 19.07 11.74
C VAL H 346 23.46 18.88 13.04
N LYS H 347 22.74 19.09 14.14
CA LYS H 347 23.32 19.07 15.46
C LYS H 347 22.33 18.41 16.39
N LEU H 348 22.66 17.22 16.89
CA LEU H 348 21.87 16.54 17.90
C LEU H 348 21.98 17.32 19.19
N VAL H 349 20.91 17.98 19.58
CA VAL H 349 20.95 18.86 20.73
C VAL H 349 20.95 18.03 21.97
N GLY H 350 20.03 17.10 22.04
CA GLY H 350 19.90 16.28 23.21
C GLY H 350 18.88 15.20 23.06
N ILE H 351 18.94 14.25 23.97
CA ILE H 351 18.06 13.11 23.97
C ILE H 351 17.14 13.28 25.16
N LYS H 352 15.84 13.27 24.89
CA LYS H 352 14.83 13.37 25.93
C LYS H 352 14.38 11.97 26.22
N ASP H 353 14.02 11.76 27.49
CA ASP H 353 13.63 10.43 27.98
C ASP H 353 14.70 9.38 27.62
N PHE H 354 15.94 9.75 27.89
CA PHE H 354 17.08 8.92 27.59
C PHE H 354 17.05 7.67 28.43
N CYS H 355 17.36 6.56 27.81
CA CYS H 355 17.43 5.29 28.50
C CYS H 355 18.69 4.59 28.01
N GLY H 356 19.65 4.42 28.91
CA GLY H 356 20.95 3.84 28.59
C GLY H 356 21.05 2.47 29.18
N ILE H 357 21.36 1.48 28.35
CA ILE H 357 21.39 0.10 28.76
C ILE H 357 22.81 -0.43 28.74
N GLY H 358 23.16 -1.16 29.78
CA GLY H 358 24.36 -1.96 29.78
C GLY H 358 25.62 -1.19 30.13
N SER H 359 26.73 -1.67 29.59
CA SER H 359 28.04 -1.18 29.95
C SER H 359 29.05 -1.46 28.83
N ASN H 360 29.38 -0.42 28.08
CA ASN H 360 30.19 -0.58 26.88
C ASN H 360 31.63 -0.90 27.25
N PRO H 361 32.16 -2.04 26.79
CA PRO H 361 33.59 -2.31 26.89
C PRO H 361 34.40 -1.36 26.05
N GLY H 362 33.82 -0.99 24.90
CA GLY H 362 34.38 0.00 23.99
C GLY H 362 34.76 -0.61 22.66
N ILE H 363 34.97 0.25 21.66
CA ILE H 363 35.30 -0.22 20.31
C ILE H 363 36.56 0.31 19.65
N ASP H 364 36.85 1.60 19.71
CA ASP H 364 38.10 2.17 19.13
C ASP H 364 38.02 2.32 17.61
N GLY H 365 37.54 3.48 17.26
CA GLY H 365 37.32 3.89 15.88
C GLY H 365 36.24 4.94 15.94
N SER H 366 35.69 5.33 14.79
CA SER H 366 34.55 6.25 14.75
C SER H 366 33.46 5.77 13.78
N ARG H 367 33.60 6.02 12.49
CA ARG H 367 32.44 5.88 11.58
C ARG H 367 32.10 4.50 11.02
N LEU H 368 30.84 4.35 10.54
CA LEU H 368 30.13 3.03 10.40
C LEU H 368 29.66 2.64 8.98
N GLU I 1 5.22 -7.24 -4.13
CA GLU I 1 6.02 -7.03 -5.32
C GLU I 1 5.98 -5.59 -5.90
N ASN I 2 7.04 -4.82 -5.65
CA ASN I 2 7.08 -3.43 -6.10
C ASN I 2 7.15 -3.39 -7.63
N SER I 3 6.09 -2.89 -8.26
CA SER I 3 5.98 -2.93 -9.71
C SER I 3 7.11 -2.17 -10.43
N LEU I 4 7.62 -1.09 -9.82
CA LEU I 4 8.77 -0.37 -10.38
C LEU I 4 10.05 -1.22 -10.46
N GLU I 5 10.29 -2.03 -9.44
CA GLU I 5 11.48 -2.86 -9.42
C GLU I 5 11.36 -3.93 -10.50
N ILE I 6 10.16 -4.49 -10.62
CA ILE I 6 9.86 -5.54 -11.55
C ILE I 6 9.93 -5.09 -13.01
N GLU I 7 9.53 -3.85 -13.26
CA GLU I 7 9.65 -3.25 -14.58
C GLU I 7 11.14 -3.18 -14.96
N GLU I 8 11.97 -2.65 -14.08
CA GLU I 8 13.40 -2.64 -14.34
C GLU I 8 14.03 -4.03 -14.55
N LEU I 9 13.61 -5.01 -13.75
CA LEU I 9 14.08 -6.38 -13.92
C LEU I 9 13.62 -7.04 -15.22
N ALA I 10 12.38 -6.75 -15.63
CA ALA I 10 11.87 -7.24 -16.91
C ALA I 10 12.65 -6.69 -18.11
N ARG I 11 12.98 -5.39 -18.07
CA ARG I 11 13.80 -4.75 -19.11
C ARG I 11 15.19 -5.36 -19.10
N PHE I 12 15.75 -5.58 -17.92
CA PHE I 12 17.05 -6.23 -17.79
C PHE I 12 17.01 -7.64 -18.41
N ALA I 13 15.90 -8.35 -18.25
CA ALA I 13 15.76 -9.69 -18.84
C ALA I 13 15.86 -9.64 -20.37
N VAL I 14 15.06 -8.77 -20.98
CA VAL I 14 15.05 -8.63 -22.43
C VAL I 14 16.41 -8.15 -22.96
N ASP I 15 17.02 -7.18 -22.27
CA ASP I 15 18.37 -6.71 -22.61
C ASP I 15 19.43 -7.81 -22.48
N GLU I 16 19.37 -8.61 -21.41
CA GLU I 16 20.35 -9.69 -21.23
C GLU I 16 20.14 -10.81 -22.23
N HIS I 17 18.88 -11.13 -22.50
CA HIS I 17 18.57 -12.12 -23.52
C HIS I 17 19.11 -11.67 -24.89
N ASN I 18 18.95 -10.38 -25.21
CA ASN I 18 19.46 -9.83 -26.46
C ASN I 18 20.99 -9.90 -26.56
N LYS I 19 21.67 -9.50 -25.48
CA LYS I 19 23.12 -9.64 -25.39
C LYS I 19 23.53 -11.09 -25.57
N LYS I 20 23.01 -11.96 -24.70
CA LYS I 20 23.39 -13.37 -24.69
C LYS I 20 23.15 -14.14 -26.01
N GLU I 21 22.03 -13.88 -26.67
CA GLU I 21 21.63 -14.67 -27.81
C GLU I 21 21.63 -13.89 -29.13
N ASN I 22 22.23 -12.70 -29.12
CA ASN I 22 22.34 -11.87 -30.31
C ASN I 22 20.97 -11.61 -30.95
N ALA I 23 19.97 -11.25 -30.12
CA ALA I 23 18.61 -10.95 -30.57
C ALA I 23 18.25 -9.47 -30.41
N LEU I 24 17.08 -9.09 -30.91
CA LEU I 24 16.61 -7.71 -30.81
C LEU I 24 15.15 -7.65 -30.39
N LEU I 25 14.79 -8.37 -29.34
CA LEU I 25 13.44 -8.28 -28.78
C LEU I 25 13.21 -6.88 -28.21
N GLU I 26 12.03 -6.33 -28.50
CA GLU I 26 11.66 -5.01 -28.03
C GLU I 26 10.75 -5.15 -26.81
N PHE I 27 11.20 -4.69 -25.65
CA PHE I 27 10.39 -4.82 -24.42
C PHE I 27 9.10 -4.00 -24.50
N VAL I 28 7.98 -4.63 -24.17
CA VAL I 28 6.69 -3.92 -24.09
C VAL I 28 6.23 -3.68 -22.64
N ARG I 29 5.96 -4.75 -21.88
CA ARG I 29 5.62 -4.63 -20.47
C ARG I 29 5.76 -5.95 -19.70
N VAL I 30 5.68 -5.86 -18.36
CA VAL I 30 5.52 -7.03 -17.50
C VAL I 30 4.04 -7.38 -17.40
N VAL I 31 3.75 -8.68 -17.36
CA VAL I 31 2.38 -9.17 -17.17
C VAL I 31 2.22 -9.77 -15.77
N LYS I 32 3.26 -10.46 -15.33
CA LYS I 32 3.19 -11.30 -14.15
C LYS I 32 4.57 -11.32 -13.52
N ALA I 33 4.61 -11.33 -12.19
CA ALA I 33 5.89 -11.45 -11.51
C ALA I 33 5.72 -12.15 -10.19
N LYS I 34 6.57 -13.14 -9.94
CA LYS I 34 6.61 -13.81 -8.64
C LYS I 34 7.99 -13.63 -8.03
N GLU I 35 8.04 -13.15 -6.79
CA GLU I 35 9.28 -13.08 -6.03
C GLU I 35 9.31 -14.28 -5.10
N GLN I 36 10.45 -14.94 -5.03
CA GLN I 36 10.63 -16.06 -4.13
C GLN I 36 11.95 -15.85 -3.37
N VAL I 37 11.85 -15.55 -2.08
CA VAL I 37 13.02 -15.44 -1.21
C VAL I 37 13.86 -16.72 -1.25
N VAL I 38 15.15 -16.54 -1.54
CA VAL I 38 16.10 -17.65 -1.64
C VAL I 38 17.43 -17.19 -1.01
N ALA I 39 18.55 -17.45 -1.67
CA ALA I 39 19.80 -16.78 -1.30
C ALA I 39 19.89 -15.47 -2.08
N GLY I 40 19.14 -14.47 -1.62
CA GLY I 40 18.83 -13.31 -2.42
C GLY I 40 17.39 -13.50 -2.82
N THR I 41 16.99 -12.88 -3.92
CA THR I 41 15.62 -13.00 -4.40
C THR I 41 15.61 -13.58 -5.80
N MET I 42 14.67 -14.49 -6.06
CA MET I 42 14.49 -15.04 -7.39
C MET I 42 13.17 -14.51 -7.91
N TYR I 43 13.17 -14.09 -9.17
CA TYR I 43 11.99 -13.51 -9.80
C TYR I 43 11.55 -14.36 -10.99
N TYR I 44 10.27 -14.71 -11.04
CA TYR I 44 9.72 -15.36 -12.22
C TYR I 44 8.81 -14.37 -12.92
N LEU I 45 9.21 -13.97 -14.12
CA LEU I 45 8.52 -12.89 -14.80
C LEU I 45 7.81 -13.45 -16.02
N THR I 46 6.67 -12.88 -16.32
CA THR I 46 5.98 -13.14 -17.57
C THR I 46 5.91 -11.75 -18.20
N LEU I 47 6.32 -11.62 -19.45
CA LEU I 47 6.40 -10.29 -20.07
C LEU I 47 6.07 -10.30 -21.56
N GLU I 48 5.67 -9.16 -22.08
CA GLU I 48 5.45 -8.99 -23.51
C GLU I 48 6.67 -8.31 -24.10
N ALA I 49 7.10 -8.86 -25.24
CA ALA I 49 8.19 -8.31 -26.03
C ALA I 49 7.86 -8.50 -27.50
N LYS I 50 8.25 -7.56 -28.35
CA LYS I 50 8.02 -7.68 -29.78
C LYS I 50 9.21 -8.38 -30.45
N ASP I 51 8.92 -9.41 -31.22
CA ASP I 51 9.96 -10.13 -31.96
C ASP I 51 10.29 -9.32 -33.21
N GLY I 52 9.59 -9.62 -34.29
CA GLY I 52 9.75 -8.85 -35.52
C GLY I 52 8.60 -7.88 -35.59
N GLY I 53 8.50 -7.03 -34.57
CA GLY I 53 7.37 -6.13 -34.44
C GLY I 53 6.07 -6.86 -34.10
N LYS I 54 6.21 -8.07 -33.57
CA LYS I 54 5.08 -8.92 -33.23
C LYS I 54 5.07 -9.25 -31.73
N LYS I 55 4.03 -8.80 -31.03
CA LYS I 55 3.96 -8.98 -29.58
C LYS I 55 3.91 -10.47 -29.21
N LYS I 56 4.77 -10.87 -28.28
CA LYS I 56 4.83 -12.27 -27.86
C LYS I 56 5.04 -12.29 -26.36
N LEU I 57 4.68 -13.39 -25.71
CA LEU I 57 4.91 -13.53 -24.27
C LEU I 57 6.16 -14.35 -23.97
N TYR I 58 6.88 -13.98 -22.92
CA TYR I 58 8.08 -14.71 -22.52
C TYR I 58 8.10 -14.96 -21.02
N GLU I 59 8.74 -16.05 -20.60
CA GLU I 59 9.02 -16.25 -19.20
C GLU I 59 10.50 -16.04 -18.95
N ALA I 60 10.83 -15.39 -17.85
CA ALA I 60 12.20 -15.09 -17.54
C ALA I 60 12.39 -15.47 -16.08
N LYS I 61 13.58 -15.92 -15.73
CA LYS I 61 13.91 -16.17 -14.34
C LYS I 61 15.12 -15.30 -14.05
N VAL I 62 15.02 -14.48 -13.01
CA VAL I 62 16.06 -13.49 -12.73
C VAL I 62 16.51 -13.61 -11.27
N TRP I 63 17.81 -13.76 -11.09
CA TRP I 63 18.38 -13.87 -9.75
C TRP I 63 19.06 -12.55 -9.35
N VAL I 64 18.64 -12.02 -8.22
CA VAL I 64 19.20 -10.80 -7.68
C VAL I 64 19.83 -10.99 -6.30
N LYS I 65 21.06 -10.52 -6.12
CA LYS I 65 21.64 -10.34 -4.80
C LYS I 65 21.63 -8.86 -4.47
N PRO I 66 20.69 -8.41 -3.61
CA PRO I 66 20.50 -6.99 -3.31
C PRO I 66 21.69 -6.33 -2.58
N TRP I 67 22.62 -7.12 -2.04
CA TRP I 67 23.76 -6.59 -1.31
C TRP I 67 24.97 -6.29 -2.21
N GLU I 68 24.90 -6.75 -3.46
CA GLU I 68 25.91 -6.51 -4.50
C GLU I 68 25.18 -5.94 -5.70
N ASN I 69 25.87 -5.36 -6.68
CA ASN I 69 25.17 -5.19 -7.96
C ASN I 69 25.29 -6.46 -8.80
N PHE I 70 24.58 -7.47 -8.33
CA PHE I 70 24.48 -8.75 -8.98
C PHE I 70 23.03 -8.95 -9.43
N LYS I 71 22.85 -9.03 -10.76
CA LYS I 71 21.59 -9.42 -11.38
C LYS I 71 21.97 -10.45 -12.44
N GLU I 72 21.28 -11.58 -12.48
CA GLU I 72 21.64 -12.65 -13.41
C GLU I 72 20.40 -13.22 -14.08
N LEU I 73 20.37 -13.20 -15.41
CA LEU I 73 19.29 -13.85 -16.13
C LEU I 73 19.56 -15.36 -16.16
N GLN I 74 18.70 -16.13 -15.51
CA GLN I 74 18.93 -17.56 -15.36
C GLN I 74 18.30 -18.30 -16.52
N GLU I 75 17.11 -17.87 -16.93
CA GLU I 75 16.51 -18.44 -18.12
C GLU I 75 15.51 -17.48 -18.78
N PHE I 76 15.34 -17.62 -20.09
CA PHE I 76 14.45 -16.77 -20.85
C PHE I 76 13.81 -17.60 -21.96
N LYS I 77 12.48 -17.66 -22.00
CA LYS I 77 11.84 -18.45 -23.06
C LYS I 77 10.42 -17.98 -23.37
N PRO I 78 9.91 -18.24 -24.59
CA PRO I 78 8.50 -17.99 -24.93
C PRO I 78 7.62 -18.87 -24.05
N VAL I 79 6.39 -18.48 -23.77
CA VAL I 79 5.53 -19.36 -22.96
C VAL I 79 4.81 -20.43 -23.81
#